data_8T1P
#
_entry.id   8T1P
#
_cell.length_a   1.00
_cell.length_b   1.00
_cell.length_c   1.00
_cell.angle_alpha   90.00
_cell.angle_beta   90.00
_cell.angle_gamma   90.00
#
_symmetry.space_group_name_H-M   'P 1'
#
loop_
_entity.id
_entity.type
_entity.pdbx_description
1 polymer 'Probable multidrug resistance ABC transporter ATP-binding/permease protein YheI'
2 polymer 'Probable multidrug resistance ABC transporter ATP-binding/permease protein YheH'
3 non-polymer "ADENOSINE-5'-TRIPHOSPHATE"
4 non-polymer 'MAGNESIUM ION'
5 non-polymer '(2S)-3-(hexadecanoyloxy)-2-[(9Z)-octadec-9-enoyloxy]propyl 2-(trimethylammonio)ethyl phosphate'
6 non-polymer 'ADP ORTHOVANADATE'
#
loop_
_entity_poly.entity_id
_entity_poly.type
_entity_poly.pdbx_seq_one_letter_code
_entity_poly.pdbx_strand_id
1 'polypeptide(L)'
;MGSSHHHHHHSSGLVPRGSHMLEFSVLKKLGWFFKAYWLRYTIAIVLLLAVNVIEMFPPKLLGNAIDDMKAGAFTAEGLL
FYIGIFFVLTAAVYIMSYFWMHQLFGGANLMEKILRTKLMGHLLTMSPPFYEKNRTGDLMARGTNDLQAVSLTTGFGILT
LVDSTMFMMTIFLTMGFLISWKLTFAAIIPLPVMAIAISLYGSKIHERFTEAQNAFGALNDRVLESVSGVRVIRAYVQET
NDVRRFNEMTADVYQKNMKVAFIDSLFEPTVKLLVGASYLIGLGYGAFLVFRNELTLGELVSFNVYLGMMIWPMFAIGEL
INVMQRGNASLDRVNETLSYETDVTDPKQPADLKEPGDIVFSHVSFTYPSSTSDNLQDISFTVRKGQTVGIAGKTGSGKT
TIIKQLLRQYPPGEGSITFSGVPIQQIPLDRLRGWIGYVPQDHLLFSRTVKENILYGKQDATDKEVQQAIAEAHFEKDLH
MLPSGLETMVGEKGVALSGGQKQRISIARALMANPEILILDDSLSAVDAKTEAAIIKNIRENRKGKTTFILTHRLSAVEH
ADLILVMDGGVIAERGTHQELLANNGWYREQYERQQLFTAEEGGAGA
;
C
2 'polypeptide(L)'
;MKIGKTLWRYALLYRKLLITAVLLLTVAVGAELTGPFIGKKMIDDHILGIEKTWYEAAEKDKNAVQFHGVSYVREDRLQE
PVSKAKEAHIYQVGMAFYFVDQAVSFDGNRTVSDGKLTITNGDKSRAYAAEKLTKQELFQFYQPEIKGMVLLICLYGGLL
VFSVFFQYGQHYLLQMSANRIIQKMRQDVFSHIQKMPIRYFDNLPAGKVVARITNDTEAIRDLYVTVLSTFVTSGIYMFG
IFTALFLLDVKLAFVCLAIVPIIWLWSVIYRRYASYYNQKIRSINSDINAKMNESIQGMTIIQAFRHQKETMREFEELNE
SHFYFQNRMLNLNSLMSHNLVNVIRNLAFVCLIWHFGGASLNAAGIVSIGVLYAFVDYLNRLFQPITGIVNQFSKLELAR
VSAGRVFELLEEKNTEEAGEPAKERALGRVEFRDVSFAYQEGEEVLKHISFTAQKGETVALVGHTGSGKSSILNLLFRFY
DAQKGDVLIDGKSIYNMSRQELRSHMGIVLQDPYLFSGTIGSNVSLDDERMTEEEIKNALRQVGAEPLLKKLPKGINEPV
IEKGSTLSSGERQLISFARALAFDPAILILDEATAHIDTETEAVIQKALDVVKQGRTTFVIAHRLSTIRNADQILVLDKG
EIVERGNHEELMALEGQYYQMYELQKGQKHSIALEHHHHHH
;
D
#
loop_
_chem_comp.id
_chem_comp.type
_chem_comp.name
_chem_comp.formula
AOV non-polymer 'ADP ORTHOVANADATE' 'C10 H17 N5 O14 P2 V'
ATP non-polymer ADENOSINE-5'-TRIPHOSPHATE 'C10 H16 N5 O13 P3'
MG non-polymer 'MAGNESIUM ION' 'Mg 2'
POV non-polymer '(2S)-3-(hexadecanoyloxy)-2-[(9Z)-octadec-9-enoyloxy]propyl 2-(trimethylammonio)ethyl phosphate' 'C42 H82 N O8 P'
#
# COMPACT_ATOMS: atom_id res chain seq x y z
N SER A 25 -13.76 2.47 20.09
CA SER A 25 -12.28 2.27 20.12
C SER A 25 -11.60 3.06 19.01
N VAL A 26 -12.00 2.78 17.77
CA VAL A 26 -11.42 3.48 16.63
C VAL A 26 -11.72 4.97 16.71
N LEU A 27 -12.96 5.32 17.11
CA LEU A 27 -13.34 6.72 17.16
C LEU A 27 -12.55 7.48 18.22
N LYS A 28 -12.32 6.86 19.39
CA LYS A 28 -11.61 7.57 20.45
C LYS A 28 -10.18 7.91 20.02
N LYS A 29 -9.48 6.96 19.40
CA LYS A 29 -8.17 7.29 18.83
C LYS A 29 -8.29 8.41 17.83
N LEU A 30 -9.46 8.58 17.23
CA LEU A 30 -9.69 9.58 16.20
C LEU A 30 -10.38 10.82 16.74
N GLY A 31 -10.51 10.95 18.07
CA GLY A 31 -11.20 12.08 18.65
C GLY A 31 -10.45 13.39 18.56
N TRP A 32 -9.13 13.35 18.41
CA TRP A 32 -8.37 14.59 18.29
C TRP A 32 -8.78 15.35 17.03
N PHE A 33 -9.05 14.62 15.94
CA PHE A 33 -9.38 15.28 14.68
C PHE A 33 -10.76 15.94 14.72
N PHE A 34 -11.72 15.32 15.39
CA PHE A 34 -13.09 15.78 15.29
C PHE A 34 -13.36 17.01 16.14
N LYS A 35 -12.67 17.15 17.25
CA LYS A 35 -12.81 18.33 18.14
C LYS A 35 -11.87 19.45 17.66
N ALA A 36 -11.49 19.47 16.40
CA ALA A 36 -10.62 20.50 15.84
C ALA A 36 -11.34 21.13 14.66
N TYR A 37 -12.16 20.34 13.97
CA TYR A 37 -13.07 20.80 12.92
C TYR A 37 -14.46 20.37 13.36
N TRP A 38 -15.09 21.17 14.20
CA TRP A 38 -16.39 20.83 14.78
C TRP A 38 -17.55 21.49 14.06
N LEU A 39 -17.33 22.66 13.44
CA LEU A 39 -18.38 23.26 12.62
C LEU A 39 -18.59 22.46 11.35
N ARG A 40 -17.49 22.11 10.67
CA ARG A 40 -17.59 21.35 9.43
C ARG A 40 -18.32 20.03 9.63
N TYR A 41 -18.31 19.51 10.85
CA TYR A 41 -18.95 18.23 11.14
C TYR A 41 -20.28 18.38 11.88
N THR A 42 -20.41 19.35 12.77
CA THR A 42 -21.71 19.58 13.39
C THR A 42 -22.74 20.02 12.36
N ILE A 43 -22.35 20.88 11.40
CA ILE A 43 -23.28 21.28 10.36
C ILE A 43 -23.60 20.10 9.45
N ALA A 44 -22.61 19.25 9.19
CA ALA A 44 -22.87 18.05 8.40
C ALA A 44 -23.88 17.15 9.10
N ILE A 45 -23.74 16.99 10.41
CA ILE A 45 -24.69 16.18 11.17
C ILE A 45 -26.08 16.80 11.15
N VAL A 46 -26.17 18.12 11.28
CA VAL A 46 -27.48 18.76 11.24
C VAL A 46 -28.14 18.55 9.88
N LEU A 47 -27.38 18.72 8.81
CA LEU A 47 -27.91 18.50 7.47
C LEU A 47 -28.34 17.05 7.29
N LEU A 48 -27.54 16.11 7.82
CA LEU A 48 -27.88 14.70 7.74
C LEU A 48 -29.19 14.41 8.45
N LEU A 49 -29.36 14.96 9.66
CA LEU A 49 -30.60 14.76 10.39
C LEU A 49 -31.78 15.34 9.61
N ALA A 50 -31.61 16.52 9.02
CA ALA A 50 -32.69 17.13 8.26
C ALA A 50 -33.07 16.28 7.05
N VAL A 51 -32.08 15.76 6.32
CA VAL A 51 -32.39 14.95 5.15
C VAL A 51 -33.07 13.66 5.57
N ASN A 52 -32.64 13.05 6.68
CA ASN A 52 -33.32 11.85 7.16
C ASN A 52 -34.78 12.15 7.50
N VAL A 53 -35.02 13.24 8.22
CA VAL A 53 -36.38 13.57 8.62
C VAL A 53 -37.26 13.81 7.40
N ILE A 54 -36.77 14.56 6.42
CA ILE A 54 -37.60 14.83 5.24
C ILE A 54 -37.60 13.69 4.24
N GLU A 55 -36.76 12.66 4.45
CA GLU A 55 -36.87 11.42 3.69
C GLU A 55 -37.81 10.44 4.34
N MET A 56 -38.15 10.64 5.61
CA MET A 56 -39.17 9.82 6.26
C MET A 56 -40.55 10.04 5.65
N PHE A 57 -40.75 11.08 4.84
CA PHE A 57 -42.07 11.43 4.33
C PHE A 57 -42.49 10.55 3.14
N PRO A 58 -41.65 10.41 2.11
CA PRO A 58 -42.10 9.73 0.89
C PRO A 58 -42.76 8.38 1.15
N PRO A 59 -42.22 7.55 2.05
CA PRO A 59 -42.90 6.27 2.32
C PRO A 59 -44.33 6.44 2.83
N LYS A 60 -44.55 7.39 3.75
CA LYS A 60 -45.91 7.60 4.25
C LYS A 60 -46.80 8.24 3.20
N LEU A 61 -46.23 9.13 2.37
CA LEU A 61 -47.01 9.68 1.28
C LEU A 61 -47.46 8.60 0.31
N LEU A 62 -46.56 7.65 0.00
CA LEU A 62 -46.91 6.54 -0.87
C LEU A 62 -47.96 5.64 -0.23
N GLY A 63 -47.85 5.39 1.08
CA GLY A 63 -48.88 4.61 1.75
C GLY A 63 -50.24 5.28 1.67
N ASN A 64 -50.29 6.59 1.92
CA ASN A 64 -51.55 7.32 1.81
C ASN A 64 -52.08 7.29 0.39
N ALA A 65 -51.20 7.44 -0.59
CA ALA A 65 -51.63 7.41 -1.99
C ALA A 65 -52.22 6.06 -2.35
N ILE A 66 -51.59 4.97 -1.92
CA ILE A 66 -52.11 3.63 -2.20
C ILE A 66 -53.45 3.43 -1.52
N ASP A 67 -53.58 3.88 -0.27
CA ASP A 67 -54.85 3.74 0.43
C ASP A 67 -55.95 4.52 -0.29
N ASP A 68 -55.65 5.73 -0.75
CA ASP A 68 -56.61 6.50 -1.52
C ASP A 68 -56.95 5.78 -2.82
N MET A 69 -55.95 5.18 -3.46
CA MET A 69 -56.18 4.45 -4.71
C MET A 69 -57.16 3.30 -4.50
N LYS A 70 -56.99 2.54 -3.43
CA LYS A 70 -57.86 1.39 -3.21
C LYS A 70 -59.32 1.82 -3.03
N ALA A 71 -59.55 2.89 -2.27
CA ALA A 71 -60.90 3.35 -1.99
C ALA A 71 -61.50 4.18 -3.12
N GLY A 72 -60.84 4.24 -4.28
CA GLY A 72 -61.37 5.01 -5.39
C GLY A 72 -61.36 6.51 -5.17
N ALA A 73 -60.57 6.99 -4.21
CA ALA A 73 -60.51 8.41 -3.89
C ALA A 73 -59.37 9.13 -4.60
N PHE A 74 -58.62 8.44 -5.46
CA PHE A 74 -57.50 9.06 -6.15
C PHE A 74 -57.99 9.94 -7.28
N THR A 75 -57.53 11.20 -7.29
CA THR A 75 -57.92 12.17 -8.28
C THR A 75 -56.67 12.80 -8.88
N ALA A 76 -56.81 13.33 -10.10
CA ALA A 76 -55.67 13.96 -10.76
C ALA A 76 -55.05 15.05 -9.91
N GLU A 77 -55.86 15.77 -9.14
CA GLU A 77 -55.32 16.79 -8.24
C GLU A 77 -54.42 16.16 -7.18
N GLY A 78 -54.85 15.02 -6.62
CA GLY A 78 -53.99 14.30 -5.70
C GLY A 78 -52.71 13.84 -6.36
N LEU A 79 -52.80 13.41 -7.62
CA LEU A 79 -51.59 13.03 -8.36
C LEU A 79 -50.63 14.21 -8.47
N LEU A 80 -51.15 15.39 -8.83
CA LEU A 80 -50.30 16.56 -8.93
C LEU A 80 -49.66 16.87 -7.57
N PHE A 81 -50.44 16.78 -6.50
CA PHE A 81 -49.89 17.05 -5.18
C PHE A 81 -48.74 16.09 -4.87
N TYR A 82 -48.93 14.80 -5.14
CA TYR A 82 -47.91 13.81 -4.80
C TYR A 82 -46.65 14.01 -5.62
N ILE A 83 -46.79 14.21 -6.94
CA ILE A 83 -45.60 14.40 -7.76
C ILE A 83 -44.87 15.68 -7.39
N GLY A 84 -45.61 16.76 -7.10
CA GLY A 84 -44.96 17.98 -6.67
C GLY A 84 -44.22 17.82 -5.36
N ILE A 85 -44.84 17.14 -4.39
CA ILE A 85 -44.18 16.91 -3.11
C ILE A 85 -42.92 16.08 -3.31
N PHE A 86 -43.00 15.03 -4.13
CA PHE A 86 -41.83 14.19 -4.34
C PHE A 86 -40.71 14.96 -5.03
N PHE A 87 -41.05 15.79 -6.02
CA PHE A 87 -40.02 16.58 -6.70
C PHE A 87 -39.36 17.55 -5.72
N VAL A 88 -40.16 18.24 -4.91
CA VAL A 88 -39.60 19.20 -3.97
C VAL A 88 -38.69 18.49 -2.97
N LEU A 89 -39.16 17.35 -2.43
CA LEU A 89 -38.37 16.64 -1.44
C LEU A 89 -37.07 16.11 -2.03
N THR A 90 -37.13 15.52 -3.23
CA THR A 90 -35.91 14.98 -3.81
C THR A 90 -34.92 16.09 -4.14
N ALA A 91 -35.40 17.21 -4.68
CA ALA A 91 -34.50 18.33 -4.96
C ALA A 91 -33.85 18.84 -3.68
N ALA A 92 -34.65 19.02 -2.62
CA ALA A 92 -34.10 19.53 -1.37
C ALA A 92 -33.06 18.58 -0.79
N VAL A 93 -33.37 17.28 -0.76
CA VAL A 93 -32.45 16.33 -0.17
C VAL A 93 -31.15 16.28 -0.97
N TYR A 94 -31.25 16.29 -2.31
CA TYR A 94 -30.04 16.31 -3.11
C TYR A 94 -29.20 17.54 -2.80
N ILE A 95 -29.84 18.72 -2.82
CA ILE A 95 -29.10 19.97 -2.67
C ILE A 95 -28.40 20.01 -1.33
N MET A 96 -29.11 19.64 -0.26
CA MET A 96 -28.57 19.74 1.09
C MET A 96 -27.87 18.47 1.55
N SER A 97 -27.76 17.46 0.69
CA SER A 97 -26.95 16.28 0.96
C SER A 97 -25.59 16.35 0.29
N TYR A 98 -25.55 16.98 -0.88
CA TYR A 98 -24.28 17.21 -1.60
C TYR A 98 -23.34 17.97 -0.68
N PHE A 99 -23.87 18.83 0.20
CA PHE A 99 -23.02 19.67 1.05
C PHE A 99 -22.33 18.84 2.12
N TRP A 100 -23.06 17.99 2.83
CA TRP A 100 -22.42 17.21 3.89
C TRP A 100 -21.58 16.08 3.33
N MET A 101 -21.91 15.55 2.15
CA MET A 101 -20.97 14.66 1.49
C MET A 101 -19.65 15.37 1.22
N HIS A 102 -19.73 16.62 0.79
CA HIS A 102 -18.55 17.46 0.46
C HIS A 102 -17.78 17.78 1.75
N GLN A 103 -18.45 17.95 2.89
CA GLN A 103 -17.77 18.19 4.15
C GLN A 103 -17.03 16.94 4.61
N LEU A 104 -17.69 15.78 4.56
CA LEU A 104 -17.06 14.57 5.08
C LEU A 104 -15.87 14.14 4.22
N PHE A 105 -16.02 14.21 2.89
CA PHE A 105 -14.90 13.84 2.03
C PHE A 105 -13.72 14.80 2.20
N GLY A 106 -14.00 16.10 2.30
CA GLY A 106 -12.93 17.05 2.55
C GLY A 106 -12.26 16.81 3.89
N GLY A 107 -13.03 16.42 4.90
CA GLY A 107 -12.44 16.10 6.18
C GLY A 107 -11.53 14.89 6.11
N ALA A 108 -11.93 13.88 5.34
CA ALA A 108 -11.05 12.73 5.14
C ALA A 108 -9.76 13.13 4.45
N ASN A 109 -9.86 13.96 3.41
CA ASN A 109 -8.66 14.42 2.72
C ASN A 109 -7.74 15.19 3.68
N LEU A 110 -8.32 16.07 4.49
CA LEU A 110 -7.53 16.83 5.45
C LEU A 110 -6.88 15.92 6.46
N MET A 111 -7.59 14.89 6.93
CA MET A 111 -6.99 13.96 7.86
C MET A 111 -5.79 13.28 7.24
N GLU A 112 -5.93 12.82 6.00
CA GLU A 112 -4.79 12.19 5.34
C GLU A 112 -3.61 13.15 5.26
N LYS A 113 -3.87 14.40 4.90
CA LYS A 113 -2.79 15.37 4.76
C LYS A 113 -2.07 15.60 6.10
N ILE A 114 -2.84 15.84 7.16
CA ILE A 114 -2.23 16.11 8.46
C ILE A 114 -1.47 14.89 8.96
N LEU A 115 -2.02 13.69 8.76
CA LEU A 115 -1.31 12.49 9.19
C LEU A 115 0.00 12.33 8.43
N ARG A 116 0.00 12.57 7.12
CA ARG A 116 1.23 12.46 6.35
C ARG A 116 2.26 13.48 6.81
N THR A 117 1.82 14.71 7.06
CA THR A 117 2.77 15.73 7.54
C THR A 117 3.36 15.32 8.89
N LYS A 118 2.53 14.83 9.81
CA LYS A 118 3.03 14.38 11.10
C LYS A 118 4.02 13.24 10.94
N LEU A 119 3.70 12.27 10.09
CA LEU A 119 4.56 11.11 9.92
C LEU A 119 5.92 11.52 9.36
N MET A 120 5.92 12.28 8.27
CA MET A 120 7.18 12.66 7.65
C MET A 120 7.95 13.68 8.46
N GLY A 121 7.28 14.41 9.37
CA GLY A 121 8.01 15.22 10.31
C GLY A 121 8.56 14.46 11.49
N HIS A 122 7.99 13.29 11.78
CA HIS A 122 8.54 12.43 12.82
C HIS A 122 9.68 11.57 12.30
N LEU A 123 9.63 11.15 11.03
CA LEU A 123 10.72 10.36 10.47
C LEU A 123 12.01 11.16 10.48
N LEU A 124 11.93 12.44 10.25
CA LEU A 124 13.11 13.32 10.43
C LEU A 124 13.22 13.41 11.94
N THR A 125 14.28 13.94 12.48
CA THR A 125 14.59 13.99 13.90
C THR A 125 14.70 12.60 14.52
N MET A 126 14.68 11.56 13.71
CA MET A 126 14.78 10.18 14.18
C MET A 126 16.18 9.66 13.88
N SER A 127 16.79 9.04 14.88
CA SER A 127 18.19 8.67 14.84
C SER A 127 18.34 7.21 14.43
N PRO A 128 19.55 6.76 14.12
CA PRO A 128 19.75 5.42 13.56
C PRO A 128 19.14 4.32 14.45
N PRO A 129 19.22 4.45 15.77
CA PRO A 129 18.62 3.40 16.61
C PRO A 129 17.17 3.10 16.26
N PHE A 130 16.39 4.12 15.92
CA PHE A 130 15.03 3.88 15.43
C PHE A 130 15.06 3.15 14.09
N TYR A 131 15.96 3.55 13.20
CA TYR A 131 15.96 3.03 11.83
C TYR A 131 16.54 1.64 11.73
N GLU A 132 17.25 1.15 12.75
CA GLU A 132 17.74 -0.22 12.75
C GLU A 132 16.74 -1.20 13.35
N LYS A 133 15.58 -0.72 13.79
CA LYS A 133 14.46 -1.56 14.18
C LYS A 133 13.32 -1.55 13.18
N ASN A 134 13.12 -0.43 12.46
CA ASN A 134 12.04 -0.28 11.51
C ASN A 134 12.62 -0.27 10.10
N ARG A 135 12.06 -1.10 9.22
CA ARG A 135 12.54 -1.23 7.86
C ARG A 135 11.97 -0.13 6.98
N THR A 136 12.72 0.22 5.93
CA THR A 136 12.29 1.30 5.04
C THR A 136 10.98 0.98 4.35
N GLY A 137 10.82 -0.24 3.87
CA GLY A 137 9.56 -0.62 3.26
C GLY A 137 8.40 -0.59 4.24
N ASP A 138 8.66 -0.99 5.48
CA ASP A 138 7.65 -0.90 6.51
C ASP A 138 7.19 0.55 6.71
N LEU A 139 8.14 1.49 6.72
CA LEU A 139 7.77 2.89 6.89
C LEU A 139 7.04 3.44 5.67
N MET A 140 7.47 3.07 4.47
CA MET A 140 6.76 3.51 3.28
C MET A 140 5.33 3.01 3.28
N ALA A 141 5.10 1.80 3.77
CA ALA A 141 3.75 1.30 3.94
C ALA A 141 3.00 2.12 5.00
N ARG A 142 3.53 2.16 6.22
CA ARG A 142 2.93 2.92 7.32
C ARG A 142 2.65 4.36 6.93
N GLY A 143 3.23 4.81 5.84
CA GLY A 143 2.84 6.06 5.24
C GLY A 143 1.77 5.73 4.23
N THR A 144 2.14 5.64 2.95
CA THR A 144 1.17 5.57 1.88
C THR A 144 -0.07 4.74 2.22
N ASN A 145 0.13 3.46 2.52
CA ASN A 145 -1.01 2.55 2.58
C ASN A 145 -1.86 2.80 3.83
N ASP A 146 -1.22 2.97 4.98
CA ASP A 146 -1.96 3.18 6.21
C ASP A 146 -2.72 4.51 6.16
N LEU A 147 -2.10 5.55 5.60
CA LEU A 147 -2.79 6.82 5.47
C LEU A 147 -3.96 6.73 4.52
N GLN A 148 -3.81 5.98 3.42
CA GLN A 148 -4.94 5.78 2.51
C GLN A 148 -6.08 5.09 3.24
N ALA A 149 -5.78 4.06 4.03
CA ALA A 149 -6.82 3.35 4.76
C ALA A 149 -7.50 4.25 5.79
N VAL A 150 -6.71 5.05 6.52
CA VAL A 150 -7.27 5.95 7.52
C VAL A 150 -8.17 6.99 6.86
N SER A 151 -7.73 7.54 5.73
CA SER A 151 -8.57 8.49 5.00
C SER A 151 -9.87 7.83 4.56
N LEU A 152 -9.79 6.60 4.08
CA LEU A 152 -11.00 5.90 3.65
C LEU A 152 -11.97 5.72 4.80
N THR A 153 -11.47 5.33 5.98
CA THR A 153 -12.39 5.11 7.09
C THR A 153 -12.98 6.42 7.59
N THR A 154 -12.17 7.48 7.64
CA THR A 154 -12.64 8.74 8.21
C THR A 154 -13.79 9.32 7.40
N GLY A 155 -13.65 9.35 6.07
CA GLY A 155 -14.67 9.90 5.22
C GLY A 155 -15.82 8.96 5.00
N PHE A 156 -15.54 7.81 4.40
CA PHE A 156 -16.59 6.85 4.10
C PHE A 156 -17.09 6.14 5.35
N GLY A 157 -16.18 5.73 6.23
CA GLY A 157 -16.58 4.96 7.39
C GLY A 157 -17.49 5.72 8.33
N ILE A 158 -17.08 6.92 8.74
CA ILE A 158 -17.90 7.71 9.65
C ILE A 158 -19.19 8.12 8.95
N LEU A 159 -19.10 8.50 7.68
CA LEU A 159 -20.28 8.79 6.89
C LEU A 159 -21.32 7.68 7.01
N THR A 160 -20.93 6.46 6.63
CA THR A 160 -21.88 5.36 6.62
C THR A 160 -22.36 5.03 8.03
N LEU A 161 -21.45 5.03 9.01
CA LEU A 161 -21.86 4.69 10.37
C LEU A 161 -22.92 5.65 10.88
N VAL A 162 -22.65 6.95 10.79
CA VAL A 162 -23.59 7.95 11.31
C VAL A 162 -24.89 7.91 10.52
N ASP A 163 -24.80 7.87 9.19
CA ASP A 163 -26.02 7.87 8.38
C ASP A 163 -26.88 6.65 8.70
N SER A 164 -26.27 5.47 8.80
CA SER A 164 -27.03 4.27 9.09
C SER A 164 -27.64 4.33 10.48
N THR A 165 -26.91 4.82 11.48
CA THR A 165 -27.47 4.91 12.82
C THR A 165 -28.66 5.85 12.86
N MET A 166 -28.52 7.05 12.27
CA MET A 166 -29.64 7.98 12.27
C MET A 166 -30.83 7.42 11.50
N PHE A 167 -30.57 6.81 10.34
CA PHE A 167 -31.67 6.22 9.58
C PHE A 167 -32.37 5.13 10.37
N MET A 168 -31.61 4.25 11.02
CA MET A 168 -32.22 3.17 11.78
C MET A 168 -33.09 3.73 12.90
N MET A 169 -32.57 4.69 13.67
CA MET A 169 -33.34 5.20 14.80
C MET A 169 -34.57 5.95 14.33
N THR A 170 -34.44 6.79 13.30
CA THR A 170 -35.59 7.56 12.82
C THR A 170 -36.65 6.65 12.21
N ILE A 171 -36.23 5.62 11.47
CA ILE A 171 -37.20 4.65 10.95
C ILE A 171 -37.89 3.95 12.10
N PHE A 172 -37.14 3.52 13.11
CA PHE A 172 -37.74 2.80 14.24
C PHE A 172 -38.80 3.67 14.91
N LEU A 173 -38.47 4.93 15.19
CA LEU A 173 -39.43 5.81 15.85
C LEU A 173 -40.62 6.11 14.96
N THR A 174 -40.38 6.32 13.65
CA THR A 174 -41.49 6.59 12.74
C THR A 174 -42.46 5.42 12.70
N MET A 175 -41.95 4.20 12.52
CA MET A 175 -42.81 3.04 12.50
C MET A 175 -43.55 2.89 13.82
N GLY A 176 -42.86 3.09 14.93
CA GLY A 176 -43.50 2.92 16.23
C GLY A 176 -44.64 3.90 16.45
N PHE A 177 -44.45 5.16 16.08
CA PHE A 177 -45.44 6.19 16.39
C PHE A 177 -46.52 6.30 15.33
N LEU A 178 -46.21 6.06 14.06
CA LEU A 178 -47.15 6.29 12.98
C LEU A 178 -47.88 5.04 12.51
N ILE A 179 -47.39 3.84 12.85
CA ILE A 179 -48.01 2.61 12.39
C ILE A 179 -48.44 1.74 13.56
N SER A 180 -47.49 1.25 14.32
CA SER A 180 -47.79 0.32 15.40
C SER A 180 -46.54 0.09 16.23
N TRP A 181 -46.70 -0.01 17.55
CA TRP A 181 -45.58 -0.24 18.45
C TRP A 181 -45.34 -1.71 18.73
N LYS A 182 -46.29 -2.58 18.40
CA LYS A 182 -46.13 -4.02 18.61
C LYS A 182 -45.68 -4.75 17.35
N LEU A 183 -45.92 -4.18 16.17
CA LEU A 183 -45.41 -4.73 14.93
C LEU A 183 -44.02 -4.18 14.59
N THR A 184 -43.74 -2.93 14.95
CA THR A 184 -42.37 -2.43 14.88
C THR A 184 -41.46 -3.21 15.83
N PHE A 185 -41.86 -3.33 17.08
CA PHE A 185 -41.26 -4.31 17.96
C PHE A 185 -41.62 -5.70 17.46
N ALA A 186 -40.76 -6.66 17.76
CA ALA A 186 -40.82 -8.04 17.28
C ALA A 186 -40.40 -8.13 15.82
N ALA A 187 -40.20 -7.01 15.11
CA ALA A 187 -39.54 -6.99 13.83
C ALA A 187 -38.09 -6.55 13.94
N ILE A 188 -37.59 -6.39 15.16
CA ILE A 188 -36.22 -5.96 15.40
C ILE A 188 -35.52 -6.93 16.34
N ILE A 189 -36.27 -7.83 16.96
CA ILE A 189 -35.70 -8.81 17.88
C ILE A 189 -34.70 -9.72 17.15
N PRO A 190 -34.77 -9.89 15.83
CA PRO A 190 -33.61 -10.48 15.14
C PRO A 190 -32.36 -9.63 15.20
N LEU A 191 -32.45 -8.35 15.56
CA LEU A 191 -31.29 -7.47 15.54
C LEU A 191 -30.38 -7.67 16.76
N PRO A 192 -30.92 -7.87 17.97
CA PRO A 192 -30.04 -8.20 19.10
C PRO A 192 -29.01 -9.26 18.79
N VAL A 193 -29.43 -10.41 18.25
CA VAL A 193 -28.46 -11.42 17.87
C VAL A 193 -27.56 -10.91 16.75
N MET A 194 -28.11 -10.09 15.85
CA MET A 194 -27.29 -9.48 14.82
C MET A 194 -26.18 -8.65 15.43
N ALA A 195 -26.48 -7.93 16.52
CA ALA A 195 -25.45 -7.13 17.18
C ALA A 195 -24.33 -8.03 17.72
N ILE A 196 -24.68 -9.15 18.33
CA ILE A 196 -23.66 -10.06 18.84
C ILE A 196 -22.81 -10.62 17.70
N ALA A 197 -23.45 -11.02 16.61
CA ALA A 197 -22.70 -11.55 15.47
C ALA A 197 -21.74 -10.51 14.91
N ILE A 198 -22.21 -9.26 14.78
CA ILE A 198 -21.34 -8.20 14.30
C ILE A 198 -20.19 -7.97 15.28
N SER A 199 -20.48 -8.03 16.57
CA SER A 199 -19.42 -7.86 17.57
C SER A 199 -18.33 -8.92 17.40
N LEU A 200 -18.73 -10.18 17.33
CA LEU A 200 -17.74 -11.25 17.16
C LEU A 200 -16.95 -11.05 15.87
N TYR A 201 -17.64 -10.82 14.76
CA TYR A 201 -16.95 -10.71 13.48
C TYR A 201 -15.97 -9.54 13.47
N GLY A 202 -16.39 -8.39 13.98
CA GLY A 202 -15.49 -7.24 14.02
C GLY A 202 -14.33 -7.44 14.97
N SER A 203 -14.57 -8.10 16.11
CA SER A 203 -13.48 -8.36 17.04
C SER A 203 -12.43 -9.26 16.41
N LYS A 204 -12.79 -10.24 15.59
CA LYS A 204 -11.77 -11.16 15.01
C LYS A 204 -11.16 -10.40 13.84
N ILE A 205 -11.90 -9.57 13.15
CA ILE A 205 -11.32 -8.92 11.99
C ILE A 205 -10.21 -7.95 12.35
N HIS A 206 -10.23 -7.36 13.56
CA HIS A 206 -9.14 -6.49 13.97
C HIS A 206 -7.83 -7.26 14.05
N GLU A 207 -7.87 -8.48 14.56
CA GLU A 207 -6.65 -9.27 14.72
C GLU A 207 -6.11 -9.78 13.39
N ARG A 208 -6.96 -9.87 12.36
CA ARG A 208 -6.53 -10.30 11.04
C ARG A 208 -6.24 -9.14 10.10
N PHE A 209 -6.30 -7.91 10.60
CA PHE A 209 -5.92 -6.73 9.82
C PHE A 209 -4.61 -6.11 10.27
N THR A 210 -4.23 -6.30 11.53
CA THR A 210 -2.89 -5.89 11.94
C THR A 210 -1.84 -6.73 11.23
N GLU A 211 -2.13 -8.01 10.99
CA GLU A 211 -1.20 -8.88 10.27
C GLU A 211 -1.30 -8.68 8.76
N ALA A 212 -2.49 -8.42 8.24
CA ALA A 212 -2.63 -8.14 6.81
C ALA A 212 -1.91 -6.85 6.44
N GLN A 213 -2.03 -5.82 7.28
CA GLN A 213 -1.32 -4.58 7.04
C GLN A 213 0.18 -4.75 7.24
N ASN A 214 0.57 -5.53 8.25
CA ASN A 214 1.99 -5.78 8.49
C ASN A 214 2.62 -6.51 7.31
N ALA A 215 1.91 -7.49 6.76
CA ALA A 215 2.46 -8.26 5.64
C ALA A 215 2.66 -7.41 4.40
N PHE A 216 2.00 -6.25 4.31
CA PHE A 216 2.27 -5.34 3.21
C PHE A 216 3.62 -4.66 3.36
N GLY A 217 3.98 -4.29 4.59
CA GLY A 217 5.32 -3.76 4.83
C GLY A 217 6.40 -4.78 4.53
N ALA A 218 6.12 -6.06 4.83
CA ALA A 218 7.08 -7.11 4.52
C ALA A 218 7.25 -7.29 3.01
N LEU A 219 6.20 -7.04 2.23
CA LEU A 219 6.31 -7.10 0.78
C LEU A 219 6.98 -5.86 0.20
N ASN A 220 6.79 -4.70 0.84
CA ASN A 220 7.42 -3.48 0.35
C ASN A 220 8.94 -3.56 0.47
N ASP A 221 9.43 -4.01 1.64
CA ASP A 221 10.86 -4.12 1.85
C ASP A 221 11.47 -5.38 1.25
N ARG A 222 10.64 -6.34 0.84
CA ARG A 222 11.13 -7.47 0.07
C ARG A 222 11.42 -7.06 -1.37
N VAL A 223 10.53 -6.26 -1.98
CA VAL A 223 10.78 -5.76 -3.32
C VAL A 223 11.89 -4.73 -3.31
N LEU A 224 11.89 -3.86 -2.29
CA LEU A 224 12.93 -2.84 -2.18
C LEU A 224 14.31 -3.45 -2.02
N GLU A 225 14.40 -4.62 -1.39
CA GLU A 225 15.69 -5.26 -1.19
C GLU A 225 16.20 -5.91 -2.47
N SER A 226 15.29 -6.44 -3.29
CA SER A 226 15.68 -7.06 -4.55
C SER A 226 15.88 -6.05 -5.66
N VAL A 227 15.51 -4.78 -5.44
CA VAL A 227 15.76 -3.73 -6.42
C VAL A 227 17.10 -3.05 -6.14
N SER A 228 17.37 -2.73 -4.87
CA SER A 228 18.63 -2.11 -4.51
C SER A 228 19.81 -3.04 -4.78
N GLY A 229 19.66 -4.33 -4.47
CA GLY A 229 20.71 -5.29 -4.67
C GLY A 229 20.54 -6.07 -5.96
N VAL A 230 20.10 -5.38 -7.01
CA VAL A 230 19.87 -6.05 -8.29
C VAL A 230 21.18 -6.56 -8.88
N ARG A 231 22.25 -5.76 -8.77
CA ARG A 231 23.51 -6.17 -9.37
C ARG A 231 24.06 -7.42 -8.69
N VAL A 232 24.00 -7.48 -7.37
CA VAL A 232 24.49 -8.65 -6.65
C VAL A 232 23.64 -9.88 -6.97
N ILE A 233 22.32 -9.69 -7.05
CA ILE A 233 21.43 -10.80 -7.36
C ILE A 233 21.67 -11.29 -8.79
N ARG A 234 22.10 -10.42 -9.68
CA ARG A 234 22.39 -10.81 -11.06
C ARG A 234 23.84 -11.24 -11.25
N ALA A 235 24.78 -10.60 -10.55
CA ALA A 235 26.18 -10.98 -10.67
C ALA A 235 26.38 -12.45 -10.31
N TYR A 236 25.83 -12.86 -9.17
CA TYR A 236 25.68 -14.27 -8.85
C TYR A 236 24.29 -14.69 -9.31
N VAL A 237 24.22 -15.69 -10.19
CA VAL A 237 22.95 -15.97 -10.85
C VAL A 237 21.96 -16.42 -9.80
N GLN A 238 21.05 -15.53 -9.41
CA GLN A 238 20.10 -15.81 -8.34
C GLN A 238 18.70 -15.28 -8.64
N GLU A 239 18.41 -14.93 -9.89
CA GLU A 239 17.11 -14.39 -10.23
C GLU A 239 16.00 -15.43 -10.06
N THR A 240 16.35 -16.72 -10.05
CA THR A 240 15.35 -17.77 -9.87
C THR A 240 15.09 -18.09 -8.40
N ASN A 241 16.10 -17.95 -7.55
CA ASN A 241 15.87 -18.12 -6.11
C ASN A 241 15.12 -16.94 -5.54
N ASP A 242 15.41 -15.73 -6.03
CA ASP A 242 14.66 -14.56 -5.61
C ASP A 242 13.19 -14.70 -5.99
N VAL A 243 12.92 -15.15 -7.22
CA VAL A 243 11.55 -15.33 -7.65
C VAL A 243 10.86 -16.42 -6.84
N ARG A 244 11.58 -17.50 -6.51
CA ARG A 244 11.00 -18.55 -5.69
C ARG A 244 10.64 -18.03 -4.30
N ARG A 245 11.52 -17.24 -3.69
CA ARG A 245 11.21 -16.67 -2.39
C ARG A 245 10.00 -15.74 -2.45
N PHE A 246 9.94 -14.92 -3.50
CA PHE A 246 8.78 -14.05 -3.67
C PHE A 246 7.51 -14.85 -3.83
N ASN A 247 7.55 -15.94 -4.60
CA ASN A 247 6.38 -16.77 -4.78
C ASN A 247 5.94 -17.40 -3.47
N GLU A 248 6.89 -17.86 -2.66
CA GLU A 248 6.52 -18.41 -1.36
C GLU A 248 5.88 -17.36 -0.47
N MET A 249 6.41 -16.14 -0.50
CA MET A 249 5.78 -15.06 0.26
C MET A 249 4.35 -14.83 -0.20
N THR A 250 4.15 -14.79 -1.52
CA THR A 250 2.80 -14.58 -2.05
C THR A 250 1.87 -15.71 -1.64
N ALA A 251 2.37 -16.94 -1.64
CA ALA A 251 1.53 -18.08 -1.23
C ALA A 251 1.11 -17.95 0.23
N ASP A 252 2.05 -17.56 1.10
CA ASP A 252 1.69 -17.35 2.51
C ASP A 252 0.65 -16.25 2.65
N VAL A 253 0.84 -15.14 1.94
CA VAL A 253 -0.13 -14.05 1.99
C VAL A 253 -1.50 -14.53 1.52
N TYR A 254 -1.52 -15.34 0.46
CA TYR A 254 -2.79 -15.85 -0.05
C TYR A 254 -3.48 -16.74 0.97
N GLN A 255 -2.72 -17.60 1.67
CA GLN A 255 -3.33 -18.45 2.68
C GLN A 255 -3.93 -17.61 3.80
N LYS A 256 -3.22 -16.57 4.24
CA LYS A 256 -3.76 -15.68 5.28
C LYS A 256 -5.05 -15.02 4.80
N ASN A 257 -5.02 -14.45 3.59
CA ASN A 257 -6.21 -13.79 3.07
C ASN A 257 -7.36 -14.77 2.88
N MET A 258 -7.07 -16.04 2.63
CA MET A 258 -8.14 -17.01 2.49
C MET A 258 -8.73 -17.42 3.82
N LYS A 259 -7.92 -17.42 4.89
CA LYS A 259 -8.52 -17.53 6.22
C LYS A 259 -9.49 -16.38 6.47
N VAL A 260 -9.06 -15.17 6.12
CA VAL A 260 -9.94 -14.01 6.28
C VAL A 260 -11.21 -14.18 5.45
N ALA A 261 -11.06 -14.67 4.22
CA ALA A 261 -12.21 -14.86 3.34
C ALA A 261 -13.16 -15.90 3.91
N PHE A 262 -12.64 -16.97 4.52
CA PHE A 262 -13.52 -17.94 5.17
C PHE A 262 -14.32 -17.28 6.29
N ILE A 263 -13.67 -16.45 7.11
CA ILE A 263 -14.41 -15.79 8.18
C ILE A 263 -15.49 -14.88 7.60
N ASP A 264 -15.17 -14.09 6.58
CA ASP A 264 -16.16 -13.21 5.96
C ASP A 264 -17.29 -13.98 5.27
N SER A 265 -17.00 -15.12 4.67
CA SER A 265 -18.03 -15.96 4.07
C SER A 265 -18.94 -16.61 5.11
N LEU A 266 -18.41 -16.87 6.31
CA LEU A 266 -19.30 -17.28 7.40
C LEU A 266 -20.15 -16.10 7.88
N PHE A 267 -19.58 -14.89 7.89
CA PHE A 267 -20.29 -13.75 8.46
C PHE A 267 -21.41 -13.24 7.56
N GLU A 268 -21.17 -13.15 6.25
CA GLU A 268 -22.16 -12.52 5.37
C GLU A 268 -23.49 -13.28 5.36
N PRO A 269 -23.51 -14.60 5.15
CA PRO A 269 -24.79 -15.31 5.15
C PRO A 269 -25.62 -15.11 6.40
N THR A 270 -25.01 -15.03 7.60
CA THR A 270 -25.83 -14.82 8.79
C THR A 270 -26.43 -13.43 8.80
N VAL A 271 -25.69 -12.43 8.31
CA VAL A 271 -26.26 -11.09 8.14
C VAL A 271 -27.48 -11.15 7.25
N LYS A 272 -27.34 -11.80 6.09
CA LYS A 272 -28.46 -11.87 5.16
C LYS A 272 -29.63 -12.65 5.74
N LEU A 273 -29.36 -13.74 6.47
CA LEU A 273 -30.42 -14.52 7.06
C LEU A 273 -31.17 -13.75 8.14
N LEU A 274 -30.47 -12.97 8.96
CA LEU A 274 -31.17 -12.17 9.96
C LEU A 274 -31.97 -11.06 9.31
N VAL A 275 -31.44 -10.46 8.24
CA VAL A 275 -32.22 -9.45 7.50
C VAL A 275 -33.49 -10.08 6.95
N GLY A 276 -33.37 -11.28 6.37
CA GLY A 276 -34.53 -11.96 5.84
C GLY A 276 -35.52 -12.36 6.93
N ALA A 277 -35.01 -12.77 8.09
CA ALA A 277 -35.89 -13.11 9.19
C ALA A 277 -36.67 -11.89 9.66
N SER A 278 -36.00 -10.74 9.78
CA SER A 278 -36.71 -9.52 10.16
C SER A 278 -37.76 -9.15 9.12
N TYR A 279 -37.40 -9.24 7.83
CA TYR A 279 -38.36 -8.91 6.78
C TYR A 279 -39.56 -9.84 6.83
N LEU A 280 -39.33 -11.14 7.00
CA LEU A 280 -40.43 -12.10 7.07
C LEU A 280 -41.30 -11.85 8.29
N ILE A 281 -40.70 -11.57 9.44
CA ILE A 281 -41.49 -11.29 10.63
C ILE A 281 -42.38 -10.07 10.39
N GLY A 282 -41.79 -9.00 9.87
CA GLY A 282 -42.58 -7.82 9.59
C GLY A 282 -43.74 -8.10 8.65
N LEU A 283 -43.44 -8.74 7.51
CA LEU A 283 -44.48 -8.98 6.50
C LEU A 283 -45.57 -9.88 7.05
N GLY A 284 -45.20 -11.04 7.61
CA GLY A 284 -46.20 -11.98 8.08
C GLY A 284 -47.02 -11.45 9.22
N TYR A 285 -46.36 -10.83 10.21
CA TYR A 285 -47.10 -10.29 11.34
C TYR A 285 -48.01 -9.15 10.90
N GLY A 286 -47.57 -8.32 9.95
CA GLY A 286 -48.45 -7.28 9.45
C GLY A 286 -49.65 -7.85 8.72
N ALA A 287 -49.43 -8.88 7.90
CA ALA A 287 -50.55 -9.52 7.22
C ALA A 287 -51.54 -10.10 8.22
N PHE A 288 -51.03 -10.71 9.29
CA PHE A 288 -51.92 -11.19 10.34
C PHE A 288 -52.65 -10.03 11.02
N LEU A 289 -51.96 -8.92 11.23
CA LEU A 289 -52.54 -7.78 11.93
C LEU A 289 -53.67 -7.15 11.12
N VAL A 290 -53.56 -7.12 9.80
CA VAL A 290 -54.62 -6.56 8.99
C VAL A 290 -55.94 -7.28 9.28
N PHE A 291 -55.87 -8.57 9.60
CA PHE A 291 -57.07 -9.32 9.95
C PHE A 291 -57.54 -9.01 11.36
N ARG A 292 -56.63 -8.73 12.29
CA ARG A 292 -57.04 -8.26 13.59
C ARG A 292 -57.63 -6.86 13.54
N ASN A 293 -57.64 -6.23 12.35
CA ASN A 293 -58.24 -4.90 12.16
C ASN A 293 -57.42 -3.83 12.86
N GLU A 294 -56.09 -4.00 12.87
CA GLU A 294 -55.19 -3.04 13.48
C GLU A 294 -54.35 -2.28 12.46
N LEU A 295 -54.38 -2.68 11.19
CA LEU A 295 -53.66 -1.99 10.14
C LEU A 295 -54.49 -2.01 8.86
N THR A 296 -54.22 -1.03 8.00
CA THR A 296 -54.84 -0.96 6.69
C THR A 296 -53.81 -1.34 5.62
N LEU A 297 -54.32 -1.89 4.51
CA LEU A 297 -53.42 -2.35 3.46
C LEU A 297 -52.49 -1.24 2.98
N GLY A 298 -52.94 0.01 3.07
CA GLY A 298 -52.04 1.12 2.80
C GLY A 298 -50.95 1.24 3.85
N GLU A 299 -51.31 1.09 5.13
CA GLU A 299 -50.32 1.16 6.18
C GLU A 299 -49.30 0.04 6.08
N LEU A 300 -49.71 -1.13 5.58
CA LEU A 300 -48.79 -2.23 5.37
C LEU A 300 -47.63 -1.76 4.51
N VAL A 301 -47.93 -1.39 3.26
CA VAL A 301 -46.92 -0.93 2.31
C VAL A 301 -45.97 0.07 2.98
N SER A 302 -46.52 1.02 3.73
CA SER A 302 -45.68 2.01 4.39
C SER A 302 -44.72 1.35 5.37
N PHE A 303 -45.23 0.47 6.23
CA PHE A 303 -44.39 -0.18 7.22
C PHE A 303 -43.33 -1.06 6.56
N ASN A 304 -43.71 -1.82 5.56
CA ASN A 304 -42.81 -2.74 4.88
C ASN A 304 -41.87 -2.03 3.92
N VAL A 305 -42.09 -0.74 3.67
CA VAL A 305 -41.08 0.09 3.03
C VAL A 305 -40.13 0.67 4.06
N TYR A 306 -40.65 1.10 5.22
CA TYR A 306 -39.78 1.58 6.28
C TYR A 306 -38.79 0.51 6.71
N LEU A 307 -39.29 -0.68 7.01
CA LEU A 307 -38.40 -1.76 7.46
C LEU A 307 -37.44 -2.16 6.36
N GLY A 308 -37.89 -2.16 5.11
CA GLY A 308 -36.99 -2.46 4.01
C GLY A 308 -35.85 -1.46 3.94
N MET A 309 -36.18 -0.17 3.98
CA MET A 309 -35.14 0.85 3.96
C MET A 309 -34.22 0.74 5.16
N MET A 310 -34.72 0.22 6.29
CA MET A 310 -33.84 0.02 7.44
C MET A 310 -32.88 -1.15 7.23
N ILE A 311 -33.40 -2.27 6.73
CA ILE A 311 -32.65 -3.53 6.81
C ILE A 311 -31.80 -3.77 5.55
N TRP A 312 -32.32 -3.46 4.37
CA TRP A 312 -31.56 -3.73 3.15
C TRP A 312 -30.16 -3.13 3.18
N PRO A 313 -29.91 -1.92 3.68
CA PRO A 313 -28.53 -1.45 3.81
C PRO A 313 -27.65 -2.35 4.66
N MET A 314 -28.23 -3.15 5.57
CA MET A 314 -27.40 -4.06 6.35
C MET A 314 -26.74 -5.13 5.49
N PHE A 315 -27.17 -5.29 4.23
CA PHE A 315 -26.42 -6.11 3.30
C PHE A 315 -25.04 -5.54 3.04
N ALA A 316 -24.82 -4.27 3.37
CA ALA A 316 -23.51 -3.63 3.27
C ALA A 316 -22.94 -3.18 4.60
N ILE A 317 -23.79 -2.91 5.60
CA ILE A 317 -23.27 -2.51 6.91
C ILE A 317 -22.39 -3.60 7.49
N GLY A 318 -22.63 -4.86 7.10
CA GLY A 318 -21.71 -5.91 7.49
C GLY A 318 -20.31 -5.70 6.93
N GLU A 319 -20.23 -5.26 5.66
CA GLU A 319 -18.95 -4.95 5.05
C GLU A 319 -18.36 -3.64 5.56
N LEU A 320 -19.16 -2.79 6.21
CA LEU A 320 -18.63 -1.54 6.76
C LEU A 320 -17.54 -1.82 7.78
N ILE A 321 -17.67 -2.90 8.55
CA ILE A 321 -16.67 -3.27 9.54
C ILE A 321 -15.31 -3.52 8.92
N ASN A 322 -15.27 -4.00 7.68
CA ASN A 322 -13.99 -4.29 6.96
C ASN A 322 -13.25 -2.98 6.67
N VAL A 323 -13.92 -1.82 6.65
CA VAL A 323 -13.27 -0.53 6.44
C VAL A 323 -12.92 0.05 7.80
N MET A 324 -13.85 -0.06 8.76
CA MET A 324 -13.61 0.47 10.09
C MET A 324 -12.38 -0.17 10.73
N GLN A 325 -12.29 -1.50 10.68
CA GLN A 325 -11.19 -2.18 11.35
C GLN A 325 -9.88 -2.05 10.58
N ARG A 326 -9.93 -1.99 9.24
CA ARG A 326 -8.73 -1.69 8.49
C ARG A 326 -8.18 -0.31 8.87
N GLY A 327 -9.06 0.68 8.97
CA GLY A 327 -8.62 1.99 9.42
C GLY A 327 -8.10 1.97 10.85
N ASN A 328 -8.74 1.18 11.72
CA ASN A 328 -8.28 1.07 13.09
C ASN A 328 -6.87 0.50 13.15
N ALA A 329 -6.61 -0.58 12.42
CA ALA A 329 -5.28 -1.19 12.42
C ALA A 329 -4.25 -0.25 11.81
N SER A 330 -4.60 0.42 10.71
CA SER A 330 -3.66 1.33 10.07
C SER A 330 -3.32 2.50 10.98
N LEU A 331 -4.32 3.07 11.66
CA LEU A 331 -4.05 4.14 12.61
C LEU A 331 -3.25 3.63 13.79
N ASP A 332 -3.46 2.38 14.21
CA ASP A 332 -2.63 1.81 15.26
C ASP A 332 -1.17 1.77 14.83
N ARG A 333 -0.91 1.32 13.59
CA ARG A 333 0.46 1.30 13.08
C ARG A 333 1.06 2.70 13.04
N VAL A 334 0.31 3.65 12.49
CA VAL A 334 0.80 5.03 12.40
C VAL A 334 1.09 5.58 13.79
N ASN A 335 0.26 5.22 14.77
CA ASN A 335 0.46 5.72 16.12
C ASN A 335 1.63 5.04 16.83
N GLU A 336 1.93 3.78 16.50
CA GLU A 336 3.17 3.20 17.01
C GLU A 336 4.36 3.96 16.45
N THR A 337 4.32 4.29 15.16
CA THR A 337 5.41 5.06 14.58
C THR A 337 5.53 6.43 15.24
N LEU A 338 4.40 7.10 15.47
CA LEU A 338 4.44 8.47 15.97
C LEU A 338 4.75 8.54 17.46
N SER A 339 4.36 7.53 18.24
CA SER A 339 4.63 7.52 19.67
C SER A 339 5.94 6.79 19.98
N TYR A 340 6.99 7.15 19.28
CA TYR A 340 8.33 6.64 19.50
C TYR A 340 9.16 7.79 20.06
N GLU A 341 9.25 7.86 21.39
CA GLU A 341 10.02 8.91 22.03
C GLU A 341 11.38 9.05 21.35
N THR A 342 11.75 10.28 21.03
CA THR A 342 13.03 10.52 20.37
C THR A 342 14.15 9.96 21.24
N ASP A 343 15.11 9.30 20.60
CA ASP A 343 16.14 8.59 21.33
C ASP A 343 16.88 9.55 22.26
N VAL A 344 17.66 8.97 23.18
CA VAL A 344 18.32 9.74 24.21
C VAL A 344 19.18 10.86 23.64
N THR A 345 19.41 10.85 22.33
CA THR A 345 20.01 11.99 21.63
C THR A 345 18.94 13.04 21.38
N ASP A 346 18.32 13.49 22.49
CA ASP A 346 17.34 14.56 22.47
C ASP A 346 18.05 15.86 22.85
N PRO A 347 17.87 16.95 22.11
CA PRO A 347 18.63 18.15 22.44
C PRO A 347 18.31 18.67 23.83
N LYS A 348 17.06 19.07 24.04
CA LYS A 348 16.52 19.37 25.36
C LYS A 348 17.57 20.01 26.25
N GLN A 349 18.37 20.91 25.69
CA GLN A 349 19.49 21.47 26.44
C GLN A 349 19.90 22.83 25.89
N PRO A 350 19.72 23.91 26.65
CA PRO A 350 20.35 25.18 26.27
C PRO A 350 21.70 25.33 26.94
N ALA A 351 22.65 25.88 26.18
CA ALA A 351 23.97 26.19 26.71
C ALA A 351 24.63 27.22 25.80
N ASP A 352 25.41 28.11 26.40
CA ASP A 352 26.04 29.21 25.69
C ASP A 352 27.54 28.92 25.58
N LEU A 353 27.92 28.26 24.48
CA LEU A 353 29.33 28.01 24.17
C LEU A 353 29.75 28.72 22.90
N LYS A 354 29.08 28.44 21.77
CA LYS A 354 29.28 29.16 20.52
C LYS A 354 30.62 28.83 19.84
N GLU A 355 31.47 28.06 20.51
CA GLU A 355 32.78 27.71 19.94
C GLU A 355 33.22 26.35 20.47
N PRO A 356 33.41 25.35 19.62
CA PRO A 356 33.72 24.01 20.14
C PRO A 356 34.97 23.97 21.01
N GLY A 357 36.00 24.73 20.65
CA GLY A 357 37.21 24.74 21.45
C GLY A 357 37.81 23.35 21.57
N ASP A 358 38.24 23.02 22.79
CA ASP A 358 38.82 21.71 23.04
C ASP A 358 37.76 20.62 22.98
N ILE A 359 38.20 19.40 22.69
CA ILE A 359 37.34 18.22 22.66
C ILE A 359 38.05 17.17 23.49
N VAL A 360 37.50 16.84 24.65
CA VAL A 360 38.14 15.93 25.60
C VAL A 360 37.21 14.75 25.84
N PHE A 361 37.72 13.55 25.61
CA PHE A 361 37.06 12.31 26.02
C PHE A 361 37.66 11.87 27.35
N SER A 362 36.80 11.43 28.27
CA SER A 362 37.25 11.03 29.59
C SER A 362 36.43 9.80 30.03
N HIS A 363 37.01 8.62 29.86
CA HIS A 363 36.39 7.37 30.31
C HIS A 363 35.08 7.11 29.59
N VAL A 364 35.11 7.20 28.27
CA VAL A 364 33.94 6.90 27.45
C VAL A 364 33.82 5.39 27.28
N SER A 365 32.63 4.85 27.53
CA SER A 365 32.39 3.42 27.51
C SER A 365 31.11 3.10 26.73
N PHE A 366 30.98 3.69 25.54
CA PHE A 366 29.80 3.49 24.73
C PHE A 366 29.64 2.03 24.32
N THR A 367 28.39 1.56 24.30
CA THR A 367 28.05 0.22 23.83
C THR A 367 26.82 0.34 22.93
N TYR A 368 26.93 -0.18 21.71
CA TYR A 368 25.88 0.01 20.73
C TYR A 368 24.59 -0.65 21.22
N PRO A 369 23.43 -0.13 20.80
CA PRO A 369 22.17 -0.70 21.30
C PRO A 369 22.01 -2.18 21.01
N SER A 370 22.44 -2.64 19.82
CA SER A 370 22.29 -4.04 19.43
C SER A 370 23.54 -4.85 19.70
N SER A 371 24.31 -4.48 20.73
CA SER A 371 25.56 -5.15 21.06
C SER A 371 25.52 -5.57 22.53
N THR A 372 26.34 -6.57 22.84
CA THR A 372 26.46 -7.07 24.20
C THR A 372 27.85 -6.85 24.80
N SER A 373 28.82 -6.40 24.00
CA SER A 373 30.17 -6.16 24.46
C SER A 373 30.50 -4.68 24.32
N ASP A 374 31.35 -4.19 25.22
CA ASP A 374 31.77 -2.81 25.18
C ASP A 374 32.43 -2.50 23.84
N ASN A 375 31.94 -1.47 23.16
CA ASN A 375 32.54 -1.02 21.92
C ASN A 375 33.63 0.02 22.15
N LEU A 376 33.60 0.72 23.28
CA LEU A 376 34.67 1.61 23.69
C LEU A 376 34.94 1.38 25.17
N GLN A 377 36.20 1.49 25.57
CA GLN A 377 36.62 1.20 26.93
C GLN A 377 37.64 2.24 27.39
N ASP A 378 37.22 3.14 28.27
CA ASP A 378 38.11 4.11 28.88
C ASP A 378 38.89 4.89 27.83
N ILE A 379 38.17 5.50 26.89
CA ILE A 379 38.78 6.40 25.91
C ILE A 379 39.04 7.73 26.60
N SER A 380 40.31 8.17 26.59
CA SER A 380 40.72 9.31 27.40
C SER A 380 41.67 10.22 26.63
N PHE A 381 41.34 10.54 25.38
CA PHE A 381 42.19 11.39 24.56
C PHE A 381 41.64 12.81 24.48
N THR A 382 42.53 13.74 24.18
CA THR A 382 42.22 15.16 24.15
C THR A 382 42.61 15.77 22.81
N VAL A 383 41.81 16.75 22.37
CA VAL A 383 42.07 17.48 21.13
C VAL A 383 41.98 18.96 21.43
N ARG A 384 43.01 19.70 21.05
CA ARG A 384 43.09 21.13 21.36
C ARG A 384 42.27 21.92 20.33
N LYS A 385 42.37 23.25 20.39
CA LYS A 385 41.55 24.08 19.52
C LYS A 385 41.88 24.06 18.04
N GLY A 386 43.14 23.75 17.71
CA GLY A 386 43.54 23.63 16.33
C GLY A 386 44.47 22.45 16.30
N GLN A 387 43.99 21.32 15.79
CA GLN A 387 44.77 20.09 15.83
C GLN A 387 44.15 19.04 14.93
N THR A 388 44.99 18.42 14.09
CA THR A 388 44.56 17.29 13.28
C THR A 388 44.81 16.01 14.07
N VAL A 389 43.78 15.18 14.21
CA VAL A 389 43.84 13.94 14.96
C VAL A 389 43.70 12.79 13.98
N GLY A 390 44.72 11.95 13.91
CA GLY A 390 44.67 10.75 13.10
C GLY A 390 44.18 9.57 13.93
N ILE A 391 43.35 8.73 13.31
CA ILE A 391 42.85 7.53 13.96
C ILE A 391 43.10 6.37 13.01
N ALA A 392 43.89 5.39 13.46
CA ALA A 392 44.22 4.20 12.69
C ALA A 392 43.87 2.97 13.51
N GLY A 393 43.83 1.83 12.85
CA GLY A 393 43.53 0.59 13.53
C GLY A 393 43.09 -0.47 12.54
N LYS A 394 42.73 -1.63 13.10
CA LYS A 394 42.27 -2.74 12.29
C LYS A 394 40.80 -2.54 11.91
N THR A 395 40.31 -3.41 11.05
CA THR A 395 38.91 -3.39 10.66
C THR A 395 38.03 -3.76 11.86
N GLY A 396 36.89 -3.10 11.97
CA GLY A 396 36.01 -3.33 13.10
C GLY A 396 36.68 -3.07 14.43
N SER A 397 37.46 -1.99 14.51
CA SER A 397 38.27 -1.71 15.69
C SER A 397 37.74 -0.55 16.54
N GLY A 398 36.74 0.17 16.07
CA GLY A 398 36.21 1.31 16.80
C GLY A 398 36.63 2.66 16.28
N LYS A 399 37.18 2.73 15.06
CA LYS A 399 37.63 4.02 14.53
C LYS A 399 36.47 4.97 14.32
N THR A 400 35.40 4.51 13.68
CA THR A 400 34.22 5.35 13.48
C THR A 400 33.23 5.24 14.63
N THR A 401 33.48 4.38 15.61
CA THR A 401 32.68 4.41 16.83
C THR A 401 33.00 5.62 17.68
N ILE A 402 34.21 6.16 17.57
CA ILE A 402 34.57 7.41 18.23
C ILE A 402 33.92 8.61 17.54
N ILE A 403 33.88 8.57 16.21
CA ILE A 403 33.30 9.67 15.45
C ILE A 403 31.83 9.82 15.76
N LYS A 404 31.09 8.72 15.79
CA LYS A 404 29.66 8.78 16.03
C LYS A 404 29.32 9.25 17.44
N GLN A 405 30.32 9.46 18.31
CA GLN A 405 30.06 10.08 19.60
C GLN A 405 29.88 11.58 19.48
N LEU A 406 30.60 12.23 18.55
CA LEU A 406 30.40 13.64 18.30
C LEU A 406 29.25 13.91 17.35
N LEU A 407 28.77 12.90 16.63
CA LEU A 407 27.65 13.07 15.73
C LEU A 407 26.30 12.98 16.43
N ARG A 408 26.27 12.54 17.69
CA ARG A 408 25.03 12.42 18.44
C ARG A 408 24.01 11.57 17.69
N GLN A 409 24.48 10.43 17.20
CA GLN A 409 23.62 9.46 16.51
C GLN A 409 23.02 8.44 17.47
N TYR A 410 23.67 8.17 18.59
CA TYR A 410 23.27 7.16 19.54
C TYR A 410 23.25 7.74 20.94
N PRO A 411 22.55 7.10 21.88
CA PRO A 411 22.57 7.56 23.27
C PRO A 411 23.98 7.62 23.82
N PRO A 412 24.28 8.60 24.66
CA PRO A 412 25.63 8.68 25.23
C PRO A 412 25.94 7.49 26.13
N GLY A 413 27.22 7.19 26.25
CA GLY A 413 27.66 6.03 27.01
C GLY A 413 27.81 6.32 28.49
N GLU A 414 28.97 6.01 29.05
CA GLU A 414 29.22 6.15 30.48
C GLU A 414 30.49 6.94 30.74
N GLY A 415 30.67 8.04 30.03
CA GLY A 415 31.84 8.89 30.18
C GLY A 415 31.48 10.33 29.98
N SER A 416 32.45 11.11 29.50
CA SER A 416 32.25 12.53 29.24
C SER A 416 32.88 12.90 27.90
N ILE A 417 32.20 13.75 27.15
CA ILE A 417 32.73 14.36 25.94
C ILE A 417 32.48 15.86 26.08
N THR A 418 33.47 16.57 26.61
CA THR A 418 33.31 17.97 26.99
C THR A 418 33.84 18.85 25.88
N PHE A 419 32.96 19.31 25.00
CA PHE A 419 33.31 20.35 24.04
C PHE A 419 33.70 21.60 24.81
N SER A 420 34.99 21.94 24.79
CA SER A 420 35.56 22.92 25.70
C SER A 420 35.31 22.38 27.10
N GLY A 421 34.66 23.12 27.99
CA GLY A 421 34.28 22.60 29.29
C GLY A 421 32.86 22.11 29.39
N VAL A 422 32.09 22.19 28.31
CA VAL A 422 30.66 21.90 28.32
C VAL A 422 30.44 20.47 27.84
N PRO A 423 29.71 19.63 28.57
CA PRO A 423 29.42 18.29 28.06
C PRO A 423 28.66 18.34 26.74
N ILE A 424 28.89 17.33 25.90
CA ILE A 424 28.26 17.32 24.59
C ILE A 424 26.75 17.31 24.71
N GLN A 425 26.21 16.71 25.77
CA GLN A 425 24.76 16.66 25.93
C GLN A 425 24.18 18.06 26.10
N GLN A 426 24.82 18.91 26.90
CA GLN A 426 24.31 20.25 27.15
C GLN A 426 24.70 21.19 26.02
N ILE A 427 24.38 20.81 24.78
CA ILE A 427 24.67 21.62 23.61
C ILE A 427 23.59 21.32 22.58
N PRO A 428 22.82 22.31 22.13
CA PRO A 428 21.70 22.01 21.23
C PRO A 428 22.18 21.30 19.97
N LEU A 429 21.37 20.33 19.51
CA LEU A 429 21.75 19.54 18.36
C LEU A 429 21.89 20.38 17.10
N ASP A 430 21.24 21.54 17.04
CA ASP A 430 21.36 22.39 15.86
C ASP A 430 22.73 23.04 15.78
N ARG A 431 23.20 23.60 16.90
CA ARG A 431 24.51 24.25 16.91
C ARG A 431 25.63 23.26 16.67
N LEU A 432 25.56 22.10 17.31
CA LEU A 432 26.61 21.10 17.17
C LEU A 432 26.74 20.65 15.72
N ARG A 433 25.61 20.36 15.07
CA ARG A 433 25.66 19.91 13.69
C ARG A 433 26.13 21.02 12.76
N GLY A 434 25.95 22.28 13.15
CA GLY A 434 26.57 23.37 12.42
C GLY A 434 28.07 23.37 12.59
N TRP A 435 28.55 23.06 13.79
CA TRP A 435 29.99 22.99 14.02
C TRP A 435 30.64 21.90 13.17
N ILE A 436 30.02 20.73 13.12
CA ILE A 436 30.65 19.53 12.56
C ILE A 436 30.43 19.50 11.05
N GLY A 437 31.51 19.28 10.31
CA GLY A 437 31.43 19.00 8.89
C GLY A 437 31.86 17.57 8.62
N TYR A 438 30.92 16.74 8.17
CA TYR A 438 31.08 15.29 8.20
C TYR A 438 31.19 14.73 6.79
N VAL A 439 32.16 13.85 6.58
CA VAL A 439 32.32 13.10 5.34
C VAL A 439 32.15 11.63 5.66
N PRO A 440 30.98 11.04 5.37
CA PRO A 440 30.75 9.65 5.75
C PRO A 440 31.64 8.69 4.96
N GLN A 441 32.00 7.57 5.60
CA GLN A 441 32.78 6.55 4.91
C GLN A 441 31.98 5.90 3.80
N ASP A 442 30.68 5.74 3.97
CA ASP A 442 29.79 5.16 2.96
C ASP A 442 29.11 6.30 2.23
N HIS A 443 29.32 6.45 0.93
CA HIS A 443 28.84 7.60 0.18
C HIS A 443 27.32 7.71 0.27
N LEU A 444 26.84 8.93 0.51
CA LEU A 444 25.41 9.23 0.56
C LEU A 444 25.16 10.45 -0.30
N LEU A 445 24.67 10.22 -1.52
CA LEU A 445 24.32 11.29 -2.44
C LEU A 445 22.85 11.18 -2.80
N PHE A 446 22.31 12.24 -3.38
CA PHE A 446 20.90 12.33 -3.72
C PHE A 446 20.72 12.50 -5.21
N SER A 447 19.50 12.23 -5.68
CA SER A 447 19.18 12.30 -7.10
C SER A 447 18.98 13.75 -7.52
N ARG A 448 20.07 14.51 -7.44
CA ARG A 448 20.08 15.90 -7.87
C ARG A 448 21.25 16.12 -8.81
N THR A 449 21.53 17.37 -9.17
CA THR A 449 22.71 17.69 -9.94
C THR A 449 23.93 17.71 -9.03
N VAL A 450 25.12 17.74 -9.65
CA VAL A 450 26.35 17.76 -8.87
C VAL A 450 26.41 19.01 -8.02
N LYS A 451 26.07 20.16 -8.60
CA LYS A 451 26.10 21.41 -7.84
C LYS A 451 25.07 21.40 -6.72
N GLU A 452 23.88 20.84 -6.97
CA GLU A 452 22.88 20.77 -5.91
C GLU A 452 23.38 19.91 -4.75
N ASN A 453 24.03 18.80 -5.06
CA ASN A 453 24.60 17.95 -4.01
C ASN A 453 25.69 18.69 -3.25
N ILE A 454 26.54 19.43 -3.96
CA ILE A 454 27.61 20.16 -3.30
C ILE A 454 27.03 21.26 -2.40
N LEU A 455 25.92 21.86 -2.83
CA LEU A 455 25.24 22.90 -2.05
C LEU A 455 24.33 22.26 -1.01
N TYR A 456 24.89 21.40 -0.15
CA TYR A 456 24.14 20.77 0.97
C TYR A 456 24.73 21.28 2.27
N GLY A 457 26.01 21.71 2.29
CA GLY A 457 26.66 22.15 3.51
C GLY A 457 26.48 23.63 3.77
N LYS A 458 26.22 24.41 2.73
CA LYS A 458 25.98 25.85 2.89
C LYS A 458 24.57 26.21 2.44
N GLN A 459 24.15 25.76 1.26
CA GLN A 459 22.81 25.92 0.69
C GLN A 459 22.56 27.31 0.13
N ASP A 460 23.44 28.29 0.38
CA ASP A 460 23.25 29.64 -0.14
C ASP A 460 24.55 30.21 -0.70
N ALA A 461 25.34 29.40 -1.37
CA ALA A 461 26.64 29.81 -1.88
C ALA A 461 26.50 30.43 -3.26
N THR A 462 27.43 31.33 -3.57
CA THR A 462 27.60 31.77 -4.95
C THR A 462 28.33 30.69 -5.74
N ASP A 463 28.22 30.76 -7.06
CA ASP A 463 28.92 29.79 -7.89
C ASP A 463 30.43 29.87 -7.70
N LYS A 464 30.93 31.01 -7.23
CA LYS A 464 32.36 31.13 -6.93
C LYS A 464 32.75 30.25 -5.75
N GLU A 465 31.88 30.17 -4.73
CA GLU A 465 32.21 29.37 -3.55
C GLU A 465 32.10 27.88 -3.84
N VAL A 466 31.16 27.49 -4.70
CA VAL A 466 31.05 26.09 -5.09
C VAL A 466 32.28 25.66 -5.87
N GLN A 467 32.82 26.56 -6.70
CA GLN A 467 34.02 26.24 -7.46
C GLN A 467 35.23 26.07 -6.54
N GLN A 468 35.30 26.84 -5.46
CA GLN A 468 36.43 26.71 -4.54
C GLN A 468 36.45 25.33 -3.90
N ALA A 469 35.27 24.83 -3.47
CA ALA A 469 35.20 23.50 -2.89
C ALA A 469 35.60 22.44 -3.90
N ILE A 470 35.16 22.58 -5.15
CA ILE A 470 35.55 21.65 -6.20
C ILE A 470 37.05 21.66 -6.38
N ALA A 471 37.66 22.84 -6.39
CA ALA A 471 39.10 22.93 -6.55
C ALA A 471 39.83 22.26 -5.38
N GLU A 472 39.34 22.47 -4.16
CA GLU A 472 40.01 21.88 -3.00
C GLU A 472 40.04 20.37 -3.06
N ALA A 473 38.90 19.76 -3.42
CA ALA A 473 38.83 18.30 -3.52
C ALA A 473 39.12 17.82 -4.95
N HIS A 474 40.19 18.33 -5.53
CA HIS A 474 40.77 17.83 -6.78
C HIS A 474 39.70 17.29 -7.74
N PHE A 475 38.65 18.08 -7.93
CA PHE A 475 37.55 17.70 -8.79
C PHE A 475 37.33 18.68 -9.94
N GLU A 476 38.15 19.73 -10.05
CA GLU A 476 38.01 20.68 -11.14
C GLU A 476 38.24 20.00 -12.49
N LYS A 477 39.25 19.14 -12.58
CA LYS A 477 39.56 18.49 -13.84
C LYS A 477 38.44 17.54 -14.27
N ASP A 478 37.97 16.71 -13.34
CA ASP A 478 36.95 15.73 -13.68
C ASP A 478 35.66 16.38 -14.15
N LEU A 479 35.42 17.63 -13.78
CA LEU A 479 34.23 18.33 -14.27
C LEU A 479 34.24 18.44 -15.78
N HIS A 480 35.42 18.57 -16.39
CA HIS A 480 35.48 18.64 -17.85
C HIS A 480 35.06 17.33 -18.50
N MET A 481 35.39 16.19 -17.87
CA MET A 481 34.99 14.90 -18.42
C MET A 481 33.48 14.73 -18.37
N LEU A 482 32.84 15.23 -17.32
CA LEU A 482 31.41 15.05 -17.19
C LEU A 482 30.69 15.75 -18.35
N PRO A 483 29.59 15.16 -18.86
CA PRO A 483 28.92 15.78 -20.00
C PRO A 483 28.35 17.16 -19.72
N SER A 484 27.86 17.39 -18.50
CA SER A 484 27.11 18.60 -18.19
C SER A 484 27.86 19.60 -17.33
N GLY A 485 28.79 19.14 -16.48
CA GLY A 485 29.59 20.09 -15.72
C GLY A 485 28.81 20.82 -14.65
N LEU A 486 28.46 20.13 -13.57
CA LEU A 486 27.66 20.60 -12.44
C LEU A 486 26.16 20.52 -12.71
N GLU A 487 25.74 19.99 -13.85
CA GLU A 487 24.34 19.70 -14.14
C GLU A 487 24.21 18.28 -14.65
N THR A 488 24.94 17.35 -14.04
CA THR A 488 25.08 16.00 -14.55
C THR A 488 24.08 15.01 -13.98
N MET A 489 23.28 15.39 -12.98
CA MET A 489 22.24 14.52 -12.46
C MET A 489 22.83 13.19 -11.98
N VAL A 490 23.58 13.27 -10.89
CA VAL A 490 24.34 12.15 -10.36
C VAL A 490 23.49 10.88 -10.29
N GLY A 491 22.18 11.03 -10.15
CA GLY A 491 21.28 9.91 -10.20
C GLY A 491 20.99 9.32 -8.82
N GLU A 492 20.03 8.39 -8.80
CA GLU A 492 19.57 7.81 -7.54
C GLU A 492 20.74 7.19 -6.80
N LYS A 493 20.88 7.56 -5.52
CA LYS A 493 21.98 7.12 -4.68
C LYS A 493 23.34 7.39 -5.32
N GLY A 494 23.39 8.31 -6.29
CA GLY A 494 24.64 8.73 -6.88
C GLY A 494 25.24 7.79 -7.90
N VAL A 495 24.49 6.82 -8.41
CA VAL A 495 25.06 5.86 -9.38
C VAL A 495 24.85 6.49 -10.75
N ALA A 496 25.67 7.50 -11.04
CA ALA A 496 25.99 7.90 -12.40
C ALA A 496 27.45 8.36 -12.47
N LEU A 497 28.22 8.16 -11.41
CA LEU A 497 29.59 8.61 -11.31
C LEU A 497 30.44 7.49 -10.74
N SER A 498 31.73 7.53 -11.06
CA SER A 498 32.65 6.56 -10.49
C SER A 498 32.62 6.63 -8.97
N GLY A 499 33.17 5.60 -8.34
CA GLY A 499 33.19 5.57 -6.89
C GLY A 499 34.00 6.69 -6.28
N GLY A 500 35.08 7.11 -6.96
CA GLY A 500 35.91 8.18 -6.45
C GLY A 500 35.44 9.57 -6.81
N GLN A 501 34.55 9.69 -7.80
CA GLN A 501 33.89 10.97 -8.05
C GLN A 501 32.80 11.23 -7.02
N LYS A 502 32.12 10.17 -6.55
CA LYS A 502 31.16 10.33 -5.48
C LYS A 502 31.84 10.81 -4.21
N GLN A 503 33.02 10.27 -3.90
CA GLN A 503 33.71 10.65 -2.68
C GLN A 503 34.14 12.11 -2.71
N ARG A 504 34.76 12.55 -3.80
CA ARG A 504 35.25 13.91 -3.86
C ARG A 504 34.10 14.91 -3.73
N ILE A 505 32.97 14.64 -4.38
CA ILE A 505 31.79 15.49 -4.18
C ILE A 505 31.48 15.57 -2.70
N SER A 506 31.46 14.42 -2.01
CA SER A 506 31.20 14.44 -0.58
C SER A 506 32.19 15.32 0.15
N ILE A 507 33.47 15.24 -0.23
CA ILE A 507 34.47 16.11 0.39
C ILE A 507 34.08 17.57 0.16
N ALA A 508 33.71 17.91 -1.07
CA ALA A 508 33.23 19.26 -1.33
C ALA A 508 32.03 19.59 -0.45
N ARG A 509 31.11 18.63 -0.30
CA ARG A 509 29.96 18.86 0.55
C ARG A 509 30.38 19.31 1.94
N ALA A 510 31.47 18.76 2.45
CA ALA A 510 31.96 19.14 3.78
C ALA A 510 32.87 20.35 3.75
N LEU A 511 33.46 20.66 2.60
CA LEU A 511 34.33 21.83 2.46
C LEU A 511 33.59 23.05 1.94
N MET A 512 32.31 22.92 1.62
CA MET A 512 31.53 24.08 1.18
C MET A 512 31.47 25.12 2.28
N ALA A 513 31.21 24.69 3.51
CA ALA A 513 31.28 25.57 4.66
C ALA A 513 32.72 25.60 5.16
N ASN A 514 32.93 26.17 6.35
CA ASN A 514 34.24 26.15 7.02
C ASN A 514 34.02 25.60 8.42
N PRO A 515 33.70 24.31 8.53
CA PRO A 515 33.32 23.75 9.83
C PRO A 515 34.46 23.87 10.82
N GLU A 516 34.10 24.16 12.08
CA GLU A 516 35.10 24.18 13.14
C GLU A 516 35.78 22.82 13.25
N ILE A 517 35.00 21.75 13.10
CA ILE A 517 35.49 20.38 13.18
C ILE A 517 35.17 19.70 11.86
N LEU A 518 36.19 19.24 11.16
CA LEU A 518 36.03 18.54 9.89
C LEU A 518 36.36 17.07 10.11
N ILE A 519 35.36 16.21 9.96
CA ILE A 519 35.54 14.77 10.13
C ILE A 519 35.58 14.14 8.74
N LEU A 520 36.67 13.44 8.44
CA LEU A 520 36.89 12.88 7.11
C LEU A 520 36.45 11.42 7.01
N ASP A 521 36.94 10.54 7.88
CA ASP A 521 36.47 9.17 7.98
C ASP A 521 36.66 8.41 6.66
N ASP A 522 37.93 8.20 6.32
CA ASP A 522 38.30 7.43 5.14
C ASP A 522 37.73 8.07 3.87
N SER A 523 38.19 9.29 3.61
CA SER A 523 37.71 10.06 2.46
C SER A 523 38.61 9.93 1.24
N LEU A 524 39.65 9.09 1.30
CA LEU A 524 40.56 8.91 0.19
C LEU A 524 40.73 7.44 -0.16
N SER A 525 39.68 6.65 0.05
CA SER A 525 39.75 5.22 -0.24
C SER A 525 39.54 4.91 -1.72
N ALA A 526 38.99 5.85 -2.50
CA ALA A 526 38.86 5.69 -3.94
C ALA A 526 39.47 6.90 -4.62
N VAL A 527 40.80 6.87 -4.76
CA VAL A 527 41.56 7.94 -5.40
C VAL A 527 42.90 7.36 -5.80
N ASP A 528 43.39 7.80 -6.95
CA ASP A 528 44.42 7.05 -7.68
C ASP A 528 45.85 7.48 -7.33
N ALA A 529 46.18 7.53 -6.05
CA ALA A 529 47.56 7.71 -5.57
C ALA A 529 48.16 9.05 -5.99
N LYS A 530 47.47 9.82 -6.81
CA LYS A 530 47.86 11.17 -7.21
C LYS A 530 46.77 12.17 -6.88
N THR A 531 45.51 11.79 -7.05
CA THR A 531 44.42 12.56 -6.48
C THR A 531 44.51 12.58 -4.96
N GLU A 532 44.94 11.46 -4.37
CA GLU A 532 45.09 11.40 -2.92
C GLU A 532 46.13 12.39 -2.44
N ALA A 533 47.28 12.45 -3.11
CA ALA A 533 48.32 13.40 -2.71
C ALA A 533 47.83 14.84 -2.85
N ALA A 534 47.18 15.14 -3.97
CA ALA A 534 46.67 16.49 -4.18
C ALA A 534 45.61 16.85 -3.15
N ILE A 535 44.69 15.93 -2.85
CA ILE A 535 43.64 16.24 -1.89
C ILE A 535 44.21 16.37 -0.49
N ILE A 536 45.21 15.54 -0.15
CA ILE A 536 45.84 15.68 1.17
C ILE A 536 46.54 17.02 1.28
N LYS A 537 47.24 17.44 0.22
CA LYS A 537 47.88 18.75 0.23
C LYS A 537 46.85 19.86 0.40
N ASN A 538 45.74 19.76 -0.33
CA ASN A 538 44.70 20.79 -0.25
C ASN A 538 44.09 20.85 1.13
N ILE A 539 43.85 19.69 1.75
CA ILE A 539 43.26 19.68 3.09
C ILE A 539 44.25 20.21 4.11
N ARG A 540 45.54 19.88 3.95
CA ARG A 540 46.55 20.41 4.87
C ARG A 540 46.63 21.92 4.77
N GLU A 541 46.58 22.47 3.55
CA GLU A 541 46.60 23.93 3.40
C GLU A 541 45.32 24.56 3.90
N ASN A 542 44.18 23.88 3.72
CA ASN A 542 42.89 24.44 4.08
C ASN A 542 42.61 24.39 5.57
N ARG A 543 43.08 23.35 6.26
CA ARG A 543 42.79 23.13 7.66
C ARG A 543 44.04 23.35 8.52
N LYS A 544 44.85 24.33 8.17
CA LYS A 544 46.10 24.57 8.90
C LYS A 544 45.83 24.90 10.36
N GLY A 545 44.82 25.74 10.62
CA GLY A 545 44.54 26.16 11.98
C GLY A 545 43.26 25.59 12.57
N LYS A 546 42.50 24.84 11.78
CA LYS A 546 41.21 24.33 12.20
C LYS A 546 41.32 22.88 12.65
N THR A 547 40.28 22.41 13.33
CA THR A 547 40.27 21.07 13.94
C THR A 547 39.77 20.04 12.94
N THR A 548 40.51 18.95 12.81
CA THR A 548 40.18 17.88 11.88
C THR A 548 40.29 16.54 12.58
N PHE A 549 39.51 15.56 12.10
CA PHE A 549 39.49 14.19 12.61
C PHE A 549 39.68 13.27 11.42
N ILE A 550 40.92 12.90 11.13
CA ILE A 550 41.24 12.06 9.98
C ILE A 550 41.31 10.62 10.45
N LEU A 551 40.45 9.77 9.88
CA LEU A 551 40.50 8.33 10.08
C LEU A 551 40.91 7.68 8.78
N THR A 552 41.97 6.87 8.82
CA THR A 552 42.57 6.34 7.61
C THR A 552 43.07 4.93 7.86
N HIS A 553 43.19 4.18 6.77
CA HIS A 553 43.90 2.91 6.76
C HIS A 553 45.26 3.01 6.09
N ARG A 554 45.56 4.13 5.44
CA ARG A 554 46.87 4.42 4.86
C ARG A 554 47.53 5.49 5.72
N LEU A 555 48.53 5.08 6.49
CA LEU A 555 49.13 5.95 7.49
C LEU A 555 49.95 7.09 6.90
N SER A 556 49.99 7.23 5.58
CA SER A 556 50.62 8.38 4.95
C SER A 556 49.70 9.60 4.91
N ALA A 557 48.44 9.44 5.30
CA ALA A 557 47.50 10.56 5.34
C ALA A 557 47.45 11.25 6.69
N VAL A 558 48.10 10.70 7.72
CA VAL A 558 48.08 11.28 9.05
C VAL A 558 49.52 11.47 9.54
N GLU A 559 50.45 11.67 8.61
CA GLU A 559 51.82 11.99 9.00
C GLU A 559 51.92 13.36 9.63
N HIS A 560 51.02 14.28 9.26
CA HIS A 560 51.02 15.63 9.80
C HIS A 560 50.20 15.77 11.08
N ALA A 561 49.50 14.73 11.50
CA ALA A 561 48.63 14.83 12.66
C ALA A 561 49.44 15.12 13.92
N ASP A 562 48.88 15.99 14.78
CA ASP A 562 49.52 16.27 16.05
C ASP A 562 49.34 15.13 17.05
N LEU A 563 48.37 14.25 16.81
CA LEU A 563 48.11 13.13 17.71
C LEU A 563 47.49 12.00 16.89
N ILE A 564 48.06 10.80 17.02
CA ILE A 564 47.58 9.62 16.31
C ILE A 564 47.14 8.60 17.36
N LEU A 565 45.94 8.06 17.19
CA LEU A 565 45.39 7.05 18.08
C LEU A 565 45.24 5.75 17.30
N VAL A 566 45.82 4.68 17.84
CA VAL A 566 45.73 3.35 17.24
C VAL A 566 44.74 2.54 18.08
N MET A 567 43.71 2.03 17.43
CA MET A 567 42.61 1.32 18.07
C MET A 567 42.84 -0.18 18.01
N ASP A 568 42.20 -0.89 18.93
CA ASP A 568 42.12 -2.34 18.89
C ASP A 568 41.00 -2.78 19.81
N GLY A 569 40.03 -3.49 19.26
CA GLY A 569 38.84 -3.79 20.03
C GLY A 569 38.03 -2.53 20.28
N GLY A 570 38.03 -2.07 21.52
CA GLY A 570 37.41 -0.80 21.84
C GLY A 570 38.42 0.19 22.39
N VAL A 571 39.43 -0.33 23.09
CA VAL A 571 40.43 0.53 23.72
C VAL A 571 41.47 0.96 22.68
N ILE A 572 42.23 1.99 23.02
CA ILE A 572 43.33 2.47 22.20
C ILE A 572 44.63 1.96 22.83
N ALA A 573 45.50 1.39 22.00
CA ALA A 573 46.75 0.83 22.50
C ALA A 573 47.90 1.82 22.38
N GLU A 574 48.08 2.41 21.21
CA GLU A 574 49.18 3.32 20.95
C GLU A 574 48.67 4.75 20.79
N ARG A 575 49.53 5.70 21.14
CA ARG A 575 49.18 7.11 21.01
C ARG A 575 50.47 7.91 20.96
N GLY A 576 50.37 9.10 20.38
CA GLY A 576 51.49 9.99 20.17
C GLY A 576 51.53 10.45 18.73
N THR A 577 52.61 11.13 18.38
CA THR A 577 52.77 11.64 17.02
C THR A 577 53.40 10.55 16.13
N HIS A 578 53.54 10.85 14.85
CA HIS A 578 54.04 9.87 13.90
C HIS A 578 55.44 9.40 14.28
N GLN A 579 56.32 10.34 14.66
CA GLN A 579 57.68 9.95 15.01
C GLN A 579 57.73 9.17 16.31
N GLU A 580 56.75 9.39 17.20
CA GLU A 580 56.71 8.66 18.46
C GLU A 580 56.23 7.23 18.28
N LEU A 581 55.32 7.00 17.33
CA LEU A 581 54.77 5.66 17.13
C LEU A 581 55.69 4.75 16.33
N LEU A 582 56.68 5.30 15.64
CA LEU A 582 57.68 4.47 14.98
C LEU A 582 58.76 3.99 15.94
N ALA A 583 58.86 4.58 17.12
CA ALA A 583 59.79 4.13 18.15
C ALA A 583 59.14 3.16 19.12
N ASN A 584 57.86 2.84 18.95
CA ASN A 584 57.19 1.89 19.81
C ASN A 584 57.31 0.45 19.34
N ASN A 585 57.60 0.23 18.06
CA ASN A 585 57.70 -1.11 17.49
C ASN A 585 56.40 -1.89 17.71
N GLY A 586 55.28 -1.19 17.60
CA GLY A 586 53.97 -1.78 17.78
C GLY A 586 53.28 -2.03 16.46
N TRP A 587 51.95 -2.04 16.49
CA TRP A 587 51.18 -2.21 15.27
C TRP A 587 51.44 -1.06 14.30
N TYR A 588 51.58 0.15 14.81
CA TYR A 588 51.77 1.31 13.94
C TYR A 588 53.07 1.20 13.16
N ARG A 589 54.17 0.88 13.83
CA ARG A 589 55.45 0.78 13.14
C ARG A 589 55.43 -0.35 12.12
N GLU A 590 54.88 -1.51 12.50
CA GLU A 590 54.80 -2.62 11.55
C GLU A 590 54.00 -2.22 10.32
N GLN A 591 52.85 -1.58 10.54
CA GLN A 591 52.01 -1.11 9.43
C GLN A 591 52.85 -0.19 8.57
N TYR A 592 53.47 0.84 9.15
CA TYR A 592 54.22 1.83 8.37
C TYR A 592 55.28 1.16 7.52
N GLU A 593 56.04 0.22 8.11
CA GLU A 593 57.06 -0.47 7.33
C GLU A 593 56.43 -1.29 6.22
N ARG A 594 55.26 -1.89 6.47
CA ARG A 594 54.57 -2.63 5.43
C ARG A 594 54.09 -1.71 4.31
N GLN A 595 53.78 -0.45 4.62
CA GLN A 595 53.21 0.47 3.65
C GLN A 595 54.24 1.41 3.02
N GLN A 596 55.40 1.59 3.64
CA GLN A 596 56.41 2.51 3.12
C GLN A 596 57.51 1.81 2.34
N LEU A 597 57.36 0.50 2.09
CA LEU A 597 58.33 -0.25 1.31
C LEU A 597 57.74 -0.79 0.01
N PHE A 598 56.59 -1.44 0.07
CA PHE A 598 55.93 -1.97 -1.12
C PHE A 598 56.80 -3.00 -1.83
N LYS B 2 -4.41 -3.79 -23.78
CA LYS B 2 -5.55 -3.00 -23.23
C LYS B 2 -5.83 -3.40 -21.79
N ILE B 3 -6.23 -2.42 -20.98
CA ILE B 3 -6.50 -2.69 -19.56
C ILE B 3 -7.66 -3.67 -19.42
N GLY B 4 -8.75 -3.40 -20.14
CA GLY B 4 -9.91 -4.28 -20.05
C GLY B 4 -9.61 -5.69 -20.51
N LYS B 5 -8.94 -5.82 -21.66
CA LYS B 5 -8.63 -7.14 -22.19
C LYS B 5 -7.69 -7.91 -21.26
N THR B 6 -6.68 -7.23 -20.70
CA THR B 6 -5.77 -7.91 -19.79
C THR B 6 -6.46 -8.34 -18.51
N LEU B 7 -7.32 -7.48 -17.94
CA LEU B 7 -8.06 -7.86 -16.76
C LEU B 7 -8.99 -9.05 -17.06
N TRP B 8 -9.63 -9.03 -18.23
CA TRP B 8 -10.51 -10.14 -18.60
C TRP B 8 -9.72 -11.43 -18.74
N ARG B 9 -8.53 -11.37 -19.35
CA ARG B 9 -7.74 -12.58 -19.48
C ARG B 9 -7.29 -13.11 -18.12
N TYR B 10 -6.90 -12.21 -17.23
CA TYR B 10 -6.55 -12.65 -15.88
C TYR B 10 -7.74 -13.30 -15.19
N ALA B 11 -8.94 -12.78 -15.40
CA ALA B 11 -10.14 -13.43 -14.87
C ALA B 11 -10.35 -14.80 -15.50
N LEU B 12 -10.17 -14.91 -16.82
CA LEU B 12 -10.32 -16.18 -17.51
C LEU B 12 -9.32 -17.21 -17.03
N LEU B 13 -8.19 -16.79 -16.47
CA LEU B 13 -7.28 -17.75 -15.87
C LEU B 13 -7.95 -18.55 -14.77
N TYR B 14 -9.01 -18.02 -14.17
CA TYR B 14 -9.82 -18.72 -13.17
C TYR B 14 -11.28 -18.62 -13.64
N ARG B 15 -11.67 -19.55 -14.50
CA ARG B 15 -12.98 -19.52 -15.14
C ARG B 15 -13.97 -20.49 -14.53
N LYS B 16 -13.51 -21.42 -13.70
CA LYS B 16 -14.41 -22.33 -12.98
C LYS B 16 -14.90 -21.74 -11.68
N LEU B 17 -14.03 -21.11 -10.90
CA LEU B 17 -14.44 -20.50 -9.64
C LEU B 17 -15.47 -19.40 -9.86
N LEU B 18 -15.25 -18.50 -10.82
CA LEU B 18 -16.20 -17.43 -11.07
C LEU B 18 -17.53 -17.94 -11.59
N ILE B 19 -17.52 -18.91 -12.49
CA ILE B 19 -18.78 -19.47 -12.99
C ILE B 19 -19.55 -20.13 -11.87
N THR B 20 -18.87 -20.91 -11.03
CA THR B 20 -19.54 -21.54 -9.90
C THR B 20 -20.07 -20.49 -8.93
N ALA B 21 -19.31 -19.43 -8.69
CA ALA B 21 -19.77 -18.38 -7.78
C ALA B 21 -21.03 -17.71 -8.31
N VAL B 22 -21.06 -17.41 -9.61
CA VAL B 22 -22.24 -16.73 -10.16
C VAL B 22 -23.43 -17.67 -10.15
N LEU B 23 -23.23 -18.96 -10.40
CA LEU B 23 -24.34 -19.90 -10.33
C LEU B 23 -24.90 -20.01 -8.92
N LEU B 24 -24.02 -20.10 -7.92
CA LEU B 24 -24.47 -20.15 -6.54
C LEU B 24 -25.21 -18.87 -6.17
N LEU B 25 -24.69 -17.72 -6.60
CA LEU B 25 -25.35 -16.46 -6.29
C LEU B 25 -26.71 -16.36 -6.95
N THR B 26 -26.84 -16.90 -8.17
CA THR B 26 -28.14 -16.97 -8.81
C THR B 26 -29.10 -17.83 -7.99
N VAL B 27 -28.63 -18.97 -7.50
CA VAL B 27 -29.49 -19.84 -6.69
C VAL B 27 -29.95 -19.12 -5.43
N ALA B 28 -29.07 -18.32 -4.83
CA ALA B 28 -29.46 -17.56 -3.64
C ALA B 28 -30.47 -16.47 -3.98
N VAL B 29 -30.19 -15.70 -5.03
CA VAL B 29 -31.06 -14.59 -5.42
C VAL B 29 -32.45 -15.11 -5.79
N GLY B 30 -32.52 -16.34 -6.30
CA GLY B 30 -33.82 -16.91 -6.62
C GLY B 30 -34.78 -16.87 -5.45
N ALA B 31 -34.34 -17.38 -4.30
CA ALA B 31 -35.18 -17.34 -3.10
C ALA B 31 -35.31 -15.92 -2.56
N GLU B 32 -34.18 -15.19 -2.53
CA GLU B 32 -34.23 -13.83 -2.02
C GLU B 32 -35.31 -13.01 -2.70
N LEU B 33 -35.54 -13.25 -3.99
CA LEU B 33 -36.54 -12.50 -4.73
C LEU B 33 -37.87 -13.22 -4.89
N THR B 34 -37.93 -14.53 -4.60
CA THR B 34 -39.22 -15.18 -4.55
C THR B 34 -39.97 -14.81 -3.28
N GLY B 35 -39.27 -14.30 -2.28
CA GLY B 35 -39.92 -13.78 -1.10
C GLY B 35 -41.09 -12.85 -1.37
N PRO B 36 -40.81 -11.72 -2.03
CA PRO B 36 -41.89 -10.74 -2.29
C PRO B 36 -43.04 -11.31 -3.10
N PHE B 37 -42.77 -12.30 -3.97
CA PHE B 37 -43.82 -12.99 -4.76
C PHE B 37 -44.72 -13.77 -3.79
N ILE B 38 -44.15 -14.34 -2.73
CA ILE B 38 -44.93 -14.99 -1.67
C ILE B 38 -45.78 -13.95 -0.94
N GLY B 39 -45.20 -12.78 -0.67
CA GLY B 39 -45.97 -11.73 -0.01
C GLY B 39 -47.18 -11.31 -0.83
N LYS B 40 -46.99 -11.12 -2.14
CA LYS B 40 -48.10 -10.75 -3.01
C LYS B 40 -49.17 -11.84 -3.02
N LYS B 41 -48.75 -13.11 -3.12
CA LYS B 41 -49.71 -14.20 -3.11
C LYS B 41 -50.51 -14.18 -1.82
N MET B 42 -49.85 -13.96 -0.69
CA MET B 42 -50.55 -13.90 0.59
C MET B 42 -51.55 -12.76 0.61
N ILE B 43 -51.16 -11.59 0.09
CA ILE B 43 -52.04 -10.42 0.16
C ILE B 43 -53.25 -10.60 -0.75
N ASP B 44 -53.04 -11.12 -1.96
CA ASP B 44 -54.11 -11.17 -2.95
C ASP B 44 -55.10 -12.30 -2.73
N ASP B 45 -54.74 -13.33 -1.96
CA ASP B 45 -55.61 -14.47 -1.74
C ASP B 45 -56.15 -14.57 -0.33
N HIS B 46 -55.44 -14.03 0.66
CA HIS B 46 -55.89 -14.11 2.05
C HIS B 46 -56.56 -12.83 2.52
N ILE B 47 -55.94 -11.68 2.30
CA ILE B 47 -56.47 -10.42 2.81
C ILE B 47 -57.51 -9.79 1.90
N LEU B 48 -57.52 -10.14 0.61
CA LEU B 48 -58.54 -9.66 -0.31
C LEU B 48 -59.40 -10.80 -0.83
N GLY B 49 -59.41 -11.94 -0.15
CA GLY B 49 -60.27 -13.04 -0.52
C GLY B 49 -61.67 -12.87 0.02
N ILE B 50 -61.80 -12.08 1.09
CA ILE B 50 -63.11 -11.85 1.70
C ILE B 50 -64.08 -11.22 0.71
N GLU B 51 -63.57 -10.56 -0.34
CA GLU B 51 -64.42 -9.90 -1.31
C GLU B 51 -65.17 -10.87 -2.21
N LYS B 52 -64.84 -12.17 -2.16
CA LYS B 52 -65.44 -13.14 -3.05
C LYS B 52 -66.89 -13.39 -2.66
N THR B 53 -67.53 -14.32 -3.37
CA THR B 53 -68.91 -14.68 -3.11
C THR B 53 -68.99 -15.69 -1.96
N TRP B 54 -70.19 -15.83 -1.41
CA TRP B 54 -70.40 -16.61 -0.19
C TRP B 54 -71.71 -17.39 -0.34
N TYR B 55 -72.27 -17.83 0.79
CA TYR B 55 -73.55 -18.51 0.84
C TYR B 55 -73.80 -19.92 0.32
N GLU B 56 -72.81 -20.80 0.52
CA GLU B 56 -73.04 -22.24 0.51
C GLU B 56 -73.03 -22.95 1.86
N ALA B 57 -73.75 -24.06 1.94
CA ALA B 57 -73.90 -24.80 3.20
C ALA B 57 -72.65 -25.58 3.58
N ALA B 58 -71.57 -25.50 2.81
CA ALA B 58 -70.33 -26.19 3.12
C ALA B 58 -70.55 -27.70 3.23
N GLU B 59 -70.94 -28.29 2.10
CA GLU B 59 -71.17 -29.74 2.08
C GLU B 59 -69.91 -30.52 2.38
N LYS B 60 -68.74 -29.98 2.04
CA LYS B 60 -67.48 -30.70 2.18
C LYS B 60 -66.32 -29.70 2.22
N ASP B 61 -65.12 -30.20 1.96
CA ASP B 61 -63.91 -29.39 1.88
C ASP B 61 -63.58 -28.73 3.23
N LYS B 62 -63.32 -27.41 3.24
CA LYS B 62 -62.69 -26.75 4.39
C LYS B 62 -63.67 -26.25 5.44
N ASN B 63 -64.79 -26.95 5.65
CA ASN B 63 -65.75 -26.60 6.69
C ASN B 63 -66.25 -25.20 6.30
N ALA B 64 -66.47 -24.29 7.23
CA ALA B 64 -67.11 -23.02 6.91
C ALA B 64 -66.83 -22.02 8.02
N VAL B 65 -67.30 -20.78 7.82
CA VAL B 65 -67.11 -19.71 8.78
C VAL B 65 -68.11 -19.59 9.92
N GLN B 66 -69.35 -20.04 9.75
CA GLN B 66 -70.38 -19.99 10.79
C GLN B 66 -70.64 -18.54 11.22
N PHE B 67 -71.14 -17.74 10.28
CA PHE B 67 -71.40 -16.34 10.57
C PHE B 67 -72.48 -16.19 11.65
N HIS B 68 -73.72 -16.56 11.33
CA HIS B 68 -74.82 -16.39 12.28
C HIS B 68 -75.40 -17.73 12.74
N GLY B 69 -75.89 -18.54 11.81
CA GLY B 69 -76.39 -19.85 12.15
C GLY B 69 -76.12 -20.88 11.07
N VAL B 70 -75.44 -20.48 10.00
CA VAL B 70 -75.23 -21.31 8.83
C VAL B 70 -73.77 -21.30 8.45
N SER B 71 -73.36 -22.32 7.71
CA SER B 71 -71.99 -22.44 7.25
C SER B 71 -71.76 -21.51 6.05
N TYR B 72 -70.63 -20.80 6.07
CA TYR B 72 -70.23 -19.92 4.98
C TYR B 72 -68.82 -20.29 4.52
N VAL B 73 -68.66 -20.47 3.21
CA VAL B 73 -67.36 -20.62 2.56
C VAL B 73 -67.37 -19.72 1.34
N ARG B 74 -66.22 -19.08 1.05
CA ARG B 74 -66.29 -18.02 0.05
C ARG B 74 -65.96 -18.45 -1.37
N GLU B 75 -64.68 -18.69 -1.69
CA GLU B 75 -64.32 -19.09 -3.05
C GLU B 75 -63.37 -20.28 -3.10
N ASP B 76 -62.26 -20.18 -2.37
CA ASP B 76 -61.12 -21.05 -2.63
C ASP B 76 -61.42 -22.49 -2.23
N ARG B 77 -61.93 -22.69 -1.03
CA ARG B 77 -62.32 -24.01 -0.56
C ARG B 77 -63.79 -24.30 -0.82
N LEU B 78 -64.47 -23.42 -1.56
CA LEU B 78 -65.83 -23.67 -2.04
C LEU B 78 -65.85 -23.96 -3.53
N GLN B 79 -64.69 -24.08 -4.17
CA GLN B 79 -64.64 -24.31 -5.61
C GLN B 79 -65.22 -25.64 -6.02
N GLU B 80 -65.45 -26.56 -5.08
CA GLU B 80 -66.09 -27.82 -5.41
C GLU B 80 -67.51 -27.56 -5.91
N PRO B 81 -68.06 -28.46 -6.73
CA PRO B 81 -69.40 -28.21 -7.30
C PRO B 81 -70.43 -27.86 -6.24
N VAL B 82 -70.92 -26.62 -6.28
CA VAL B 82 -71.89 -26.14 -5.31
C VAL B 82 -72.81 -25.12 -5.97
N SER B 83 -73.80 -24.64 -5.20
CA SER B 83 -74.71 -23.59 -5.66
C SER B 83 -74.24 -22.27 -5.03
N LYS B 84 -73.27 -21.63 -5.69
CA LYS B 84 -72.72 -20.38 -5.16
C LYS B 84 -73.67 -19.21 -5.35
N ALA B 85 -74.45 -19.21 -6.44
CA ALA B 85 -75.39 -18.13 -6.72
C ALA B 85 -74.65 -16.81 -6.90
N LYS B 86 -75.37 -15.69 -6.77
CA LYS B 86 -74.83 -14.36 -6.98
C LYS B 86 -75.17 -13.46 -5.80
N GLU B 87 -74.94 -13.94 -4.59
CA GLU B 87 -75.35 -13.26 -3.38
C GLU B 87 -74.25 -13.34 -2.33
N ALA B 88 -74.47 -12.62 -1.23
CA ALA B 88 -73.59 -12.67 -0.05
C ALA B 88 -72.17 -12.23 -0.40
N HIS B 89 -72.07 -10.95 -0.76
CA HIS B 89 -70.80 -10.30 -1.03
C HIS B 89 -70.50 -9.30 0.08
N ILE B 90 -69.30 -9.38 0.64
CA ILE B 90 -68.86 -8.45 1.66
C ILE B 90 -68.11 -7.30 1.01
N TYR B 91 -68.09 -6.15 1.67
CA TYR B 91 -67.40 -4.98 1.17
C TYR B 91 -66.79 -4.21 2.33
N GLN B 92 -65.82 -3.36 2.00
CA GLN B 92 -65.11 -2.54 2.98
C GLN B 92 -65.39 -1.08 2.68
N VAL B 93 -65.83 -0.34 3.71
CA VAL B 93 -66.05 1.09 3.61
C VAL B 93 -65.41 1.71 4.85
N GLY B 94 -64.36 2.50 4.65
CA GLY B 94 -63.63 3.04 5.78
C GLY B 94 -63.09 1.90 6.63
N MET B 95 -63.37 1.97 7.93
CA MET B 95 -62.96 0.94 8.87
C MET B 95 -64.07 -0.09 9.11
N ALA B 96 -65.19 0.01 8.40
CA ALA B 96 -66.34 -0.86 8.61
C ALA B 96 -66.44 -1.87 7.48
N PHE B 97 -66.50 -3.15 7.84
CA PHE B 97 -66.70 -4.23 6.89
C PHE B 97 -68.17 -4.65 6.94
N TYR B 98 -68.87 -4.48 5.82
CA TYR B 98 -70.30 -4.72 5.76
C TYR B 98 -70.58 -5.96 4.93
N PHE B 99 -71.35 -6.90 5.50
CA PHE B 99 -71.80 -8.10 4.81
C PHE B 99 -73.19 -7.82 4.25
N VAL B 100 -73.27 -7.64 2.93
CA VAL B 100 -74.56 -7.34 2.31
C VAL B 100 -75.52 -8.51 2.49
N ASP B 101 -75.02 -9.74 2.34
CA ASP B 101 -75.83 -10.95 2.52
C ASP B 101 -76.99 -10.99 1.54
N GLN B 102 -76.88 -10.28 0.42
CA GLN B 102 -77.96 -10.19 -0.55
C GLN B 102 -77.39 -10.24 -1.96
N ALA B 103 -78.25 -10.57 -2.92
CA ALA B 103 -77.84 -10.61 -4.32
C ALA B 103 -77.32 -9.25 -4.77
N VAL B 104 -76.04 -9.17 -5.10
CA VAL B 104 -75.42 -7.92 -5.53
C VAL B 104 -75.49 -7.85 -7.05
N SER B 105 -76.05 -6.75 -7.57
CA SER B 105 -76.18 -6.59 -9.01
C SER B 105 -74.84 -6.19 -9.64
N PHE B 106 -74.30 -5.04 -9.24
CA PHE B 106 -73.07 -4.52 -9.80
C PHE B 106 -72.27 -3.85 -8.70
N ASP B 107 -71.08 -3.39 -9.04
CA ASP B 107 -70.19 -2.74 -8.09
C ASP B 107 -69.34 -1.71 -8.83
N GLY B 108 -68.36 -1.16 -8.13
CA GLY B 108 -67.46 -0.19 -8.72
C GLY B 108 -67.14 0.97 -7.80
N ASN B 109 -68.10 1.37 -6.97
CA ASN B 109 -67.92 2.42 -5.99
C ASN B 109 -68.46 1.93 -4.65
N ARG B 110 -67.56 1.59 -3.73
CA ARG B 110 -67.94 0.99 -2.46
C ARG B 110 -68.41 2.08 -1.51
N THR B 111 -69.70 2.07 -1.17
CA THR B 111 -70.27 3.00 -0.21
C THR B 111 -71.61 2.47 0.23
N VAL B 112 -71.84 2.42 1.54
CA VAL B 112 -73.06 1.84 2.08
C VAL B 112 -73.89 2.91 2.79
N SER B 113 -73.22 3.92 3.34
CA SER B 113 -73.89 4.97 4.09
C SER B 113 -74.93 4.38 5.04
N ASP B 114 -76.21 4.48 4.68
CA ASP B 114 -77.29 3.91 5.48
C ASP B 114 -77.64 2.50 5.03
N GLY B 115 -76.64 1.63 4.98
CA GLY B 115 -76.85 0.25 4.59
C GLY B 115 -77.44 0.10 3.20
N LYS B 116 -76.88 0.82 2.23
CA LYS B 116 -77.30 0.75 0.84
C LYS B 116 -76.12 0.33 -0.04
N LEU B 117 -76.34 0.35 -1.34
CA LEU B 117 -75.26 0.15 -2.31
C LEU B 117 -74.73 1.47 -2.88
N THR B 118 -75.46 2.56 -2.67
CA THR B 118 -75.02 3.91 -3.09
C THR B 118 -74.76 3.88 -4.59
N ILE B 119 -73.56 4.18 -5.05
CA ILE B 119 -73.25 4.27 -6.48
C ILE B 119 -72.40 3.08 -6.88
N THR B 120 -72.61 2.62 -8.12
CA THR B 120 -71.85 1.49 -8.69
C THR B 120 -71.45 1.90 -10.10
N ASN B 121 -70.27 2.53 -10.21
CA ASN B 121 -69.77 3.03 -11.50
C ASN B 121 -70.78 3.97 -12.15
N GLY B 122 -71.61 4.61 -11.35
CA GLY B 122 -72.64 5.50 -11.86
C GLY B 122 -73.92 4.82 -12.27
N ASP B 123 -74.12 3.55 -11.91
CA ASP B 123 -75.31 2.80 -12.29
C ASP B 123 -76.38 2.79 -11.22
N LYS B 124 -76.01 2.69 -9.94
CA LYS B 124 -76.95 2.69 -8.84
C LYS B 124 -77.97 1.55 -8.99
N SER B 125 -77.46 0.32 -8.91
CA SER B 125 -78.25 -0.87 -9.16
C SER B 125 -78.78 -1.43 -7.84
N ARG B 126 -80.00 -1.07 -7.48
CA ARG B 126 -80.76 -1.73 -6.43
C ARG B 126 -80.01 -1.70 -5.09
N ALA B 127 -79.89 -0.50 -4.54
CA ALA B 127 -79.31 -0.31 -3.21
C ALA B 127 -79.73 -1.44 -2.28
N TYR B 128 -78.74 -2.02 -1.60
CA TYR B 128 -78.92 -3.25 -0.85
C TYR B 128 -78.68 -3.03 0.64
N ALA B 129 -79.46 -3.73 1.46
CA ALA B 129 -79.27 -3.68 2.90
C ALA B 129 -77.94 -4.30 3.27
N ALA B 130 -77.27 -3.70 4.26
CA ALA B 130 -75.95 -4.14 4.71
C ALA B 130 -76.02 -4.57 6.17
N GLU B 131 -74.86 -4.92 6.71
CA GLU B 131 -74.76 -5.36 8.10
C GLU B 131 -73.33 -5.16 8.57
N LYS B 132 -73.13 -4.26 9.53
CA LYS B 132 -71.79 -3.95 10.01
C LYS B 132 -71.24 -5.10 10.86
N LEU B 133 -69.93 -5.31 10.76
CA LEU B 133 -69.23 -6.32 11.55
C LEU B 133 -68.13 -5.74 12.40
N THR B 134 -67.30 -4.85 11.86
CA THR B 134 -66.21 -4.24 12.61
C THR B 134 -65.13 -5.27 12.93
N LYS B 135 -64.59 -5.26 14.16
CA LYS B 135 -63.43 -6.08 14.50
C LYS B 135 -63.82 -7.36 15.24
N GLN B 136 -64.44 -7.22 16.41
CA GLN B 136 -64.64 -8.35 17.30
C GLN B 136 -66.01 -8.99 17.19
N GLU B 137 -66.92 -8.41 16.39
CA GLU B 137 -68.24 -9.02 16.23
C GLU B 137 -68.10 -10.46 15.72
N LEU B 138 -67.59 -10.62 14.50
CA LEU B 138 -67.33 -11.95 13.96
C LEU B 138 -66.25 -11.81 12.90
N PHE B 139 -65.02 -12.19 13.25
CA PHE B 139 -63.90 -12.16 12.33
C PHE B 139 -63.32 -13.55 12.08
N GLN B 140 -64.16 -14.58 12.14
CA GLN B 140 -63.83 -15.91 11.64
C GLN B 140 -63.92 -15.98 10.12
N PHE B 141 -64.20 -14.83 9.50
CA PHE B 141 -64.34 -14.77 8.05
C PHE B 141 -63.05 -15.12 7.34
N TYR B 142 -61.90 -14.81 7.94
CA TYR B 142 -60.60 -15.11 7.39
C TYR B 142 -59.99 -16.38 7.97
N GLN B 143 -60.77 -17.15 8.73
CA GLN B 143 -60.24 -18.37 9.34
C GLN B 143 -59.61 -19.32 8.32
N PRO B 144 -60.19 -19.55 7.14
CA PRO B 144 -59.54 -20.46 6.18
C PRO B 144 -58.16 -19.98 5.73
N GLU B 145 -57.86 -18.69 5.83
CA GLU B 145 -56.62 -18.14 5.31
C GLU B 145 -55.45 -18.27 6.28
N ILE B 146 -55.70 -18.59 7.54
CA ILE B 146 -54.62 -18.70 8.51
C ILE B 146 -53.67 -19.83 8.11
N LYS B 147 -54.22 -20.96 7.69
CA LYS B 147 -53.40 -22.09 7.26
C LYS B 147 -52.51 -21.70 6.10
N GLY B 148 -53.08 -21.04 5.09
CA GLY B 148 -52.28 -20.62 3.95
C GLY B 148 -51.18 -19.66 4.34
N MET B 149 -51.48 -18.70 5.22
CA MET B 149 -50.46 -17.75 5.66
C MET B 149 -49.33 -18.45 6.38
N VAL B 150 -49.66 -19.34 7.32
CA VAL B 150 -48.61 -20.01 8.09
C VAL B 150 -47.77 -20.87 7.15
N LEU B 151 -48.41 -21.51 6.17
CA LEU B 151 -47.65 -22.33 5.23
C LEU B 151 -46.70 -21.48 4.39
N LEU B 152 -47.16 -20.31 3.93
CA LEU B 152 -46.29 -19.43 3.16
C LEU B 152 -45.12 -18.92 4.02
N ILE B 153 -45.40 -18.55 5.26
CA ILE B 153 -44.36 -18.08 6.16
C ILE B 153 -43.30 -19.17 6.35
N CYS B 154 -43.76 -20.40 6.58
CA CYS B 154 -42.82 -21.50 6.78
C CYS B 154 -42.05 -21.82 5.51
N LEU B 155 -42.69 -21.68 4.35
CA LEU B 155 -41.99 -21.90 3.09
C LEU B 155 -40.85 -20.90 2.93
N TYR B 156 -41.12 -19.62 3.15
CA TYR B 156 -40.05 -18.63 3.02
C TYR B 156 -38.97 -18.84 4.09
N GLY B 157 -39.38 -19.18 5.32
CA GLY B 157 -38.40 -19.49 6.35
C GLY B 157 -37.49 -20.63 5.94
N GLY B 158 -38.05 -21.64 5.27
CA GLY B 158 -37.23 -22.73 4.76
C GLY B 158 -36.28 -22.27 3.67
N LEU B 159 -36.78 -21.45 2.74
CA LEU B 159 -35.92 -20.95 1.66
C LEU B 159 -34.77 -20.10 2.20
N LEU B 160 -34.93 -19.51 3.39
CA LEU B 160 -33.86 -18.69 3.94
C LEU B 160 -32.58 -19.51 4.16
N VAL B 161 -32.70 -20.76 4.62
CA VAL B 161 -31.52 -21.57 4.88
C VAL B 161 -30.84 -21.97 3.57
N PHE B 162 -31.64 -22.34 2.56
CA PHE B 162 -31.08 -22.53 1.22
C PHE B 162 -30.24 -21.33 0.82
N SER B 163 -30.81 -20.14 1.02
CA SER B 163 -30.10 -18.92 0.66
C SER B 163 -28.81 -18.77 1.46
N VAL B 164 -28.84 -19.09 2.75
CA VAL B 164 -27.64 -18.87 3.57
C VAL B 164 -26.51 -19.78 3.09
N PHE B 165 -26.81 -21.06 2.83
CA PHE B 165 -25.78 -21.96 2.33
C PHE B 165 -25.20 -21.46 1.01
N PHE B 166 -26.07 -21.13 0.05
CA PHE B 166 -25.57 -20.77 -1.26
C PHE B 166 -24.83 -19.43 -1.23
N GLN B 167 -25.25 -18.50 -0.37
CA GLN B 167 -24.54 -17.24 -0.24
C GLN B 167 -23.15 -17.46 0.34
N TYR B 168 -23.03 -18.34 1.33
CA TYR B 168 -21.69 -18.66 1.83
C TYR B 168 -20.83 -19.22 0.70
N GLY B 169 -21.37 -20.16 -0.06
CA GLY B 169 -20.58 -20.75 -1.13
C GLY B 169 -20.10 -19.73 -2.15
N GLN B 170 -21.02 -18.88 -2.62
CA GLN B 170 -20.65 -17.91 -3.65
C GLN B 170 -19.67 -16.88 -3.13
N HIS B 171 -19.86 -16.39 -1.90
CA HIS B 171 -18.93 -15.41 -1.34
C HIS B 171 -17.52 -16.01 -1.23
N TYR B 172 -17.43 -17.24 -0.70
CA TYR B 172 -16.13 -17.87 -0.56
C TYR B 172 -15.45 -18.03 -1.92
N LEU B 173 -16.20 -18.51 -2.92
CA LEU B 173 -15.60 -18.73 -4.22
C LEU B 173 -15.13 -17.42 -4.85
N LEU B 174 -15.92 -16.36 -4.73
CA LEU B 174 -15.51 -15.07 -5.30
C LEU B 174 -14.24 -14.58 -4.64
N GLN B 175 -14.16 -14.65 -3.31
CA GLN B 175 -12.96 -14.18 -2.63
C GLN B 175 -11.74 -14.99 -3.03
N MET B 176 -11.89 -16.32 -3.10
CA MET B 176 -10.76 -17.17 -3.46
C MET B 176 -10.28 -16.87 -4.87
N SER B 177 -11.21 -16.70 -5.81
CA SER B 177 -10.80 -16.38 -7.18
C SER B 177 -10.09 -15.04 -7.25
N ALA B 178 -10.60 -14.03 -6.54
CA ALA B 178 -9.96 -12.72 -6.57
C ALA B 178 -8.54 -12.81 -6.03
N ASN B 179 -8.36 -13.49 -4.90
CA ASN B 179 -7.03 -13.58 -4.30
C ASN B 179 -6.08 -14.36 -5.20
N ARG B 180 -6.57 -15.42 -5.86
CA ARG B 180 -5.72 -16.15 -6.79
C ARG B 180 -5.27 -15.26 -7.94
N ILE B 181 -6.20 -14.46 -8.49
CA ILE B 181 -5.85 -13.57 -9.60
C ILE B 181 -4.77 -12.59 -9.15
N ILE B 182 -4.91 -12.03 -7.95
CA ILE B 182 -3.91 -11.08 -7.47
C ILE B 182 -2.56 -11.76 -7.30
N GLN B 183 -2.56 -12.97 -6.76
CA GLN B 183 -1.32 -13.72 -6.62
C GLN B 183 -0.62 -13.86 -7.97
N LYS B 184 -1.37 -14.28 -8.99
CA LYS B 184 -0.78 -14.46 -10.31
C LYS B 184 -0.25 -13.15 -10.87
N MET B 185 -1.01 -12.07 -10.72
CA MET B 185 -0.56 -10.79 -11.25
C MET B 185 0.73 -10.32 -10.58
N ARG B 186 0.81 -10.44 -9.26
CA ARG B 186 2.02 -10.03 -8.56
C ARG B 186 3.22 -10.87 -8.97
N GLN B 187 3.02 -12.18 -9.11
CA GLN B 187 4.11 -13.04 -9.54
C GLN B 187 4.60 -12.64 -10.93
N ASP B 188 3.67 -12.36 -11.85
CA ASP B 188 4.07 -11.94 -13.19
C ASP B 188 4.85 -10.63 -13.14
N VAL B 189 4.39 -9.69 -12.32
CA VAL B 189 5.08 -8.40 -12.22
C VAL B 189 6.51 -8.60 -11.73
N PHE B 190 6.69 -9.45 -10.71
CA PHE B 190 8.04 -9.66 -10.19
C PHE B 190 8.92 -10.37 -11.22
N SER B 191 8.38 -11.33 -11.96
CA SER B 191 9.17 -11.97 -13.00
C SER B 191 9.63 -10.94 -14.04
N HIS B 192 8.71 -10.09 -14.47
CA HIS B 192 9.08 -9.10 -15.48
C HIS B 192 10.14 -8.15 -14.95
N ILE B 193 10.01 -7.71 -13.70
CA ILE B 193 11.04 -6.84 -13.13
C ILE B 193 12.36 -7.58 -13.08
N GLN B 194 12.31 -8.90 -12.88
CA GLN B 194 13.54 -9.70 -12.87
C GLN B 194 14.20 -9.71 -14.24
N LYS B 195 13.42 -9.67 -15.32
CA LYS B 195 13.98 -9.70 -16.67
C LYS B 195 14.08 -8.31 -17.29
N MET B 196 14.42 -7.29 -16.49
CA MET B 196 14.51 -5.90 -16.93
C MET B 196 15.97 -5.44 -17.05
N PRO B 197 16.31 -4.61 -18.04
CA PRO B 197 17.70 -4.16 -18.16
C PRO B 197 18.14 -3.29 -16.98
N ILE B 198 19.45 -3.27 -16.74
CA ILE B 198 20.01 -2.49 -15.64
C ILE B 198 19.78 -1.00 -15.87
N ARG B 199 19.66 -0.57 -17.13
CA ARG B 199 19.36 0.83 -17.40
C ARG B 199 18.07 1.25 -16.71
N TYR B 200 17.07 0.37 -16.70
CA TYR B 200 15.79 0.70 -16.07
C TYR B 200 15.97 1.01 -14.59
N PHE B 201 16.75 0.19 -13.90
CA PHE B 201 17.01 0.38 -12.47
C PHE B 201 18.00 1.50 -12.20
N ASP B 202 18.77 1.93 -13.20
CA ASP B 202 19.81 2.93 -12.99
C ASP B 202 19.29 4.36 -13.03
N ASN B 203 18.29 4.65 -13.87
CA ASN B 203 17.74 6.00 -14.00
C ASN B 203 16.29 6.04 -13.53
N LEU B 204 16.01 5.37 -12.41
CA LEU B 204 14.69 5.34 -11.82
C LEU B 204 14.86 5.19 -10.32
N PRO B 205 14.19 6.00 -9.50
CA PRO B 205 14.31 5.82 -8.06
C PRO B 205 13.86 4.44 -7.63
N ALA B 206 14.55 3.90 -6.62
CA ALA B 206 14.19 2.58 -6.11
C ALA B 206 12.77 2.57 -5.57
N GLY B 207 12.38 3.63 -4.85
CA GLY B 207 11.04 3.70 -4.31
C GLY B 207 9.96 3.78 -5.37
N LYS B 208 10.30 4.25 -6.56
CA LYS B 208 9.31 4.30 -7.64
C LYS B 208 8.95 2.90 -8.13
N VAL B 209 9.95 2.02 -8.27
CA VAL B 209 9.67 0.65 -8.69
C VAL B 209 8.85 -0.08 -7.64
N VAL B 210 9.24 0.06 -6.36
CA VAL B 210 8.48 -0.56 -5.29
C VAL B 210 7.06 -0.01 -5.26
N ALA B 211 6.92 1.31 -5.43
CA ALA B 211 5.60 1.91 -5.46
C ALA B 211 4.77 1.29 -6.57
N ARG B 212 5.28 1.34 -7.80
CA ARG B 212 4.58 0.72 -8.92
C ARG B 212 4.10 -0.66 -8.51
N ILE B 213 5.04 -1.57 -8.25
CA ILE B 213 4.69 -2.97 -8.06
C ILE B 213 3.68 -3.09 -6.93
N THR B 214 4.10 -2.77 -5.71
CA THR B 214 3.29 -3.06 -4.54
C THR B 214 1.99 -2.26 -4.54
N ASN B 215 2.07 -0.94 -4.69
CA ASN B 215 0.88 -0.11 -4.55
C ASN B 215 -0.12 -0.38 -5.67
N ASP B 216 0.34 -0.42 -6.93
CA ASP B 216 -0.61 -0.61 -8.01
C ASP B 216 -1.18 -2.03 -8.00
N THR B 217 -0.38 -3.03 -7.64
CA THR B 217 -0.95 -4.36 -7.50
C THR B 217 -1.93 -4.44 -6.35
N GLU B 218 -1.70 -3.68 -5.27
CA GLU B 218 -2.68 -3.63 -4.18
C GLU B 218 -3.96 -2.95 -4.63
N ALA B 219 -3.86 -1.90 -5.44
CA ALA B 219 -5.04 -1.25 -5.98
C ALA B 219 -5.83 -2.20 -6.88
N ILE B 220 -5.12 -2.96 -7.73
CA ILE B 220 -5.77 -3.95 -8.57
C ILE B 220 -6.40 -5.04 -7.70
N ARG B 221 -5.75 -5.38 -6.59
CA ARG B 221 -6.31 -6.36 -5.67
C ARG B 221 -7.61 -5.86 -5.07
N ASP B 222 -7.63 -4.60 -4.63
CA ASP B 222 -8.85 -4.02 -4.13
C ASP B 222 -9.94 -4.04 -5.19
N LEU B 223 -9.57 -3.68 -6.43
CA LEU B 223 -10.49 -3.78 -7.54
C LEU B 223 -11.13 -5.17 -7.58
N TYR B 224 -10.30 -6.20 -7.76
CA TYR B 224 -10.85 -7.54 -7.98
C TYR B 224 -11.64 -8.04 -6.78
N VAL B 225 -11.18 -7.74 -5.56
CA VAL B 225 -11.78 -8.34 -4.37
C VAL B 225 -13.01 -7.60 -3.88
N THR B 226 -13.14 -6.30 -4.16
CA THR B 226 -14.32 -5.53 -3.77
C THR B 226 -15.12 -5.06 -4.97
N VAL B 227 -14.50 -4.32 -5.90
CA VAL B 227 -15.25 -3.69 -6.98
C VAL B 227 -15.91 -4.75 -7.85
N LEU B 228 -15.14 -5.76 -8.27
CA LEU B 228 -15.69 -6.76 -9.19
C LEU B 228 -16.66 -7.69 -8.49
N SER B 229 -16.37 -8.08 -7.25
CA SER B 229 -17.31 -8.90 -6.50
C SER B 229 -18.65 -8.19 -6.34
N THR B 230 -18.60 -6.91 -5.95
CA THR B 230 -19.84 -6.14 -5.82
C THR B 230 -20.52 -5.96 -7.18
N PHE B 231 -19.73 -5.79 -8.24
CA PHE B 231 -20.31 -5.68 -9.57
C PHE B 231 -21.08 -6.94 -9.94
N VAL B 232 -20.49 -8.11 -9.69
CA VAL B 232 -21.15 -9.37 -10.03
C VAL B 232 -22.41 -9.54 -9.19
N THR B 233 -22.31 -9.29 -7.88
CA THR B 233 -23.47 -9.46 -7.02
C THR B 233 -24.59 -8.51 -7.43
N SER B 234 -24.25 -7.24 -7.66
CA SER B 234 -25.26 -6.26 -8.05
C SER B 234 -25.87 -6.62 -9.39
N GLY B 235 -25.04 -7.03 -10.35
CA GLY B 235 -25.58 -7.40 -11.65
C GLY B 235 -26.56 -8.55 -11.58
N ILE B 236 -26.22 -9.59 -10.82
CA ILE B 236 -27.13 -10.72 -10.68
C ILE B 236 -28.40 -10.28 -9.97
N TYR B 237 -28.28 -9.49 -8.91
CA TYR B 237 -29.45 -9.03 -8.19
C TYR B 237 -30.37 -8.21 -9.09
N MET B 238 -29.79 -7.29 -9.86
CA MET B 238 -30.60 -6.47 -10.76
C MET B 238 -31.26 -7.32 -11.84
N PHE B 239 -30.50 -8.27 -12.39
CA PHE B 239 -31.00 -9.23 -13.41
C PHE B 239 -32.24 -9.94 -12.87
N GLY B 240 -32.17 -10.46 -11.64
CA GLY B 240 -33.27 -11.18 -11.01
C GLY B 240 -34.44 -10.27 -10.71
N ILE B 241 -34.17 -9.08 -10.17
CA ILE B 241 -35.25 -8.17 -9.81
C ILE B 241 -36.01 -7.72 -11.04
N PHE B 242 -35.29 -7.42 -12.13
CA PHE B 242 -35.96 -7.01 -13.35
C PHE B 242 -36.77 -8.16 -13.96
N THR B 243 -36.24 -9.38 -13.91
CA THR B 243 -37.00 -10.52 -14.39
C THR B 243 -38.29 -10.67 -13.60
N ALA B 244 -38.21 -10.50 -12.28
CA ALA B 244 -39.43 -10.54 -11.47
C ALA B 244 -40.38 -9.43 -11.83
N LEU B 245 -39.86 -8.21 -12.01
CA LEU B 245 -40.71 -7.06 -12.29
C LEU B 245 -41.48 -7.25 -13.58
N PHE B 246 -40.82 -7.76 -14.63
CA PHE B 246 -41.50 -8.00 -15.89
C PHE B 246 -42.65 -8.98 -15.74
N LEU B 247 -42.63 -9.81 -14.69
CA LEU B 247 -43.71 -10.77 -14.44
C LEU B 247 -44.89 -10.15 -13.71
N LEU B 248 -44.81 -8.88 -13.33
CA LEU B 248 -45.90 -8.19 -12.65
C LEU B 248 -46.54 -7.14 -13.55
N ASP B 249 -45.75 -6.20 -14.06
CA ASP B 249 -46.25 -5.17 -14.97
C ASP B 249 -45.17 -4.91 -16.01
N VAL B 250 -45.55 -4.89 -17.29
CA VAL B 250 -44.58 -4.80 -18.36
C VAL B 250 -44.19 -3.36 -18.66
N LYS B 251 -45.16 -2.43 -18.67
CA LYS B 251 -44.82 -1.04 -18.98
C LYS B 251 -44.05 -0.39 -17.84
N LEU B 252 -44.52 -0.58 -16.60
CA LEU B 252 -43.79 -0.04 -15.46
C LEU B 252 -42.42 -0.68 -15.34
N ALA B 253 -42.33 -1.99 -15.58
CA ALA B 253 -41.04 -2.65 -15.57
C ALA B 253 -40.13 -2.09 -16.67
N PHE B 254 -40.72 -1.76 -17.82
CA PHE B 254 -39.93 -1.22 -18.93
C PHE B 254 -39.35 0.15 -18.55
N VAL B 255 -40.18 1.03 -18.00
CA VAL B 255 -39.68 2.36 -17.63
C VAL B 255 -38.67 2.26 -16.50
N CYS B 256 -38.89 1.35 -15.55
CA CYS B 256 -37.95 1.20 -14.44
C CYS B 256 -36.64 0.58 -14.90
N LEU B 257 -36.69 -0.29 -15.91
CA LEU B 257 -35.47 -0.86 -16.48
C LEU B 257 -34.76 0.10 -17.41
N ALA B 258 -35.44 1.13 -17.89
CA ALA B 258 -34.79 2.14 -18.71
C ALA B 258 -33.75 2.95 -17.95
N ILE B 259 -33.47 2.63 -16.68
CA ILE B 259 -32.44 3.33 -15.92
C ILE B 259 -31.05 2.78 -16.15
N VAL B 260 -30.92 1.60 -16.77
CA VAL B 260 -29.59 1.07 -17.06
C VAL B 260 -28.81 1.99 -17.99
N PRO B 261 -29.39 2.54 -19.06
CA PRO B 261 -28.69 3.60 -19.80
C PRO B 261 -28.30 4.78 -18.93
N ILE B 262 -29.14 5.12 -17.95
CA ILE B 262 -28.78 6.18 -17.01
C ILE B 262 -27.49 5.84 -16.28
N ILE B 263 -27.40 4.59 -15.80
CA ILE B 263 -26.20 4.18 -15.08
C ILE B 263 -25.00 4.19 -16.00
N TRP B 264 -25.17 3.78 -17.26
CA TRP B 264 -24.05 3.80 -18.21
C TRP B 264 -23.57 5.23 -18.44
N LEU B 265 -24.50 6.17 -18.62
CA LEU B 265 -24.13 7.56 -18.85
C LEU B 265 -23.44 8.15 -17.62
N TRP B 266 -23.94 7.85 -16.42
CA TRP B 266 -23.26 8.31 -15.21
C TRP B 266 -21.86 7.71 -15.13
N SER B 267 -21.72 6.44 -15.51
CA SER B 267 -20.40 5.81 -15.49
C SER B 267 -19.44 6.54 -16.42
N VAL B 268 -19.89 6.86 -17.63
CA VAL B 268 -19.02 7.55 -18.59
C VAL B 268 -18.60 8.92 -18.05
N ILE B 269 -19.59 9.69 -17.55
CA ILE B 269 -19.31 11.04 -17.09
C ILE B 269 -18.37 11.01 -15.90
N TYR B 270 -18.57 10.07 -14.98
CA TYR B 270 -17.63 9.93 -13.89
C TYR B 270 -16.25 9.50 -14.39
N ARG B 271 -16.23 8.59 -15.37
CA ARG B 271 -14.96 8.01 -15.79
C ARG B 271 -14.04 9.06 -16.37
N ARG B 272 -14.55 9.98 -17.16
CA ARG B 272 -13.65 10.97 -17.76
C ARG B 272 -12.82 11.70 -16.70
N TYR B 273 -13.52 12.46 -15.85
CA TYR B 273 -12.85 13.28 -14.86
C TYR B 273 -12.09 12.43 -13.86
N ALA B 274 -12.68 11.29 -13.45
CA ALA B 274 -12.00 10.44 -12.49
C ALA B 274 -10.70 9.90 -13.07
N SER B 275 -10.70 9.49 -14.33
CA SER B 275 -9.48 8.99 -14.95
C SER B 275 -8.39 10.06 -14.90
N TYR B 276 -8.71 11.28 -15.33
CA TYR B 276 -7.66 12.30 -15.33
C TYR B 276 -7.14 12.55 -13.92
N TYR B 277 -8.04 12.85 -12.99
CA TYR B 277 -7.60 13.24 -11.65
C TYR B 277 -6.90 12.09 -10.93
N ASN B 278 -7.34 10.85 -11.14
CA ASN B 278 -6.73 9.72 -10.48
C ASN B 278 -5.37 9.37 -11.08
N GLN B 279 -5.19 9.55 -12.39
CA GLN B 279 -3.85 9.38 -12.94
C GLN B 279 -2.89 10.40 -12.32
N LYS B 280 -3.34 11.65 -12.18
CA LYS B 280 -2.51 12.63 -11.50
C LYS B 280 -2.21 12.22 -10.06
N ILE B 281 -3.24 11.75 -9.34
CA ILE B 281 -3.07 11.38 -7.94
C ILE B 281 -2.09 10.24 -7.79
N ARG B 282 -2.19 9.23 -8.65
CA ARG B 282 -1.30 8.07 -8.55
C ARG B 282 0.13 8.44 -8.91
N SER B 283 0.30 9.33 -9.90
CA SER B 283 1.65 9.82 -10.20
C SER B 283 2.25 10.51 -8.98
N ILE B 284 1.46 11.37 -8.33
CA ILE B 284 1.97 12.08 -7.16
C ILE B 284 2.26 11.11 -6.03
N ASN B 285 1.45 10.06 -5.89
CA ASN B 285 1.70 9.08 -4.83
C ASN B 285 2.98 8.29 -5.07
N SER B 286 3.25 7.95 -6.33
CA SER B 286 4.53 7.32 -6.66
C SER B 286 5.70 8.24 -6.33
N ASP B 287 5.56 9.52 -6.65
CA ASP B 287 6.58 10.49 -6.26
C ASP B 287 6.76 10.52 -4.75
N ILE B 288 5.66 10.46 -4.00
CA ILE B 288 5.73 10.48 -2.55
C ILE B 288 6.49 9.27 -2.03
N ASN B 289 6.20 8.09 -2.59
CA ASN B 289 6.89 6.89 -2.15
C ASN B 289 8.39 6.97 -2.44
N ALA B 290 8.75 7.45 -3.63
CA ALA B 290 10.17 7.59 -3.96
C ALA B 290 10.85 8.58 -3.02
N LYS B 291 10.20 9.70 -2.73
CA LYS B 291 10.79 10.67 -1.82
C LYS B 291 10.96 10.10 -0.42
N MET B 292 9.97 9.33 0.05
CA MET B 292 10.09 8.69 1.36
C MET B 292 11.28 7.76 1.39
N ASN B 293 11.44 6.93 0.36
CA ASN B 293 12.57 6.01 0.32
C ASN B 293 13.89 6.77 0.34
N GLU B 294 14.02 7.80 -0.50
CA GLU B 294 15.26 8.54 -0.57
C GLU B 294 15.57 9.23 0.76
N SER B 295 14.56 9.83 1.40
CA SER B 295 14.78 10.51 2.67
C SER B 295 15.19 9.54 3.76
N ILE B 296 14.51 8.39 3.85
CA ILE B 296 14.85 7.42 4.88
C ILE B 296 16.26 6.87 4.65
N GLN B 297 16.60 6.58 3.39
CA GLN B 297 17.90 6.01 3.09
C GLN B 297 19.03 6.97 3.46
N GLY B 298 18.87 8.25 3.14
CA GLY B 298 19.93 9.22 3.36
C GLY B 298 19.74 10.07 4.61
N MET B 299 18.95 9.57 5.55
CA MET B 299 18.61 10.36 6.73
C MET B 299 19.83 10.73 7.56
N THR B 300 20.91 9.92 7.48
CA THR B 300 22.06 10.16 8.33
C THR B 300 22.70 11.52 8.04
N ILE B 301 22.82 11.88 6.77
CA ILE B 301 23.42 13.15 6.38
C ILE B 301 22.37 14.20 6.02
N ILE B 302 21.08 13.84 6.03
CA ILE B 302 20.03 14.85 6.00
C ILE B 302 20.08 15.68 7.28
N GLN B 303 20.22 15.01 8.42
CA GLN B 303 20.30 15.69 9.70
C GLN B 303 21.68 16.30 9.95
N ALA B 304 22.74 15.67 9.49
CA ALA B 304 24.09 16.18 9.74
C ALA B 304 24.29 17.54 9.10
N PHE B 305 23.76 17.73 7.89
CA PHE B 305 23.87 19.00 7.19
C PHE B 305 22.63 19.87 7.37
N ARG B 306 21.74 19.51 8.28
CA ARG B 306 20.60 20.33 8.65
C ARG B 306 19.73 20.64 7.43
N HIS B 307 19.43 19.59 6.67
CA HIS B 307 18.53 19.68 5.52
C HIS B 307 17.10 19.29 5.85
N GLN B 308 16.77 19.20 7.14
CA GLN B 308 15.43 18.78 7.54
C GLN B 308 14.34 19.72 7.05
N LYS B 309 14.53 21.03 7.25
CA LYS B 309 13.51 21.99 6.82
C LYS B 309 13.35 21.98 5.31
N GLU B 310 14.46 21.94 4.57
CA GLU B 310 14.37 21.90 3.11
C GLU B 310 13.85 20.56 2.62
N THR B 311 14.08 19.48 3.38
CA THR B 311 13.51 18.19 3.04
C THR B 311 12.02 18.14 3.35
N MET B 312 11.59 18.80 4.42
CA MET B 312 10.16 18.90 4.70
C MET B 312 9.46 19.76 3.67
N ARG B 313 10.12 20.82 3.19
CA ARG B 313 9.54 21.66 2.16
C ARG B 313 9.28 20.87 0.88
N GLU B 314 10.26 20.07 0.45
CA GLU B 314 10.08 19.29 -0.78
C GLU B 314 8.97 18.27 -0.63
N PHE B 315 8.91 17.59 0.51
CA PHE B 315 7.89 16.57 0.71
C PHE B 315 6.50 17.21 0.78
N GLU B 316 6.36 18.31 1.49
CA GLU B 316 5.07 18.97 1.64
C GLU B 316 4.54 19.50 0.32
N GLU B 317 5.39 19.70 -0.69
CA GLU B 317 4.92 20.13 -2.00
C GLU B 317 4.28 19.01 -2.80
N LEU B 318 4.63 17.75 -2.51
CA LEU B 318 3.90 16.62 -3.07
C LEU B 318 2.66 16.29 -2.25
N ASN B 319 2.77 16.41 -0.92
CA ASN B 319 1.60 16.20 -0.07
C ASN B 319 0.52 17.23 -0.36
N GLU B 320 0.91 18.50 -0.49
CA GLU B 320 -0.06 19.54 -0.80
C GLU B 320 -0.65 19.35 -2.20
N SER B 321 0.19 19.00 -3.17
CA SER B 321 -0.32 18.76 -4.52
C SER B 321 -1.23 17.53 -4.56
N HIS B 322 -0.85 16.48 -3.83
CA HIS B 322 -1.71 15.30 -3.74
C HIS B 322 -3.06 15.66 -3.14
N PHE B 323 -3.06 16.45 -2.06
CA PHE B 323 -4.30 16.91 -1.46
C PHE B 323 -5.12 17.74 -2.44
N TYR B 324 -4.47 18.65 -3.17
CA TYR B 324 -5.19 19.51 -4.10
C TYR B 324 -5.86 18.69 -5.19
N PHE B 325 -5.13 17.74 -5.77
CA PHE B 325 -5.73 16.90 -6.80
C PHE B 325 -6.76 15.94 -6.22
N GLN B 326 -6.68 15.67 -4.92
CA GLN B 326 -7.74 14.90 -4.27
C GLN B 326 -8.99 15.73 -4.04
N ASN B 327 -8.83 17.02 -3.73
CA ASN B 327 -9.97 17.90 -3.50
C ASN B 327 -10.72 18.23 -4.78
N ARG B 328 -10.15 17.95 -5.94
CA ARG B 328 -10.90 18.03 -7.18
C ARG B 328 -11.86 16.86 -7.34
N MET B 329 -11.77 15.85 -6.47
CA MET B 329 -12.72 14.75 -6.45
C MET B 329 -13.97 15.08 -5.65
N LEU B 330 -13.94 16.12 -4.82
CA LEU B 330 -15.10 16.45 -4.00
C LEU B 330 -16.29 16.82 -4.86
N ASN B 331 -16.07 17.59 -5.93
CA ASN B 331 -17.16 17.97 -6.80
C ASN B 331 -17.81 16.75 -7.43
N LEU B 332 -17.00 15.83 -7.93
CA LEU B 332 -17.55 14.63 -8.57
C LEU B 332 -18.12 13.67 -7.54
N ASN B 333 -17.41 13.44 -6.44
CA ASN B 333 -17.82 12.44 -5.47
C ASN B 333 -18.96 12.91 -4.58
N SER B 334 -19.34 14.20 -4.67
CA SER B 334 -20.47 14.76 -3.88
C SER B 334 -21.68 14.95 -4.79
N LEU B 335 -21.48 15.03 -6.11
CA LEU B 335 -22.62 15.20 -7.07
C LEU B 335 -22.98 13.84 -7.68
N MET B 336 -22.19 12.79 -7.49
CA MET B 336 -22.44 11.51 -8.15
C MET B 336 -22.23 10.34 -7.20
N SER B 337 -22.50 10.52 -5.92
CA SER B 337 -22.41 9.45 -4.95
C SER B 337 -23.77 8.77 -4.82
N HIS B 338 -23.94 7.95 -3.78
CA HIS B 338 -25.23 7.32 -3.54
C HIS B 338 -26.34 8.35 -3.44
N ASN B 339 -26.00 9.61 -3.17
CA ASN B 339 -26.97 10.70 -3.17
C ASN B 339 -27.92 10.60 -4.37
N LEU B 340 -27.35 10.64 -5.57
CA LEU B 340 -28.17 10.62 -6.78
C LEU B 340 -29.05 9.38 -6.84
N VAL B 341 -28.59 8.26 -6.26
CA VAL B 341 -29.42 7.06 -6.25
C VAL B 341 -30.75 7.34 -5.56
N ASN B 342 -30.70 8.02 -4.42
CA ASN B 342 -31.94 8.40 -3.75
C ASN B 342 -32.80 9.27 -4.66
N VAL B 343 -32.17 10.18 -5.41
CA VAL B 343 -32.93 10.99 -6.36
C VAL B 343 -33.60 10.09 -7.39
N ILE B 344 -32.92 9.02 -7.80
CA ILE B 344 -33.57 8.05 -8.68
C ILE B 344 -34.65 7.29 -7.92
N ARG B 345 -34.41 6.99 -6.65
CA ARG B 345 -35.39 6.26 -5.86
C ARG B 345 -36.68 7.05 -5.73
N ASN B 346 -36.57 8.35 -5.43
CA ASN B 346 -37.75 9.18 -5.32
C ASN B 346 -38.39 9.45 -6.68
N LEU B 347 -37.65 9.25 -7.76
CA LEU B 347 -38.19 9.47 -9.10
C LEU B 347 -38.71 8.20 -9.74
N ALA B 348 -38.21 7.03 -9.32
CA ALA B 348 -38.77 5.78 -9.79
C ALA B 348 -40.08 5.45 -9.11
N PHE B 349 -40.25 5.88 -7.85
CA PHE B 349 -41.53 5.71 -7.17
C PHE B 349 -42.61 6.61 -7.76
N VAL B 350 -42.22 7.77 -8.28
CA VAL B 350 -43.19 8.66 -8.91
C VAL B 350 -43.84 7.98 -10.10
N CYS B 351 -43.05 7.25 -10.90
CA CYS B 351 -43.61 6.51 -12.01
C CYS B 351 -44.59 5.45 -11.53
N LEU B 352 -44.25 4.76 -10.44
CA LEU B 352 -45.18 3.80 -9.86
C LEU B 352 -46.51 4.44 -9.56
N ILE B 353 -46.49 5.56 -8.83
CA ILE B 353 -47.73 6.25 -8.47
C ILE B 353 -48.44 6.74 -9.73
N TRP B 354 -47.70 7.32 -10.67
CA TRP B 354 -48.33 7.81 -11.89
C TRP B 354 -49.04 6.69 -12.63
N HIS B 355 -48.34 5.57 -12.85
CA HIS B 355 -48.93 4.46 -13.61
C HIS B 355 -50.14 3.88 -12.88
N PHE B 356 -49.99 3.59 -11.59
CA PHE B 356 -51.07 2.94 -10.86
C PHE B 356 -52.27 3.87 -10.70
N GLY B 357 -52.03 5.18 -10.50
CA GLY B 357 -53.13 6.11 -10.43
C GLY B 357 -53.85 6.26 -11.76
N GLY B 358 -53.10 6.33 -12.86
CA GLY B 358 -53.74 6.39 -14.17
C GLY B 358 -54.59 5.16 -14.43
N ALA B 359 -54.12 4.00 -13.98
CA ALA B 359 -54.94 2.79 -14.10
C ALA B 359 -56.14 2.84 -13.15
N SER B 360 -55.97 3.45 -11.98
CA SER B 360 -57.05 3.48 -10.99
C SER B 360 -58.20 4.37 -11.44
N LEU B 361 -57.88 5.53 -12.03
CA LEU B 361 -58.94 6.44 -12.46
C LEU B 361 -59.94 5.74 -13.37
N ASN B 362 -59.48 4.73 -14.11
CA ASN B 362 -60.34 3.90 -14.94
C ASN B 362 -60.82 2.66 -14.21
N ALA B 363 -60.67 2.62 -12.88
CA ALA B 363 -61.08 1.47 -12.07
C ALA B 363 -60.32 0.20 -12.47
N ALA B 364 -59.07 0.36 -12.92
CA ALA B 364 -58.23 -0.76 -13.31
C ALA B 364 -57.00 -0.94 -12.44
N GLY B 365 -56.56 0.11 -11.74
CA GLY B 365 -55.38 0.02 -10.91
C GLY B 365 -55.58 -0.65 -9.57
N ILE B 366 -56.81 -1.00 -9.22
CA ILE B 366 -57.10 -1.71 -7.99
C ILE B 366 -57.30 -3.20 -8.22
N VAL B 367 -57.03 -3.69 -9.43
CA VAL B 367 -57.28 -5.09 -9.75
C VAL B 367 -56.45 -6.00 -8.86
N SER B 368 -55.24 -5.58 -8.50
CA SER B 368 -54.35 -6.41 -7.69
C SER B 368 -53.50 -5.49 -6.82
N ILE B 369 -53.91 -5.31 -5.57
CA ILE B 369 -53.08 -4.59 -4.62
C ILE B 369 -51.81 -5.36 -4.33
N GLY B 370 -51.88 -6.70 -4.41
CA GLY B 370 -50.68 -7.50 -4.22
C GLY B 370 -49.62 -7.17 -5.25
N VAL B 371 -50.03 -6.88 -6.49
CA VAL B 371 -49.06 -6.48 -7.51
C VAL B 371 -48.36 -5.21 -7.08
N LEU B 372 -49.10 -4.24 -6.55
CA LEU B 372 -48.49 -3.00 -6.08
C LEU B 372 -47.52 -3.26 -4.94
N TYR B 373 -47.90 -4.11 -4.00
CA TYR B 373 -47.01 -4.43 -2.88
C TYR B 373 -45.72 -5.07 -3.39
N ALA B 374 -45.84 -6.04 -4.30
CA ALA B 374 -44.67 -6.70 -4.84
C ALA B 374 -43.78 -5.71 -5.59
N PHE B 375 -44.40 -4.79 -6.35
CA PHE B 375 -43.65 -3.82 -7.18
C PHE B 375 -42.94 -2.80 -6.28
N VAL B 376 -43.49 -2.45 -5.11
CA VAL B 376 -42.79 -1.59 -4.17
C VAL B 376 -41.63 -2.32 -3.52
N ASP B 377 -41.86 -3.58 -3.12
CA ASP B 377 -40.77 -4.35 -2.52
C ASP B 377 -39.61 -4.52 -3.50
N TYR B 378 -39.93 -4.81 -4.76
CA TYR B 378 -38.89 -5.02 -5.75
C TYR B 378 -38.15 -3.72 -6.07
N LEU B 379 -38.83 -2.58 -6.04
CA LEU B 379 -38.13 -1.31 -6.22
C LEU B 379 -37.16 -1.06 -5.07
N ASN B 380 -37.59 -1.33 -3.83
CA ASN B 380 -36.67 -1.20 -2.70
C ASN B 380 -35.45 -2.09 -2.91
N ARG B 381 -35.68 -3.35 -3.29
CA ARG B 381 -34.57 -4.28 -3.49
C ARG B 381 -33.66 -3.80 -4.61
N LEU B 382 -34.24 -3.26 -5.68
CA LEU B 382 -33.45 -2.82 -6.83
C LEU B 382 -32.58 -1.64 -6.46
N PHE B 383 -33.07 -0.75 -5.61
CA PHE B 383 -32.27 0.41 -5.22
C PHE B 383 -31.32 0.10 -4.08
N GLN B 384 -31.43 -1.05 -3.44
CA GLN B 384 -30.43 -1.44 -2.44
C GLN B 384 -29.03 -1.52 -3.01
N PRO B 385 -28.76 -2.21 -4.13
CA PRO B 385 -27.37 -2.42 -4.57
C PRO B 385 -26.75 -1.29 -5.40
N ILE B 386 -27.55 -0.35 -5.90
CA ILE B 386 -26.96 0.69 -6.77
C ILE B 386 -25.98 1.54 -5.98
N THR B 387 -26.18 1.67 -4.67
CA THR B 387 -25.22 2.41 -3.85
C THR B 387 -23.85 1.75 -3.90
N GLY B 388 -23.80 0.44 -3.67
CA GLY B 388 -22.56 -0.28 -3.82
C GLY B 388 -22.00 -0.15 -5.23
N ILE B 389 -22.90 -0.13 -6.22
CA ILE B 389 -22.45 0.03 -7.60
C ILE B 389 -21.66 1.33 -7.76
N VAL B 390 -22.18 2.43 -7.21
CA VAL B 390 -21.53 3.72 -7.44
C VAL B 390 -20.23 3.85 -6.62
N ASN B 391 -20.24 3.35 -5.38
CA ASN B 391 -19.00 3.31 -4.61
C ASN B 391 -17.93 2.54 -5.38
N GLN B 392 -18.29 1.38 -5.90
CA GLN B 392 -17.37 0.62 -6.72
C GLN B 392 -17.04 1.33 -8.02
N PHE B 393 -17.90 2.25 -8.49
CA PHE B 393 -17.61 3.06 -9.70
C PHE B 393 -16.41 3.96 -9.38
N SER B 394 -16.35 4.61 -8.21
CA SER B 394 -15.18 5.40 -7.81
C SER B 394 -13.94 4.52 -7.71
N LYS B 395 -14.06 3.42 -6.95
CA LYS B 395 -12.92 2.53 -6.80
C LYS B 395 -12.46 1.99 -8.15
N LEU B 396 -13.40 1.79 -9.08
CA LEU B 396 -13.08 1.20 -10.37
C LEU B 396 -12.28 2.16 -11.22
N GLU B 397 -12.61 3.45 -11.19
CA GLU B 397 -11.80 4.41 -11.91
C GLU B 397 -10.39 4.45 -11.35
N LEU B 398 -10.27 4.48 -10.01
CA LEU B 398 -8.94 4.50 -9.42
C LEU B 398 -8.13 3.27 -9.84
N ALA B 399 -8.76 2.10 -9.80
CA ALA B 399 -8.06 0.86 -10.12
C ALA B 399 -7.80 0.73 -11.61
N ARG B 400 -8.64 1.33 -12.47
CA ARG B 400 -8.33 1.36 -13.89
C ARG B 400 -7.06 2.14 -14.14
N VAL B 401 -6.89 3.27 -13.46
CA VAL B 401 -5.65 4.02 -13.58
C VAL B 401 -4.47 3.17 -13.10
N SER B 402 -4.64 2.51 -11.96
CA SER B 402 -3.54 1.69 -11.43
C SER B 402 -3.17 0.56 -12.37
N ALA B 403 -4.18 -0.12 -12.93
CA ALA B 403 -3.91 -1.22 -13.85
C ALA B 403 -3.25 -0.73 -15.12
N GLY B 404 -3.68 0.42 -15.63
CA GLY B 404 -2.98 1.01 -16.77
C GLY B 404 -1.52 1.25 -16.46
N ARG B 405 -1.23 1.74 -15.25
CA ARG B 405 0.16 1.93 -14.84
C ARG B 405 0.91 0.61 -14.83
N VAL B 406 0.29 -0.44 -14.28
CA VAL B 406 0.99 -1.72 -14.12
C VAL B 406 1.28 -2.36 -15.48
N PHE B 407 0.28 -2.42 -16.35
CA PHE B 407 0.45 -3.07 -17.64
C PHE B 407 1.39 -2.30 -18.56
N GLU B 408 1.72 -1.06 -18.23
CA GLU B 408 2.79 -0.36 -18.92
C GLU B 408 4.16 -0.95 -18.59
N LEU B 409 4.25 -1.82 -17.59
CA LEU B 409 5.47 -2.50 -17.20
C LEU B 409 5.58 -3.90 -17.79
N LEU B 410 4.47 -4.63 -17.86
CA LEU B 410 4.48 -5.99 -18.41
C LEU B 410 4.53 -6.02 -19.93
N GLU B 411 4.45 -4.86 -20.59
CA GLU B 411 4.53 -4.81 -22.04
C GLU B 411 5.94 -4.53 -22.54
N GLU B 412 6.76 -3.85 -21.73
CA GLU B 412 8.07 -3.35 -22.17
C GLU B 412 8.77 -4.34 -23.07
N LYS B 413 9.11 -3.89 -24.28
CA LYS B 413 9.72 -4.74 -25.29
C LYS B 413 11.24 -4.64 -25.31
N ASN B 414 11.83 -3.89 -24.39
CA ASN B 414 13.28 -3.81 -24.27
C ASN B 414 13.85 -4.86 -23.33
N THR B 415 13.01 -5.76 -22.82
CA THR B 415 13.47 -6.78 -21.90
C THR B 415 14.58 -7.62 -22.53
N GLU B 416 15.24 -8.41 -21.70
CA GLU B 416 16.38 -9.21 -22.09
C GLU B 416 16.08 -10.69 -21.87
N GLU B 417 16.26 -11.49 -22.90
CA GLU B 417 16.06 -12.93 -22.76
C GLU B 417 17.03 -13.49 -21.74
N ALA B 418 16.55 -14.46 -20.96
CA ALA B 418 17.30 -15.01 -19.83
C ALA B 418 17.33 -16.53 -19.94
N GLY B 419 18.43 -17.08 -20.43
CA GLY B 419 18.64 -18.50 -20.37
C GLY B 419 19.34 -18.88 -19.08
N GLU B 420 18.55 -19.28 -18.09
CA GLU B 420 19.10 -19.48 -16.74
C GLU B 420 20.23 -20.50 -16.68
N PRO B 421 20.13 -21.68 -17.31
CA PRO B 421 21.13 -22.71 -17.04
C PRO B 421 22.55 -22.25 -17.33
N ALA B 422 23.45 -22.60 -16.42
CA ALA B 422 24.88 -22.44 -16.61
C ALA B 422 25.44 -23.73 -17.23
N LYS B 423 26.76 -23.88 -17.25
CA LYS B 423 27.37 -25.07 -17.82
C LYS B 423 28.63 -25.39 -17.01
N GLU B 424 29.49 -26.26 -17.57
CA GLU B 424 30.66 -26.71 -16.86
C GLU B 424 31.69 -25.59 -16.75
N ARG B 425 32.72 -25.81 -15.92
CA ARG B 425 33.75 -24.82 -15.74
C ARG B 425 34.48 -24.55 -17.05
N ALA B 426 34.87 -23.29 -17.24
CA ALA B 426 35.53 -22.85 -18.46
C ALA B 426 36.86 -22.19 -18.13
N LEU B 427 37.80 -22.30 -19.05
CA LEU B 427 39.12 -21.70 -18.85
C LEU B 427 38.98 -20.20 -18.70
N GLY B 428 39.85 -19.62 -17.86
CA GLY B 428 39.78 -18.21 -17.55
C GLY B 428 40.21 -17.28 -18.67
N ARG B 429 40.32 -17.79 -19.89
CA ARG B 429 40.67 -16.95 -21.02
C ARG B 429 39.59 -15.89 -21.24
N VAL B 430 40.00 -14.63 -21.23
CA VAL B 430 39.10 -13.50 -21.48
C VAL B 430 39.83 -12.52 -22.39
N GLU B 431 39.12 -11.99 -23.39
CA GLU B 431 39.71 -11.10 -24.37
C GLU B 431 38.76 -9.97 -24.70
N PHE B 432 39.35 -8.80 -24.99
CA PHE B 432 38.64 -7.65 -25.52
C PHE B 432 39.20 -7.31 -26.89
N ARG B 433 38.34 -6.84 -27.79
CA ARG B 433 38.76 -6.51 -29.15
C ARG B 433 38.13 -5.17 -29.53
N ASP B 434 38.93 -4.10 -29.49
CA ASP B 434 38.51 -2.76 -29.87
C ASP B 434 37.12 -2.44 -29.32
N VAL B 435 36.99 -2.59 -28.01
CA VAL B 435 35.71 -2.41 -27.33
C VAL B 435 35.58 -0.92 -27.01
N SER B 436 34.73 -0.22 -27.76
CA SER B 436 34.37 1.16 -27.49
C SER B 436 32.95 1.19 -26.96
N PHE B 437 32.77 1.83 -25.81
CA PHE B 437 31.48 1.86 -25.13
C PHE B 437 31.17 3.29 -24.72
N ALA B 438 29.91 3.69 -24.86
CA ALA B 438 29.49 5.06 -24.61
C ALA B 438 28.15 5.04 -23.89
N TYR B 439 28.15 5.52 -22.65
CA TYR B 439 26.90 5.79 -21.97
C TYR B 439 26.15 6.91 -22.69
N GLN B 440 24.84 6.78 -22.77
CA GLN B 440 23.96 7.82 -23.30
C GLN B 440 24.52 8.42 -24.60
N GLU B 441 24.62 7.56 -25.61
CA GLU B 441 24.92 8.00 -26.97
C GLU B 441 26.36 8.45 -27.14
N GLY B 442 26.58 9.74 -27.42
CA GLY B 442 27.87 10.20 -27.89
C GLY B 442 28.96 10.24 -26.84
N GLU B 443 28.59 10.32 -25.56
CA GLU B 443 29.59 10.40 -24.48
C GLU B 443 30.29 9.06 -24.36
N GLU B 444 31.49 8.96 -24.91
CA GLU B 444 32.26 7.72 -24.90
C GLU B 444 33.12 7.65 -23.65
N VAL B 445 32.97 6.55 -22.89
CA VAL B 445 33.76 6.34 -21.69
C VAL B 445 34.94 5.41 -21.93
N LEU B 446 34.88 4.55 -22.95
CA LEU B 446 35.97 3.66 -23.32
C LEU B 446 36.23 3.76 -24.81
N LYS B 447 37.50 3.75 -25.19
CA LYS B 447 37.89 3.89 -26.59
C LYS B 447 38.92 2.81 -26.92
N HIS B 448 38.55 1.89 -27.81
CA HIS B 448 39.47 0.89 -28.35
C HIS B 448 40.23 0.16 -27.24
N ILE B 449 39.49 -0.41 -26.31
CA ILE B 449 40.07 -1.25 -25.27
C ILE B 449 40.44 -2.58 -25.89
N SER B 450 41.63 -3.09 -25.55
CA SER B 450 42.10 -4.36 -26.09
C SER B 450 43.10 -4.96 -25.12
N PHE B 451 42.75 -6.11 -24.55
CA PHE B 451 43.63 -6.83 -23.64
C PHE B 451 43.15 -8.27 -23.55
N THR B 452 43.92 -9.11 -22.88
CA THR B 452 43.56 -10.51 -22.76
C THR B 452 44.23 -11.13 -21.55
N ALA B 453 43.48 -11.98 -20.85
CA ALA B 453 43.99 -12.85 -19.81
C ALA B 453 44.26 -14.23 -20.39
N GLN B 454 45.15 -15.01 -19.76
CA GLN B 454 45.61 -16.30 -20.33
C GLN B 454 45.45 -17.47 -19.35
N LYS B 455 44.35 -17.54 -18.59
CA LYS B 455 44.05 -18.73 -17.77
C LYS B 455 45.07 -18.89 -16.64
N GLY B 456 45.05 -17.91 -15.73
CA GLY B 456 45.90 -17.96 -14.56
C GLY B 456 46.56 -16.63 -14.30
N GLU B 457 46.76 -15.85 -15.35
CA GLU B 457 47.36 -14.54 -15.21
C GLU B 457 46.43 -13.61 -14.43
N THR B 458 47.03 -12.69 -13.69
CA THR B 458 46.30 -11.65 -12.97
C THR B 458 46.47 -10.35 -13.73
N VAL B 459 45.35 -9.70 -14.06
CA VAL B 459 45.35 -8.44 -14.79
C VAL B 459 44.97 -7.34 -13.81
N ALA B 460 45.84 -6.33 -13.70
CA ALA B 460 45.67 -5.31 -12.67
C ALA B 460 44.64 -4.26 -13.10
N LEU B 461 44.90 -3.57 -14.20
CA LEU B 461 44.00 -2.51 -14.67
C LEU B 461 43.89 -1.39 -13.62
N VAL B 462 45.00 -0.69 -13.42
CA VAL B 462 45.10 0.44 -12.51
C VAL B 462 45.14 1.72 -13.32
N GLY B 463 44.29 2.67 -12.98
CA GLY B 463 44.24 3.95 -13.68
C GLY B 463 43.87 5.09 -12.75
N HIS B 464 43.33 6.18 -13.30
CA HIS B 464 42.91 7.29 -12.46
C HIS B 464 41.41 7.21 -12.18
N THR B 465 40.94 8.12 -11.33
CA THR B 465 39.63 8.05 -10.68
C THR B 465 38.44 8.18 -11.63
N GLY B 466 38.57 8.33 -12.94
CA GLY B 466 37.42 8.37 -13.81
C GLY B 466 37.69 7.71 -15.15
N SER B 467 38.77 6.93 -15.21
CA SER B 467 39.22 6.42 -16.50
C SER B 467 38.19 5.50 -17.12
N GLY B 468 37.52 4.69 -16.32
CA GLY B 468 36.56 3.73 -16.83
C GLY B 468 36.93 2.30 -16.51
N LYS B 469 37.57 2.09 -15.36
CA LYS B 469 37.95 0.74 -14.96
C LYS B 469 36.74 -0.10 -14.60
N SER B 470 35.72 0.52 -14.01
CA SER B 470 34.47 -0.19 -13.61
C SER B 470 33.59 -0.39 -14.84
N SER B 471 33.74 0.44 -15.88
CA SER B 471 33.00 0.23 -17.11
C SER B 471 33.44 -1.04 -17.82
N ILE B 472 34.73 -1.39 -17.73
CA ILE B 472 35.20 -2.64 -18.28
C ILE B 472 34.50 -3.82 -17.60
N LEU B 473 34.37 -3.75 -16.27
CA LEU B 473 33.65 -4.80 -15.55
C LEU B 473 32.18 -4.83 -15.96
N ASN B 474 31.56 -3.65 -16.11
CA ASN B 474 30.16 -3.63 -16.51
C ASN B 474 29.96 -4.29 -17.87
N LEU B 475 30.87 -4.03 -18.81
CA LEU B 475 30.81 -4.72 -20.10
C LEU B 475 31.04 -6.22 -19.94
N LEU B 476 32.01 -6.60 -19.11
CA LEU B 476 32.32 -8.02 -18.94
C LEU B 476 31.14 -8.77 -18.36
N PHE B 477 30.43 -8.16 -17.41
CA PHE B 477 29.26 -8.78 -16.80
C PHE B 477 27.99 -8.54 -17.60
N ARG B 478 28.08 -7.84 -18.73
CA ARG B 478 26.95 -7.60 -19.62
C ARG B 478 25.84 -6.80 -18.95
N PHE B 479 26.15 -6.07 -17.88
CA PHE B 479 25.20 -5.08 -17.39
C PHE B 479 24.90 -4.05 -18.47
N TYR B 480 25.91 -3.73 -19.28
CA TYR B 480 25.78 -2.78 -20.42
C TYR B 480 26.41 -3.42 -21.66
N ASP B 481 25.80 -3.25 -22.84
CA ASP B 481 26.28 -3.84 -24.08
C ASP B 481 27.22 -2.86 -24.78
N ALA B 482 28.39 -3.34 -25.15
CA ALA B 482 29.36 -2.52 -25.87
C ALA B 482 28.80 -2.14 -27.23
N GLN B 483 29.03 -0.88 -27.61
CA GLN B 483 28.50 -0.36 -28.86
C GLN B 483 29.47 -0.53 -30.03
N LYS B 484 30.65 -1.08 -29.77
CA LYS B 484 31.63 -1.34 -30.81
C LYS B 484 32.66 -2.30 -30.23
N GLY B 485 33.09 -3.26 -31.03
CA GLY B 485 34.09 -4.23 -30.61
C GLY B 485 33.46 -5.51 -30.11
N ASP B 486 34.30 -6.36 -29.54
CA ASP B 486 33.89 -7.69 -29.11
C ASP B 486 34.49 -8.00 -27.74
N VAL B 487 33.78 -8.80 -26.96
CA VAL B 487 34.28 -9.34 -25.71
C VAL B 487 34.10 -10.85 -25.77
N LEU B 488 35.17 -11.60 -25.54
CA LEU B 488 35.18 -13.04 -25.73
C LEU B 488 35.64 -13.75 -24.47
N ILE B 489 35.01 -14.89 -24.18
CA ILE B 489 35.47 -15.82 -23.16
C ILE B 489 35.71 -17.15 -23.86
N ASP B 490 36.96 -17.63 -23.81
CA ASP B 490 37.34 -18.87 -24.45
C ASP B 490 37.05 -18.84 -25.95
N GLY B 491 37.20 -17.66 -26.56
CA GLY B 491 37.08 -17.51 -27.99
C GLY B 491 35.67 -17.37 -28.53
N LYS B 492 34.66 -17.31 -27.66
CA LYS B 492 33.28 -17.13 -28.08
C LYS B 492 32.78 -15.79 -27.57
N SER B 493 32.14 -15.02 -28.45
CA SER B 493 31.64 -13.70 -28.07
C SER B 493 30.63 -13.82 -26.95
N ILE B 494 30.79 -12.99 -25.92
CA ILE B 494 29.84 -13.01 -24.80
C ILE B 494 28.46 -12.52 -25.22
N TYR B 495 28.33 -11.95 -26.40
CA TYR B 495 27.05 -11.52 -26.92
C TYR B 495 26.32 -12.63 -27.68
N ASN B 496 26.98 -13.77 -27.90
CA ASN B 496 26.34 -14.97 -28.40
C ASN B 496 25.98 -15.93 -27.26
N MET B 497 26.21 -15.52 -26.02
CA MET B 497 25.90 -16.30 -24.83
C MET B 497 24.56 -15.87 -24.27
N SER B 498 24.23 -16.40 -23.09
CA SER B 498 23.15 -15.89 -22.27
C SER B 498 23.75 -15.25 -21.03
N ARG B 499 23.16 -14.14 -20.58
CA ARG B 499 23.76 -13.38 -19.49
C ARG B 499 23.96 -14.25 -18.26
N GLN B 500 23.02 -15.16 -17.99
CA GLN B 500 23.18 -16.07 -16.86
C GLN B 500 24.33 -17.05 -17.11
N GLU B 501 24.45 -17.56 -18.33
CA GLU B 501 25.56 -18.45 -18.66
C GLU B 501 26.90 -17.75 -18.49
N LEU B 502 26.99 -16.50 -18.96
CA LEU B 502 28.23 -15.75 -18.82
C LEU B 502 28.54 -15.47 -17.36
N ARG B 503 27.54 -15.04 -16.59
CA ARG B 503 27.76 -14.65 -15.21
C ARG B 503 28.02 -15.85 -14.30
N SER B 504 27.64 -17.05 -14.72
CA SER B 504 27.95 -18.24 -13.93
C SER B 504 29.44 -18.53 -13.88
N HIS B 505 30.20 -18.05 -14.88
CA HIS B 505 31.63 -18.28 -14.90
C HIS B 505 32.39 -17.41 -13.91
N MET B 506 31.87 -16.22 -13.60
CA MET B 506 32.62 -15.19 -12.90
C MET B 506 32.02 -14.91 -11.53
N GLY B 507 32.89 -14.71 -10.55
CA GLY B 507 32.49 -14.24 -9.24
C GLY B 507 33.13 -12.90 -8.95
N ILE B 508 32.34 -11.90 -8.54
CA ILE B 508 32.80 -10.52 -8.47
C ILE B 508 32.62 -9.98 -7.07
N VAL B 509 33.65 -9.28 -6.58
CA VAL B 509 33.56 -8.47 -5.38
C VAL B 509 33.26 -7.05 -5.85
N LEU B 510 31.98 -6.70 -5.89
CA LEU B 510 31.57 -5.43 -6.45
C LEU B 510 31.98 -4.26 -5.55
N GLN B 511 32.18 -3.11 -6.18
CA GLN B 511 32.34 -1.87 -5.44
C GLN B 511 31.04 -1.52 -4.74
N ASP B 512 31.15 -0.82 -3.62
CA ASP B 512 29.97 -0.57 -2.80
C ASP B 512 29.35 -1.89 -2.37
N PRO B 513 29.97 -2.61 -1.45
CA PRO B 513 29.43 -3.91 -1.04
C PRO B 513 28.01 -3.80 -0.53
N TYR B 514 27.20 -4.80 -0.86
CA TYR B 514 25.79 -4.84 -0.48
C TYR B 514 25.54 -6.11 0.33
N LEU B 515 24.90 -5.95 1.49
CA LEU B 515 24.51 -7.08 2.32
C LEU B 515 22.99 -7.17 2.37
N PHE B 516 22.49 -8.38 2.57
CA PHE B 516 21.06 -8.64 2.63
C PHE B 516 20.64 -8.88 4.07
N SER B 517 19.34 -8.69 4.33
CA SER B 517 18.80 -8.91 5.66
C SER B 517 18.68 -10.42 5.91
N GLY B 518 19.47 -10.91 6.85
CA GLY B 518 19.51 -12.32 7.15
C GLY B 518 20.57 -12.63 8.19
N THR B 519 21.37 -13.66 7.95
CA THR B 519 22.52 -13.97 8.78
C THR B 519 23.80 -13.73 7.99
N ILE B 520 24.93 -13.67 8.71
CA ILE B 520 26.21 -13.49 8.05
C ILE B 520 26.51 -14.69 7.15
N GLY B 521 26.25 -15.90 7.65
CA GLY B 521 26.43 -17.08 6.83
C GLY B 521 25.50 -17.11 5.63
N SER B 522 24.34 -16.47 5.75
CA SER B 522 23.42 -16.39 4.63
C SER B 522 23.84 -15.36 3.59
N ASN B 523 24.74 -14.44 3.95
CA ASN B 523 25.29 -13.49 2.99
C ASN B 523 26.49 -14.07 2.26
N VAL B 524 27.33 -14.82 2.95
CA VAL B 524 28.44 -15.51 2.29
C VAL B 524 27.91 -16.57 1.34
N SER B 525 26.68 -17.06 1.55
CA SER B 525 26.10 -18.09 0.72
C SER B 525 24.97 -17.60 -0.17
N LEU B 526 24.35 -16.47 0.15
CA LEU B 526 23.21 -15.96 -0.59
C LEU B 526 22.08 -16.99 -0.64
N ASP B 527 22.02 -17.85 0.36
CA ASP B 527 20.99 -18.88 0.47
C ASP B 527 21.01 -19.79 -0.77
N ASP B 528 22.12 -20.50 -0.93
CA ASP B 528 22.31 -21.47 -1.99
C ASP B 528 22.66 -22.82 -1.38
N GLU B 529 21.98 -23.87 -1.83
CA GLU B 529 22.12 -25.18 -1.21
C GLU B 529 23.48 -25.81 -1.44
N ARG B 530 24.23 -25.34 -2.44
CA ARG B 530 25.53 -25.91 -2.75
C ARG B 530 26.59 -25.39 -1.80
N MET B 531 26.35 -25.48 -0.49
CA MET B 531 27.20 -24.82 0.48
C MET B 531 27.89 -25.78 1.44
N THR B 532 27.15 -26.58 2.21
CA THR B 532 27.73 -27.30 3.34
C THR B 532 28.43 -26.30 4.27
N GLU B 533 29.60 -26.66 4.80
CA GLU B 533 30.34 -25.81 5.72
C GLU B 533 31.48 -25.07 5.04
N GLU B 534 31.28 -24.65 3.78
CA GLU B 534 32.25 -23.78 3.13
C GLU B 534 32.18 -22.36 3.68
N GLU B 535 31.12 -22.00 4.40
CA GLU B 535 31.03 -20.70 5.05
C GLU B 535 32.27 -20.40 5.89
N ILE B 536 32.50 -21.20 6.92
CA ILE B 536 33.57 -20.87 7.85
C ILE B 536 34.93 -20.93 7.16
N LYS B 537 35.15 -21.92 6.30
CA LYS B 537 36.43 -22.04 5.63
C LYS B 537 36.71 -20.84 4.74
N ASN B 538 35.70 -20.37 4.00
CA ASN B 538 35.90 -19.24 3.11
C ASN B 538 35.80 -17.90 3.81
N ALA B 539 35.35 -17.89 5.06
CA ALA B 539 35.46 -16.71 5.93
C ALA B 539 36.66 -16.79 6.86
N LEU B 540 37.12 -18.00 7.19
CA LEU B 540 38.33 -18.14 7.98
C LEU B 540 39.48 -17.37 7.33
N ARG B 541 39.40 -17.28 5.99
CA ARG B 541 40.33 -16.43 5.22
C ARG B 541 39.82 -15.01 5.39
N GLN B 542 40.58 -14.08 5.99
CA GLN B 542 40.32 -12.64 6.13
C GLN B 542 39.25 -12.33 7.18
N VAL B 543 38.59 -13.33 7.74
CA VAL B 543 37.64 -13.12 8.84
C VAL B 543 37.96 -14.19 9.89
N GLY B 544 38.79 -13.84 10.85
CA GLY B 544 39.13 -14.73 11.95
C GLY B 544 39.05 -14.01 13.27
N ALA B 545 38.56 -12.76 13.24
CA ALA B 545 38.39 -11.96 14.43
C ALA B 545 36.98 -11.46 14.64
N GLU B 546 36.12 -11.48 13.62
CA GLU B 546 34.74 -11.09 13.77
C GLU B 546 33.93 -12.20 14.41
N PRO B 547 33.95 -13.42 13.87
CA PRO B 547 33.08 -14.49 14.43
C PRO B 547 33.47 -14.92 15.82
N LEU B 548 34.56 -14.39 16.39
CA LEU B 548 34.97 -14.75 17.74
C LEU B 548 34.33 -13.84 18.78
N LEU B 549 34.38 -12.52 18.56
CA LEU B 549 33.77 -11.60 19.51
C LEU B 549 32.25 -11.63 19.44
N LYS B 550 31.70 -11.99 18.27
CA LYS B 550 30.23 -12.05 18.06
C LYS B 550 29.57 -12.92 19.14
N LYS B 551 28.41 -12.52 19.65
CA LYS B 551 27.68 -13.28 20.70
C LYS B 551 27.10 -14.55 20.06
N LEU B 552 26.94 -14.56 18.74
CA LEU B 552 26.44 -15.76 17.99
C LEU B 552 27.58 -16.26 17.08
N PRO B 553 27.59 -17.54 16.67
CA PRO B 553 28.73 -18.09 15.89
C PRO B 553 28.67 -17.86 14.38
N LYS B 554 28.59 -16.61 13.90
CA LYS B 554 28.64 -16.25 12.45
C LYS B 554 27.39 -16.51 11.59
N GLY B 555 26.86 -17.73 11.56
CA GLY B 555 25.74 -18.11 10.68
C GLY B 555 24.44 -17.90 11.44
N ILE B 556 24.48 -17.44 12.70
CA ILE B 556 23.26 -17.24 13.54
C ILE B 556 23.07 -15.74 13.81
N ASN B 557 24.13 -14.94 13.85
CA ASN B 557 24.06 -13.51 14.09
C ASN B 557 23.54 -12.83 12.83
N GLU B 558 22.56 -11.95 13.00
CA GLU B 558 21.76 -11.47 11.88
C GLU B 558 22.08 -10.03 11.51
N PRO B 559 22.65 -9.76 10.34
CA PRO B 559 22.60 -8.41 9.79
C PRO B 559 21.16 -7.94 9.62
N VAL B 560 21.03 -6.64 9.30
CA VAL B 560 19.72 -5.99 9.20
C VAL B 560 19.56 -5.40 7.80
N ILE B 561 18.48 -4.66 7.60
CA ILE B 561 18.05 -4.15 6.29
C ILE B 561 19.23 -3.60 5.50
N GLU B 562 19.20 -3.84 4.19
CA GLU B 562 20.19 -3.23 3.28
C GLU B 562 21.56 -3.71 3.73
N LYS B 563 22.60 -2.92 3.47
CA LYS B 563 23.90 -3.21 4.04
C LYS B 563 23.75 -3.32 5.55
N GLY B 564 24.46 -4.28 6.14
CA GLY B 564 24.32 -4.47 7.56
C GLY B 564 24.66 -3.18 8.28
N SER B 565 23.63 -2.49 8.76
CA SER B 565 23.85 -1.23 9.45
C SER B 565 24.66 -1.43 10.72
N THR B 566 24.63 -2.63 11.29
CA THR B 566 25.33 -2.95 12.52
C THR B 566 26.68 -3.61 12.26
N LEU B 567 27.30 -3.32 11.12
CA LEU B 567 28.61 -3.83 10.77
C LEU B 567 29.48 -2.66 10.31
N SER B 568 30.77 -2.73 10.63
CA SER B 568 31.70 -1.71 10.16
C SER B 568 31.82 -1.78 8.64
N SER B 569 32.12 -0.63 8.04
CA SER B 569 32.20 -0.57 6.59
C SER B 569 33.24 -1.53 6.04
N GLY B 570 34.30 -1.80 6.80
CA GLY B 570 35.30 -2.75 6.36
C GLY B 570 34.93 -4.18 6.60
N GLU B 571 34.09 -4.45 7.61
CA GLU B 571 33.62 -5.81 7.85
C GLU B 571 32.55 -6.23 6.85
N ARG B 572 31.78 -5.28 6.32
CA ARG B 572 30.84 -5.60 5.25
C ARG B 572 31.56 -5.95 3.96
N GLN B 573 32.83 -5.54 3.81
CA GLN B 573 33.60 -5.87 2.62
C GLN B 573 34.34 -7.19 2.76
N LEU B 574 34.59 -7.66 3.99
CA LEU B 574 35.11 -9.01 4.15
C LEU B 574 34.03 -10.04 3.86
N ILE B 575 32.78 -9.75 4.22
CA ILE B 575 31.68 -10.67 3.92
C ILE B 575 31.48 -10.76 2.42
N SER B 576 31.59 -9.65 1.70
CA SER B 576 31.50 -9.69 0.25
C SER B 576 32.67 -10.45 -0.36
N PHE B 577 33.86 -10.27 0.20
CA PHE B 577 35.01 -11.02 -0.29
C PHE B 577 34.83 -12.52 -0.07
N ALA B 578 34.35 -12.92 1.11
CA ALA B 578 34.07 -14.33 1.36
C ALA B 578 32.99 -14.84 0.42
N ARG B 579 31.95 -14.05 0.20
CA ARG B 579 30.89 -14.44 -0.73
C ARG B 579 31.46 -14.72 -2.11
N ALA B 580 32.32 -13.83 -2.60
CA ALA B 580 32.95 -14.05 -3.90
C ALA B 580 33.81 -15.31 -3.89
N LEU B 581 34.60 -15.50 -2.83
CA LEU B 581 35.41 -16.71 -2.72
C LEU B 581 34.54 -17.94 -2.45
N ALA B 582 33.46 -17.76 -1.67
CA ALA B 582 32.60 -18.89 -1.34
C ALA B 582 32.01 -19.53 -2.59
N PHE B 583 31.50 -18.71 -3.50
CA PHE B 583 31.11 -19.16 -4.83
C PHE B 583 32.37 -19.36 -5.64
N ASP B 584 32.87 -20.59 -5.70
CA ASP B 584 34.16 -20.84 -6.34
C ASP B 584 34.08 -20.48 -7.82
N PRO B 585 34.66 -19.35 -8.25
CA PRO B 585 34.51 -18.93 -9.64
C PRO B 585 35.67 -19.37 -10.52
N ALA B 586 35.42 -19.51 -11.83
CA ALA B 586 36.50 -19.74 -12.77
C ALA B 586 37.26 -18.46 -13.06
N ILE B 587 36.59 -17.32 -12.98
CA ILE B 587 37.19 -16.00 -13.14
C ILE B 587 36.77 -15.16 -11.94
N LEU B 588 37.75 -14.59 -11.24
CA LEU B 588 37.49 -13.82 -10.03
C LEU B 588 37.76 -12.35 -10.32
N ILE B 589 36.72 -11.53 -10.22
CA ILE B 589 36.82 -10.09 -10.42
C ILE B 589 36.86 -9.42 -9.05
N LEU B 590 37.87 -8.58 -8.83
CA LEU B 590 38.00 -7.82 -7.59
C LEU B 590 37.98 -6.34 -7.94
N ASP B 591 36.86 -5.68 -7.61
CA ASP B 591 36.67 -4.26 -7.92
C ASP B 591 36.99 -3.45 -6.67
N GLU B 592 38.28 -3.20 -6.46
CA GLU B 592 38.75 -2.53 -5.26
C GLU B 592 38.21 -3.23 -4.01
N ALA B 593 38.41 -4.55 -3.97
CA ALA B 593 37.79 -5.37 -2.93
C ALA B 593 38.32 -5.04 -1.55
N THR B 594 39.44 -4.32 -1.45
CA THR B 594 40.04 -4.05 -0.14
C THR B 594 40.24 -2.56 0.08
N ALA B 595 39.25 -1.76 -0.28
CA ALA B 595 39.34 -0.32 -0.07
C ALA B 595 39.11 0.07 1.38
N HIS B 596 38.29 -0.69 2.11
CA HIS B 596 37.91 -0.36 3.48
C HIS B 596 38.53 -1.31 4.50
N ILE B 597 39.56 -2.05 4.13
CA ILE B 597 40.16 -3.07 4.98
C ILE B 597 41.59 -2.64 5.30
N ASP B 598 41.95 -2.68 6.59
CA ASP B 598 43.29 -2.28 7.00
C ASP B 598 44.33 -3.04 6.19
N THR B 599 45.50 -2.43 6.05
CA THR B 599 46.54 -3.04 5.21
C THR B 599 47.09 -4.33 5.82
N GLU B 600 46.95 -4.52 7.13
CA GLU B 600 47.42 -5.78 7.72
C GLU B 600 46.54 -6.94 7.30
N THR B 601 45.26 -6.89 7.69
CA THR B 601 44.31 -7.89 7.23
C THR B 601 44.43 -8.09 5.74
N GLU B 602 44.21 -7.02 4.97
CA GLU B 602 44.21 -7.13 3.52
C GLU B 602 45.50 -7.79 3.07
N ALA B 603 46.62 -7.11 3.21
CA ALA B 603 47.85 -7.60 2.61
C ALA B 603 48.10 -9.01 3.10
N VAL B 604 48.42 -9.17 4.38
CA VAL B 604 48.87 -10.47 4.85
C VAL B 604 47.85 -11.53 4.47
N ILE B 605 46.64 -11.42 5.03
CA ILE B 605 45.72 -12.55 4.99
C ILE B 605 45.23 -12.78 3.56
N GLN B 606 44.63 -11.76 2.94
CA GLN B 606 44.03 -11.96 1.63
C GLN B 606 45.09 -12.36 0.61
N LYS B 607 46.24 -11.68 0.58
CA LYS B 607 47.23 -12.04 -0.43
C LYS B 607 47.77 -13.44 -0.19
N ALA B 608 48.11 -13.77 1.06
CA ALA B 608 48.65 -15.10 1.35
C ALA B 608 47.68 -16.18 0.91
N LEU B 609 46.39 -15.99 1.12
CA LEU B 609 45.41 -17.00 0.77
C LEU B 609 44.80 -16.80 -0.61
N ASP B 610 45.28 -15.81 -1.37
CA ASP B 610 44.95 -15.67 -2.78
C ASP B 610 46.03 -16.25 -3.70
N VAL B 611 47.30 -16.11 -3.33
CA VAL B 611 48.36 -16.66 -4.18
C VAL B 611 48.28 -18.17 -4.25
N VAL B 612 47.83 -18.83 -3.19
CA VAL B 612 47.77 -20.30 -3.19
C VAL B 612 46.84 -20.79 -4.29
N LYS B 613 45.70 -20.10 -4.48
CA LYS B 613 44.69 -20.48 -5.51
C LYS B 613 44.99 -19.68 -6.78
N GLN B 614 46.23 -19.76 -7.29
CA GLN B 614 46.64 -18.98 -8.45
C GLN B 614 46.32 -19.68 -9.77
N GLY B 615 45.78 -20.90 -9.74
CA GLY B 615 45.33 -21.54 -10.95
C GLY B 615 43.94 -21.07 -11.33
N ARG B 616 43.80 -19.77 -11.53
CA ARG B 616 42.50 -19.17 -11.80
C ARG B 616 42.71 -17.72 -12.25
N THR B 617 41.98 -17.32 -13.28
CA THR B 617 42.11 -15.97 -13.80
C THR B 617 41.52 -14.96 -12.83
N THR B 618 42.17 -13.81 -12.71
CA THR B 618 41.75 -12.76 -11.80
C THR B 618 41.81 -11.41 -12.49
N PHE B 619 40.89 -10.53 -12.12
CA PHE B 619 40.93 -9.11 -12.50
C PHE B 619 40.84 -8.30 -11.22
N VAL B 620 41.79 -7.40 -11.01
CA VAL B 620 41.96 -6.71 -9.73
C VAL B 620 42.00 -5.20 -10.02
N ILE B 621 40.83 -4.56 -10.01
CA ILE B 621 40.78 -3.11 -10.07
C ILE B 621 41.31 -2.58 -8.74
N ALA B 622 42.51 -2.01 -8.75
CA ALA B 622 43.20 -1.64 -7.53
C ALA B 622 43.65 -0.19 -7.59
N HIS B 623 43.32 0.57 -6.55
CA HIS B 623 43.96 1.85 -6.29
C HIS B 623 45.14 1.73 -5.33
N ARG B 624 45.22 0.62 -4.60
CA ARG B 624 46.39 0.28 -3.80
C ARG B 624 47.34 -0.50 -4.70
N LEU B 625 48.40 0.15 -5.15
CA LEU B 625 49.30 -0.47 -6.10
C LEU B 625 50.11 -1.61 -5.50
N SER B 626 50.08 -1.78 -4.18
CA SER B 626 50.81 -2.89 -3.57
C SER B 626 50.12 -4.22 -3.81
N THR B 627 48.78 -4.23 -3.82
CA THR B 627 48.04 -5.47 -4.00
C THR B 627 48.14 -6.01 -5.42
N ILE B 628 48.66 -5.24 -6.37
CA ILE B 628 48.79 -5.65 -7.75
C ILE B 628 50.25 -5.60 -8.21
N ARG B 629 51.20 -5.60 -7.28
CA ARG B 629 52.60 -5.53 -7.64
C ARG B 629 53.02 -6.73 -8.48
N ASN B 630 52.54 -7.92 -8.12
CA ASN B 630 52.92 -9.15 -8.77
C ASN B 630 51.98 -9.54 -9.91
N ALA B 631 51.06 -8.66 -10.29
CA ALA B 631 50.15 -8.96 -11.38
C ALA B 631 50.95 -9.25 -12.65
N ASP B 632 50.59 -10.33 -13.34
CA ASP B 632 51.34 -10.74 -14.52
C ASP B 632 51.22 -9.73 -15.66
N GLN B 633 50.17 -8.91 -15.66
CA GLN B 633 49.98 -7.92 -16.70
C GLN B 633 49.21 -6.75 -16.09
N ILE B 634 49.85 -5.59 -15.99
CA ILE B 634 49.23 -4.38 -15.49
C ILE B 634 48.87 -3.51 -16.67
N LEU B 635 47.64 -2.98 -16.67
CA LEU B 635 47.16 -2.08 -17.70
C LEU B 635 46.84 -0.73 -17.07
N VAL B 636 47.24 0.35 -17.74
CA VAL B 636 47.02 1.70 -17.24
C VAL B 636 45.92 2.34 -18.07
N LEU B 637 44.82 2.68 -17.42
CA LEU B 637 43.66 3.27 -18.08
C LEU B 637 43.67 4.78 -17.85
N ASP B 638 43.63 5.54 -18.93
CA ASP B 638 43.69 7.00 -18.86
C ASP B 638 42.70 7.58 -19.86
N LYS B 639 41.70 8.30 -19.35
CA LYS B 639 40.66 8.89 -20.19
C LYS B 639 39.95 7.81 -21.01
N GLY B 640 39.71 6.66 -20.39
CA GLY B 640 39.09 5.55 -21.10
C GLY B 640 39.95 4.98 -22.20
N GLU B 641 41.25 4.83 -21.96
CA GLU B 641 42.16 4.28 -22.95
C GLU B 641 43.37 3.66 -22.28
N ILE B 642 43.69 2.43 -22.66
CA ILE B 642 44.88 1.76 -22.14
C ILE B 642 46.12 2.34 -22.82
N VAL B 643 46.92 3.07 -22.05
CA VAL B 643 48.06 3.80 -22.61
C VAL B 643 49.35 3.04 -22.35
N GLU B 644 49.40 2.28 -21.25
CA GLU B 644 50.59 1.54 -20.87
C GLU B 644 50.21 0.12 -20.47
N ARG B 645 51.06 -0.83 -20.82
CA ARG B 645 50.84 -2.23 -20.48
C ARG B 645 52.16 -2.85 -20.02
N GLY B 646 52.05 -3.88 -19.19
CA GLY B 646 53.22 -4.65 -18.79
C GLY B 646 53.26 -4.93 -17.31
N ASN B 647 54.21 -5.76 -16.88
CA ASN B 647 54.35 -6.07 -15.47
C ASN B 647 54.97 -4.88 -14.73
N HIS B 648 55.18 -5.06 -13.42
CA HIS B 648 55.67 -3.94 -12.62
C HIS B 648 57.03 -3.47 -13.10
N GLU B 649 57.94 -4.39 -13.39
CA GLU B 649 59.28 -3.99 -13.80
C GLU B 649 59.26 -3.24 -15.12
N GLU B 650 58.54 -3.77 -16.11
CA GLU B 650 58.48 -3.14 -17.43
C GLU B 650 57.70 -1.83 -17.40
N LEU B 651 56.82 -1.63 -16.41
CA LEU B 651 56.12 -0.37 -16.27
C LEU B 651 56.93 0.67 -15.53
N MET B 652 57.76 0.25 -14.58
CA MET B 652 58.65 1.19 -13.89
C MET B 652 59.81 1.61 -14.77
N ALA B 653 60.32 0.70 -15.61
CA ALA B 653 61.38 1.07 -16.54
C ALA B 653 60.89 2.09 -17.56
N LEU B 654 59.60 2.08 -17.87
CA LEU B 654 59.06 3.03 -18.84
C LEU B 654 59.01 4.44 -18.29
N GLU B 655 58.87 4.59 -16.97
CA GLU B 655 58.78 5.90 -16.33
C GLU B 655 57.60 6.70 -16.88
N GLY B 656 56.40 6.18 -16.67
CA GLY B 656 55.18 6.82 -17.13
C GLY B 656 54.20 7.11 -16.02
N GLN B 657 52.91 6.97 -16.31
CA GLN B 657 51.90 7.22 -15.29
C GLN B 657 52.03 6.24 -14.13
N TYR B 658 52.22 4.95 -14.43
CA TYR B 658 52.35 3.96 -13.38
C TYR B 658 53.57 4.25 -12.51
N TYR B 659 54.69 4.62 -13.14
CA TYR B 659 55.88 4.97 -12.36
C TYR B 659 55.60 6.14 -11.44
N GLN B 660 54.91 7.17 -11.94
CA GLN B 660 54.59 8.33 -11.12
C GLN B 660 53.74 7.93 -9.93
N MET B 661 52.65 7.19 -10.16
CA MET B 661 51.78 6.80 -9.07
C MET B 661 52.50 5.92 -8.06
N TYR B 662 53.29 4.97 -8.54
CA TYR B 662 54.03 4.08 -7.64
C TYR B 662 55.02 4.86 -6.79
N GLU B 663 55.77 5.77 -7.41
CA GLU B 663 56.72 6.57 -6.63
C GLU B 663 56.03 7.49 -5.66
N LEU B 664 54.83 7.97 -5.99
CA LEU B 664 54.09 8.84 -5.09
C LEU B 664 53.51 8.09 -3.91
N GLN B 665 53.11 6.83 -4.11
CA GLN B 665 52.47 6.06 -3.04
C GLN B 665 53.47 5.43 -2.09
N LYS B 666 54.72 5.87 -2.09
CA LYS B 666 55.70 5.35 -1.14
C LYS B 666 56.65 6.45 -0.66
PG ATP C . 36.50 -0.12 9.56
O1G ATP C . 37.94 -0.12 9.82
O2G ATP C . 36.04 -1.34 9.01
O3G ATP C . 36.07 1.01 8.75
PB ATP C . 35.92 0.74 12.27
O1B ATP C . 37.30 0.58 12.71
O2B ATP C . 35.40 2.04 11.85
O3B ATP C . 35.76 -0.14 10.96
PA ATP C . 33.46 0.49 13.82
O1A ATP C . 33.70 1.50 14.85
O2A ATP C . 32.56 0.82 12.70
O3A ATP C . 34.89 0.06 13.29
O5' ATP C . 32.94 -0.83 14.54
C5' ATP C . 33.33 -1.22 15.87
C4' ATP C . 32.63 -2.50 16.21
O4' ATP C . 31.23 -2.23 16.44
C3' ATP C . 32.65 -3.58 15.13
O3' ATP C . 32.56 -4.88 15.67
C2' ATP C . 31.38 -3.28 14.34
O2' ATP C . 30.93 -4.41 13.64
C1' ATP C . 30.43 -2.87 15.47
N9 ATP C . 29.38 -1.95 15.05
C8 ATP C . 29.48 -0.97 14.11
N7 ATP C . 28.35 -0.32 13.94
C5 ATP C . 27.47 -0.92 14.81
C6 ATP C . 26.11 -0.67 15.11
N6 ATP C . 25.40 0.27 14.52
N1 ATP C . 25.53 -1.46 16.04
C2 ATP C . 26.26 -2.41 16.62
N3 ATP C . 27.54 -2.73 16.43
C4 ATP C . 28.09 -1.93 15.51
H5'1 ATP C . 34.41 -1.35 15.92
H5'2 ATP C . 33.07 -0.44 16.58
H4' ATP C . 33.17 -2.88 17.08
H3' ATP C . 33.57 -3.55 14.55
HO3' ATP C . 32.58 -5.53 14.95
H2' ATP C . 31.48 -2.52 13.58
HO2' ATP C . 30.12 -4.19 13.16
H1' ATP C . 29.93 -3.76 15.84
H8 ATP C . 30.39 -0.75 13.57
HN61 ATP C . 24.42 0.40 14.76
HN62 ATP C . 25.82 0.87 13.81
H2 ATP C . 25.74 -3.02 17.36
MG MG D . 34.74 3.11 9.36
P POV E . -14.81 8.06 26.18
C1 POV E . -16.27 8.92 24.16
C2 POV E . -15.86 7.66 23.42
C210 POV E . -19.77 11.99 17.04
O11 POV E . -16.16 8.70 25.58
C211 POV E . -20.95 12.04 17.97
O12 POV E . -14.92 8.39 27.74
C212 POV E . -22.03 11.08 17.61
O13 POV E . -13.63 8.80 25.63
C213 POV E . -22.40 11.11 16.14
O14 POV E . -14.88 6.56 26.05
C214 POV E . -23.74 10.50 15.84
C215 POV E . -23.87 9.04 16.19
C21 POV E . -15.80 8.54 21.20
O21 POV E . -15.12 8.05 22.24
C22 POV E . -14.93 9.29 20.24
O22 POV E . -16.99 8.38 21.09
C23 POV E . -14.40 10.58 20.78
C24 POV E . -15.32 11.77 20.50
C25 POV E . -15.43 12.14 19.05
C26 POV E . -16.68 11.63 18.37
C27 POV E . -16.70 11.86 16.87
C28 POV E . -17.68 11.00 16.14
C29 POV E . -19.02 10.95 16.80
H29 POV E . -19.40 9.98 17.10
H1 POV E . -15.63 9.75 23.85
H1A POV E . -17.29 9.19 23.90
H210 POV E . -19.53 12.91 16.52
H211 POV E . -20.61 11.82 18.99
H21A POV E . -21.35 13.05 17.98
H22 POV E . -14.09 8.66 19.96
H212 POV E . -21.70 10.08 17.87
H22A POV E . -15.50 9.49 19.33
H21B POV E . -22.90 11.30 18.21
H23 POV E . -14.25 10.50 21.85
H213 POV E . -22.39 12.14 15.80
H23A POV E . -13.43 10.78 20.33
H21C POV E . -21.64 10.59 15.58
H24 POV E . -16.31 11.54 20.88
H214 POV E . -24.51 11.06 16.36
H24A POV E . -14.95 12.64 21.05
H21D POV E . -23.94 10.62 14.77
H25 POV E . -15.40 13.23 18.95
H25A POV E . -14.56 11.76 18.51
H26 POV E . -16.77 10.57 18.57
H26A POV E . -17.54 12.11 18.82
H27 POV E . -16.94 12.90 16.68
H27A POV E . -15.72 11.67 16.46
H28 POV E . -17.80 11.37 15.12
H28A POV E . -17.29 9.99 16.07
P POV F . -17.01 -5.95 20.41
C1 POV F . -18.75 -6.91 22.16
C2 POV F . -20.16 -6.74 22.66
C3 POV F . -20.77 -8.03 23.11
C210 POV F . -30.36 -3.24 18.68
O11 POV F . -18.42 -5.88 21.19
C211 POV F . -30.03 -3.86 17.36
O12 POV F . -15.97 -5.43 21.51
C212 POV F . -28.69 -3.46 16.83
O13 POV F . -17.04 -4.93 19.29
C213 POV F . -28.56 -3.57 15.33
O14 POV F . -16.70 -7.38 20.11
C214 POV F . -27.18 -3.85 14.84
C215 POV F . -27.03 -3.82 13.36
C216 POV F . -27.06 -2.42 12.76
C217 POV F . -25.81 -1.62 12.94
C218 POV F . -25.83 -0.29 12.23
C21 POV F . -22.15 -5.60 21.85
O21 POV F . -20.95 -6.15 21.58
C22 POV F . -22.63 -4.74 20.73
O22 POV F . -22.74 -5.80 22.87
C23 POV F . -23.90 -4.02 21.02
C24 POV F . -24.24 -2.96 19.98
C25 POV F . -25.43 -2.09 20.29
C26 POV F . -26.76 -2.62 19.80
C27 POV F . -27.41 -3.64 20.72
C28 POV F . -28.61 -4.32 20.13
C29 POV F . -29.74 -3.39 19.83
O31 POV F . -21.52 -7.80 24.31
H29 POV F . -30.10 -2.78 20.66
H1 POV F . -18.05 -6.86 23.00
H1A POV F . -18.63 -7.89 21.70
H2 POV F . -20.15 -6.07 23.53
H3 POV F . -21.43 -8.45 22.34
H3A POV F . -20.00 -8.77 23.29
H210 POV F . -31.22 -2.56 18.69
H211 POV F . -30.06 -4.93 17.47
H21A POV F . -30.79 -3.57 16.64
H22 POV F . -21.86 -4.01 20.48
H212 POV F . -28.48 -2.43 17.13
H22A POV F . -22.77 -5.35 19.84
H21B POV F . -27.92 -4.08 17.30
H23 POV F . -24.72 -4.74 21.07
H213 POV F . -29.22 -4.37 14.98
H23A POV F . -23.84 -3.54 22.00
H21C POV F . -28.93 -2.65 14.88
H24 POV F . -23.36 -2.32 19.84
H214 POV F . -26.50 -3.11 15.27
H24A POV F . -24.41 -3.46 19.02
H21D POV F . -26.85 -4.82 15.21
H25 POV F . -25.50 -1.96 21.38
H215 POV F . -26.09 -4.29 13.08
H25A POV F . -25.26 -1.10 19.87
H21E POV F . -27.83 -4.40 12.91
H26 POV F . -27.43 -1.78 19.65
H216 POV F . -27.26 -2.51 11.69
H26A POV F . -26.60 -3.09 18.82
H21F POV F . -27.89 -1.88 13.20
H27 POV F . -26.68 -4.39 21.00
H217 POV F . -25.65 -1.45 14.01
H27A POV F . -27.71 -3.12 21.63
H21G POV F . -24.95 -2.19 12.59
H28 POV F . -28.31 -4.83 19.22
H218 POV F . -24.89 0.22 12.42
H28A POV F . -28.96 -5.09 20.83
H21H POV F . -25.95 -0.46 11.17
H21J POV F . -26.66 0.30 12.62
C2 POV G . -54.94 22.41 -5.96
C210 POV G . -47.13 20.09 -8.67
C211 POV G . -46.50 19.13 -9.64
C212 POV G . -45.87 19.80 -10.81
C213 POV G . -44.74 20.74 -10.46
C214 POV G . -43.55 20.08 -9.84
C215 POV G . -42.78 19.19 -10.78
C21 POV G . -53.15 21.31 -7.11
O21 POV G . -54.47 21.47 -6.97
C22 POV G . -52.43 22.58 -7.43
O22 POV G . -52.60 20.24 -6.99
C23 POV G . -51.52 23.00 -6.32
C24 POV G . -50.63 24.17 -6.69
C25 POV G . -49.40 24.30 -5.84
C26 POV G . -48.49 23.10 -5.84
C27 POV G . -47.98 22.69 -7.22
C28 POV G . -48.85 21.72 -7.94
C29 POV G . -48.12 20.89 -8.94
H29 POV G . -48.42 20.97 -9.99
H210 POV G . -46.74 20.10 -7.66
H211 POV G . -45.75 18.55 -9.11
H21A POV G . -47.25 18.43 -9.99
H22 POV G . -51.84 22.45 -8.33
H212 POV G . -45.49 19.04 -11.49
H22A POV G . -53.15 23.38 -7.61
H21B POV G . -46.64 20.36 -11.35
H23 POV G . -52.12 23.27 -5.45
H213 POV G . -44.42 21.26 -11.36
H23A POV G . -50.89 22.16 -6.03
H21C POV G . -45.11 21.50 -9.78
H24 POV G . -50.32 24.06 -7.74
H214 POV G . -42.87 20.85 -9.46
H24A POV G . -51.21 25.09 -6.63
H21D POV G . -43.87 19.49 -8.98
H25 POV G . -48.83 25.16 -6.17
H25A POV G . -49.71 24.49 -4.81
H26 POV G . -47.64 23.30 -5.20
H26A POV G . -49.03 22.25 -5.41
H27 POV G . -47.87 23.59 -7.82
H27A POV G . -47.00 22.25 -7.10
H28 POV G . -49.34 21.06 -7.22
H28A POV G . -49.65 22.27 -8.45
P POV H . -48.34 -6.93 24.30
C1 POV H . -47.56 -5.05 22.59
C2 POV H . -46.11 -5.25 22.20
C3 POV H . -45.80 -6.63 21.68
O11 POV H . -48.23 -6.32 22.82
O12 POV H . -48.99 -5.75 25.17
O13 POV H . -49.34 -8.05 24.26
O14 POV H . -46.95 -7.20 24.81
C21 POV H . -44.57 -3.87 23.42
O21 POV H . -45.31 -4.98 23.38
C22 POV H . -43.39 -4.04 24.35
O22 POV H . -44.82 -2.86 22.82
C23 POV H . -42.08 -3.98 23.66
C24 POV H . -40.92 -4.31 24.58
C25 POV H . -39.61 -4.49 23.88
C31 POV H . -43.82 -7.70 20.95
O31 POV H . -44.53 -6.59 20.98
C32 POV H . -42.36 -7.43 21.08
O32 POV H . -44.31 -8.79 20.81
C33 POV H . -41.52 -8.65 21.17
C34 POV H . -40.17 -8.38 21.81
H1 POV H . -47.61 -4.44 23.49
H1A POV H . -48.07 -4.50 21.80
H2 POV H . -45.88 -4.57 21.37
H3 POV H . -45.74 -7.35 22.50
H3A POV H . -46.58 -6.98 21.01
H22 POV H . -43.43 -3.27 25.12
H22A POV H . -43.49 -5.00 24.85
H32 POV H . -42.02 -6.84 20.23
H32A POV H . -42.19 -6.82 21.97
H23 POV H . -42.08 -4.68 22.82
H23A POV H . -41.94 -2.98 23.25
H33 POV H . -42.04 -9.40 21.75
H33A POV H . -41.37 -9.06 20.17
H24 POV H . -40.82 -3.52 25.32
H24A POV H . -41.16 -5.22 25.13
P POV I . -14.74 -0.80 22.96
C1 POV I . -14.67 -1.37 25.54
C2 POV I . -13.71 -1.84 26.60
C3 POV I . -12.44 -1.03 26.68
C210 POV I . -14.42 -11.94 22.88
O11 POV I . -14.05 -1.51 24.23
C211 POV I . -15.76 -12.42 23.32
O12 POV I . -16.23 -1.38 22.98
C212 POV I . -15.72 -13.78 23.94
O13 POV I . -14.06 -1.32 21.72
C213 POV I . -17.02 -14.54 23.86
O14 POV I . -14.79 0.67 23.25
C214 POV I . -17.38 -15.02 22.48
C215 POV I . -18.66 -15.79 22.41
C216 POV I . -18.98 -16.32 21.04
C217 POV I . -20.24 -17.14 20.99
C218 POV I . -20.12 -18.49 21.65
C21 POV I . -12.70 -3.93 27.21
O21 POV I . -13.39 -3.23 26.31
C22 POV I . -11.74 -4.91 26.60
O22 POV I . -12.85 -3.80 28.39
C23 POV I . -12.39 -5.88 25.68
C24 POV I . -11.56 -7.13 25.47
C25 POV I . -11.97 -7.93 24.26
C26 POV I . -11.41 -9.33 24.23
C27 POV I . -12.16 -10.33 25.11
C28 POV I . -13.61 -10.52 24.74
C29 POV I . -13.82 -10.87 23.31
O31 POV I . -12.78 0.35 26.93
H29 POV I . -13.44 -10.18 22.57
H1 POV I . -15.60 -1.94 25.58
H1A POV I . -14.94 -0.32 25.72
H2 POV I . -14.20 -1.74 27.58
H3 POV I . -11.80 -1.41 27.48
H3A POV I . -11.88 -1.13 25.76
H210 POV I . -13.88 -12.54 22.13
H211 POV I . -16.18 -11.72 24.03
H21A POV I . -16.43 -12.44 22.46
H22 POV I . -10.98 -4.36 26.05
H212 POV I . -14.94 -14.37 23.44
H22A POV I . -11.22 -5.46 27.39
H21B POV I . -15.42 -13.69 24.98
H23 POV I . -13.36 -6.16 26.08
H213 POV I . -16.98 -15.40 24.53
H23A POV I . -12.57 -5.41 24.72
H21C POV I . -17.83 -13.89 24.22
H24 POV I . -10.51 -6.86 25.37
H214 POV I . -17.45 -14.15 21.82
H24A POV I . -11.65 -7.77 26.36
H21D POV I . -16.57 -15.64 22.10
H25 POV I . -13.05 -7.99 24.22
H215 POV I . -18.61 -16.62 23.11
H25A POV I . -11.63 -7.41 23.37
H21E POV I . -19.47 -15.16 22.74
H26 POV I . -11.42 -9.69 23.21
H216 POV I . -19.08 -15.49 20.35
H26A POV I . -10.37 -9.31 24.55
H21F POV I . -18.16 -16.93 20.69
H27 POV I . -11.66 -11.29 25.04
H217 POV I . -21.05 -16.58 21.46
H27A POV I . -12.10 -10.01 26.15
H21G POV I . -20.52 -17.28 19.95
H28 POV I . -14.03 -11.29 25.38
H218 POV I . -21.07 -19.01 21.57
H28A POV I . -14.15 -9.59 24.96
H21H POV I . -19.33 -19.05 21.15
H21J POV I . -19.87 -18.34 22.70
N POV J . -16.36 -18.79 18.24
P POV J . -12.75 -18.85 14.52
C1 POV J . -14.92 -18.53 13.01
C2 POV J . -16.28 -18.51 13.68
C3 POV J . -17.03 -19.81 13.52
C210 POV J . -21.78 -20.19 12.52
C11 POV J . -14.58 -18.88 16.41
O11 POV J . -14.00 -19.43 13.69
C211 POV J . -21.72 -21.32 11.53
C12 POV J . -14.91 -19.03 17.87
O12 POV J . -13.18 -19.09 16.05
C212 POV J . -20.69 -22.35 11.86
C13 POV J . -16.76 -17.40 17.88
O13 POV J . -12.61 -17.38 14.30
C213 POV J . -21.05 -23.25 13.03
C14 POV J . -17.24 -19.73 17.52
O14 POV J . -11.59 -19.76 14.21
C15 POV J . -16.55 -18.97 19.69
C21 POV J . -16.76 -16.17 13.46
O21 POV J . -17.06 -17.43 13.10
C22 POV J . -17.41 -15.19 12.55
O22 POV J . -16.07 -15.89 14.41
C23 POV J . -18.36 -14.29 13.24
C24 POV J . -19.58 -13.98 12.40
C25 POV J . -20.88 -14.04 13.14
C26 POV J . -21.22 -15.39 13.70
C27 POV J . -21.30 -16.51 12.66
C28 POV J . -21.48 -17.85 13.27
C29 POV J . -21.58 -18.94 12.25
C31 POV J . -18.87 -20.85 14.56
O31 POV J . -18.29 -19.70 14.23
O32 POV J . -18.33 -21.68 15.25
H29 POV J . -21.48 -18.67 11.20
H1 POV J . -15.03 -18.83 11.97
H1A POV J . -14.51 -17.52 13.00
H2 POV J . -16.12 -18.37 14.74
H3 POV J . -17.21 -20.03 12.47
H3A POV J . -16.45 -20.64 13.92
H210 POV J . -22.00 -20.45 13.55
H11 POV J . -15.18 -19.60 15.85
H11A POV J . -14.88 -17.89 16.08
H211 POV J . -22.70 -21.80 11.49
H21A POV J . -21.51 -20.91 10.54
H12 POV J . -14.29 -18.34 18.43
H12A POV J . -14.64 -20.04 18.18
H22 POV J . -16.64 -14.59 12.07
H212 POV J . -20.52 -22.98 10.98
H22A POV J . -17.94 -15.73 11.76
H21B POV J . -19.74 -21.85 12.08
H13 POV J . -17.80 -17.24 18.16
H13A POV J . -16.13 -16.69 18.43
H13B POV J . -16.64 -17.25 16.82
H23 POV J . -18.68 -14.75 14.18
H23A POV J . -17.86 -13.37 13.51
H14 POV J . -18.28 -19.53 17.80
H14A POV J . -17.13 -19.58 16.45
H14B POV J . -16.98 -20.75 17.79
H24 POV J . -19.47 -12.99 11.97
H24A POV J . -19.61 -14.70 11.57
H15 POV J . -17.60 -18.79 19.95
H15A POV J . -16.28 -19.99 19.96
H15B POV J . -15.91 -18.27 20.23
H25 POV J . -20.85 -13.32 13.95
H25A POV J . -21.68 -13.72 12.47
H26 POV J . -20.48 -15.66 14.45
H26A POV J . -22.19 -15.33 14.21
H27 POV J . -22.12 -16.30 11.98
H27A POV J . -20.38 -16.49 12.08
H28 POV J . -20.64 -18.06 13.92
H28A POV J . -22.38 -17.85 13.87
P POV K . -51.77 -15.37 17.54
C1 POV K . -49.26 -15.27 16.74
C2 POV K . -48.09 -14.31 16.57
C3 POV K . -47.96 -13.36 17.72
O11 POV K . -50.39 -14.57 17.32
O12 POV K . -52.58 -14.42 18.56
O13 POV K . -51.50 -16.66 18.25
O14 POV K . -52.51 -15.38 16.23
C21 POV K . -47.89 -14.18 14.18
O21 POV K . -48.26 -13.58 15.33
C22 POV K . -46.43 -13.98 13.91
O22 POV K . -48.66 -14.78 13.49
C23 POV K . -45.96 -14.58 12.63
C24 POV K . -45.06 -13.65 11.86
C25 POV K . -43.94 -14.33 11.14
C26 POV K . -42.79 -14.72 12.02
C27 POV K . -41.58 -15.25 11.27
C28 POV K . -40.52 -15.79 12.16
C29 POV K . -39.31 -16.26 11.42
C31 POV K . -46.47 -11.73 18.55
O31 POV K . -46.68 -12.68 17.64
C32 POV K . -45.44 -10.74 18.11
O32 POV K . -47.05 -11.69 19.60
C33 POV K . -44.85 -11.00 16.77
C34 POV K . -43.82 -12.12 16.78
C35 POV K . -43.30 -12.46 15.42
C36 POV K . -42.08 -13.33 15.44
C37 POV K . -40.89 -12.71 16.11
C38 POV K . -39.58 -13.21 15.59
H1 POV K . -49.54 -15.68 15.77
H1A POV K . -48.98 -16.10 17.37
H2 POV K . -47.19 -14.91 16.54
H3 POV K . -48.76 -12.63 17.70
H3A POV K . -48.04 -13.89 18.66
H22 POV K . -46.22 -12.90 13.89
H22A POV K . -45.86 -14.39 14.73
H32 POV K . -45.89 -9.75 18.11
H32A POV K . -44.63 -10.72 18.85
H23 POV K . -45.43 -15.50 12.84
H23A POV K . -46.82 -14.84 12.02
H33 POV K . -45.65 -11.27 16.07
H33A POV K . -44.38 -10.10 16.39
H24 POV K . -45.66 -13.10 11.13
H24A POV K . -44.65 -12.91 12.55
H34 POV K . -43.00 -11.84 17.42
H34A POV K . -44.28 -13.02 17.22
H25 POV K . -44.33 -15.23 10.65
H25A POV K . -43.57 -13.66 10.35
H35 POV K . -44.08 -12.96 14.85
H35A POV K . -43.05 -11.54 14.90
H26 POV K . -42.49 -13.86 12.61
H26A POV K . -43.14 -15.48 12.72
H36 POV K . -42.31 -14.27 15.94
H36A POV K . -41.81 -13.59 14.41
H27 POV K . -41.90 -16.03 10.59
H27A POV K . -41.17 -14.45 10.67
H37 POV K . -40.93 -11.64 15.97
H37A POV K . -40.95 -12.90 17.17
H28 POV K . -40.23 -15.01 12.88
H28A POV K . -40.94 -16.61 12.74
N POV L . -12.79 27.34 -5.75
P POV L . -16.56 25.19 -4.61
C1 POV L . -18.82 24.64 -3.40
C2 POV L . -18.97 24.72 -1.90
C3 POV L . -19.09 23.37 -1.23
C210 POV L . -20.20 32.06 -5.18
C310 POV L . -25.90 27.88 -0.80
C11 POV L . -13.94 25.37 -4.54
O11 POV L . -17.49 24.20 -3.75
C211 POV L . -20.91 31.21 -6.17
C311 POV L . -27.27 27.83 -0.19
C12 POV L . -13.92 26.33 -5.71
O12 POV L . -15.11 24.52 -4.56
C212 POV L . -21.01 29.78 -5.74
C312 POV L . -28.25 26.99 -0.98
C13 POV L . -11.48 26.66 -5.64
O13 POV L . -17.04 25.18 -6.03
C213 POV L . -19.67 29.12 -5.46
C313 POV L . -29.62 26.95 -0.38
C14 POV L . -12.92 28.32 -4.66
O14 POV L . -16.51 26.48 -3.84
C214 POV L . -18.70 29.14 -6.62
C314 POV L . -30.61 26.11 -1.15
C15 POV L . -12.82 28.06 -7.05
C215 POV L . -17.37 28.53 -6.31
C315 POV L . -31.20 26.75 -2.37
C216 POV L . -16.54 29.30 -5.31
C316 POV L . -32.43 26.02 -2.84
C217 POV L . -16.11 30.66 -5.74
C218 POV L . -15.02 30.67 -6.80
C21 POV L . -20.25 26.78 -1.86
O21 POV L . -20.18 25.46 -1.56
C22 POV L . -19.09 27.60 -1.37
O22 POV L . -21.17 27.24 -2.47
C23 POV L . -19.24 29.05 -1.65
C24 POV L . -18.15 29.88 -1.01
C25 POV L . -18.49 31.33 -0.85
C26 POV L . -18.92 32.01 -2.12
C27 POV L . -17.86 32.05 -3.21
C28 POV L . -18.11 33.08 -4.27
C29 POV L . -19.02 32.58 -5.35
C31 POV L . -18.64 23.85 1.03
O31 POV L . -19.56 23.57 0.12
C32 POV L . -18.92 25.16 1.71
O32 POV L . -17.72 23.13 1.28
C33 POV L . -20.21 25.20 2.45
C34 POV L . -20.48 26.55 3.08
C35 POV L . -20.73 27.67 2.11
C36 POV L . -21.99 27.49 1.30
C37 POV L . -22.37 28.69 0.48
C38 POV L . -23.48 28.45 -0.50
C39 POV L . -24.84 28.37 0.13
H29 POV L . -18.65 32.65 -6.38
H1 POV L . -19.56 23.94 -3.80
H1A POV L . -19.01 25.61 -3.83
H2 POV L . -18.08 25.21 -1.53
H3 POV L . -19.79 22.74 -1.78
H3A POV L . -18.14 22.86 -1.23
H310 POV L . -25.63 26.88 -1.15
H31A POV L . -25.93 28.53 -1.68
H210 POV L . -20.71 32.28 -4.24
H11 POV L . -13.03 24.77 -4.55
H11A POV L . -13.92 25.94 -3.61
H211 POV L . -21.91 31.60 -6.33
H21A POV L . -20.39 31.25 -7.12
H311 POV L . -27.20 27.42 0.81
H31B POV L . -27.66 28.83 -0.11
H12 POV L . -14.86 26.88 -5.72
H12A POV L . -13.89 25.75 -6.62
H22 POV L . -18.97 27.45 -0.30
H212 POV L . -21.62 29.72 -4.85
H22A POV L . -18.17 27.24 -1.84
H21B POV L . -21.51 29.21 -6.51
H32 POV L . -18.10 25.38 2.41
H312 POV L . -28.31 27.39 -1.99
H32A POV L . -18.90 25.96 0.97
H31C POV L . -27.87 25.97 -1.06
H13 POV L . -10.69 27.41 -5.68
H13A POV L . -11.43 26.12 -4.70
H13B POV L . -11.37 25.96 -6.47
H23 POV L . -19.23 29.21 -2.74
H213 POV L . -19.20 29.62 -4.61
H23A POV L . -20.21 29.39 -1.29
H21C POV L . -19.84 28.08 -5.16
H33 POV L . -21.02 24.96 1.77
H313 POV L . -29.56 26.57 0.63
H33A POV L . -20.21 24.44 3.23
H31D POV L . -30.01 27.96 -0.32
H14 POV L . -12.10 29.04 -4.72
H14A POV L . -13.87 28.85 -4.77
H14B POV L . -12.89 27.80 -3.70
H24 POV L . -17.92 29.46 -0.03
H214 POV L . -19.15 28.60 -7.46
H24A POV L . -17.24 29.79 -1.60
H21D POV L . -18.56 30.16 -6.94
H34 POV L . -21.33 26.47 3.75
H314 POV L . -30.11 25.19 -1.45
H34A POV L . -19.61 26.83 3.70
H31E POV L . -31.42 25.83 -0.48
H15 POV L . -12.02 28.78 -7.08
H15A POV L . -12.71 27.34 -7.86
H15B POV L . -13.78 28.58 -7.15
H25 POV L . -19.29 31.43 -0.12
H215 POV L . -17.52 27.52 -5.94
H25A POV L . -17.63 31.86 -0.45
H21E POV L . -16.80 28.44 -7.24
H35 POV L . -20.80 28.61 2.66
H315 POV L . -31.45 27.78 -2.15
H35A POV L . -19.88 27.76 1.43
H31F POV L . -30.46 26.76 -3.16
H26 POV L . -19.81 31.50 -2.51
H216 POV L . -17.11 29.39 -4.39
H26A POV L . -19.22 33.03 -1.89
H21F POV L . -15.65 28.70 -5.07
H36 POV L . -21.86 26.64 0.63
H316 POV L . -32.82 26.52 -3.72
H36A POV L . -22.81 27.24 1.96
H31G POV L . -32.16 24.99 -3.08
H31H POV L . -33.17 26.03 -2.05
H27 POV L . -16.89 32.26 -2.74
H217 POV L . -16.97 31.20 -6.14
H27A POV L . -17.79 31.07 -3.66
H21G POV L . -15.76 31.21 -4.88
H37 POV L . -22.66 29.50 1.16
H37A POV L . -21.49 29.04 -0.06
H28 POV L . -18.55 33.95 -3.81
H218 POV L . -14.77 31.70 -7.04
H28A POV L . -17.16 33.38 -4.70
H21H POV L . -14.14 30.17 -6.40
H21J POV L . -15.38 30.15 -7.69
H38 POV L . -23.47 29.24 -1.24
H38A POV L . -23.28 27.52 -1.02
H39 POV L . -25.11 29.36 0.50
H39A POV L . -24.80 27.71 1.00
P POV M . -13.59 24.22 7.94
C1 POV M . -15.43 23.72 6.09
C2 POV M . -16.35 24.85 6.46
C3 POV M . -17.73 24.39 6.84
C210 POV M . -15.92 30.08 10.14
C310 POV M . -28.08 23.93 1.57
O11 POV M . -14.04 23.99 6.42
C211 POV M . -15.19 30.60 11.35
C311 POV M . -29.47 24.21 2.00
O12 POV M . -12.17 23.49 8.01
C212 POV M . -15.45 29.77 12.56
C312 POV M . -30.52 23.61 1.10
O13 POV M . -14.50 23.53 8.91
C213 POV M . -16.30 30.45 13.62
C313 POV M . -31.91 24.05 1.42
O14 POV M . -13.37 25.71 8.08
C214 POV M . -17.65 30.94 13.14
C314 POV M . -32.95 23.53 0.48
C215 POV M . -18.66 29.86 12.92
C315 POV M . -34.32 24.08 0.77
C216 POV M . -20.06 30.35 12.68
C316 POV M . -35.43 23.38 0.02
C217 POV M . -21.09 29.26 12.68
C218 POV M . -22.49 29.76 12.51
C21 POV M . -16.43 27.10 5.59
O21 POV M . -16.48 25.78 5.34
C22 POV M . -17.15 27.93 4.56
O22 POV M . -15.90 27.59 6.55
C23 POV M . -18.07 28.96 5.15
C24 POV M . -19.07 28.37 6.13
C25 POV M . -20.04 29.34 6.72
C26 POV M . -20.25 29.17 8.21
C27 POV M . -19.28 29.96 9.08
C28 POV M . -17.86 29.95 8.61
C29 POV M . -16.92 30.65 9.54
C31 POV M . -19.78 25.33 7.53
O31 POV M . -18.49 25.54 7.28
C32 POV M . -20.57 25.15 6.27
O32 POV M . -20.22 25.33 8.65
C33 POV M . -22.04 25.00 6.50
C34 POV M . -22.85 26.15 5.93
C35 POV M . -24.10 25.72 5.21
C36 POV M . -23.84 24.87 4.00
C37 POV M . -24.77 25.13 2.86
C38 POV M . -26.16 24.59 3.06
C39 POV M . -27.11 24.99 1.97
H29 POV M . -17.09 31.71 9.74
H1 POV M . -15.75 22.81 6.59
H1A POV M . -15.52 23.53 5.01
H2 POV M . -15.89 25.34 7.32
H3 POV M . -18.22 23.92 5.98
H3A POV M . -17.69 23.64 7.63
H310 POV M . -27.75 22.98 1.98
H31A POV M . -28.05 23.83 0.48
H210 POV M . -15.57 29.13 9.72
H211 POV M . -14.12 30.62 11.14
H21A POV M . -15.50 31.62 11.53
H311 POV M . -29.61 23.81 3.01
H31B POV M . -29.62 25.28 2.05
H22 POV M . -16.42 28.44 3.93
H212 POV M . -15.95 28.85 12.25
H22A POV M . -17.73 27.28 3.91
H21B POV M . -14.50 29.48 13.00
H32 POV M . -20.39 25.99 5.61
H312 POV M . -30.29 23.88 0.08
H32A POV M . -20.21 24.26 5.75
H31C POV M . -30.47 22.53 1.17
H23 POV M . -17.48 29.73 5.66
H213 POV M . -16.46 29.77 14.44
H23A POV M . -18.62 29.46 4.35
H21C POV M . -15.75 31.31 14.00
H33 POV M . -22.37 24.07 6.04
H313 POV M . -32.17 23.72 2.43
H33A POV M . -22.23 24.92 7.56
H31D POV M . -31.95 25.14 1.42
H24 POV M . -19.62 27.59 5.63
H214 POV M . -18.05 31.64 13.87
H24A POV M . -18.51 27.90 6.94
H21D POV M . -17.52 31.49 12.21
H34 POV M . -23.13 26.82 6.75
H314 POV M . -32.67 23.80 -0.55
H34A POV M . -22.22 26.73 5.26
H31E POV M . -32.98 22.45 0.52
H25 POV M . -19.70 30.36 6.53
H215 POV M . -18.35 29.26 12.07
H25A POV M . -21.00 29.23 6.22
H21E POV M . -18.66 29.20 13.79
H35 POV M . -24.73 25.17 5.90
H315 POV M . -34.51 24.00 1.84
H35A POV M . -24.65 26.61 4.90
H31F POV M . -34.34 25.14 0.53
H26 POV M . -21.26 29.46 8.47
H216 POV M . -20.32 31.08 13.45
H26A POV M . -20.14 28.10 8.45
H21F POV M . -20.10 30.87 11.73
H36 POV M . -22.81 25.04 3.66
H316 POV M . -36.37 23.83 0.29
H36A POV M . -23.91 23.82 4.28
H31G POV M . -35.25 23.49 -1.05
H31H POV M . -35.43 22.33 0.29
H27 POV M . -19.62 30.99 9.15
H217 POV M . -20.86 28.55 11.88
H27A POV M . -19.31 29.55 10.09
H21G POV M . -21.02 28.70 13.61
H37 POV M . -24.83 26.20 2.70
H37A POV M . -24.35 24.68 1.95
H28 POV M . -17.53 28.92 8.48
H218 POV M . -23.17 28.91 12.52
H28A POV M . -17.81 30.43 7.63
H21H POV M . -22.73 30.43 13.33
H21J POV M . -22.56 30.29 11.56
H38 POV M . -26.12 23.50 3.11
H38A POV M . -26.54 24.94 4.02
H39 POV M . -26.54 25.29 1.10
H39A POV M . -27.67 25.87 2.30
C210 POV N . -42.52 10.35 14.32
C310 POV N . -44.82 11.33 7.43
C211 POV N . -41.29 11.16 14.07
C311 POV N . -44.21 11.97 8.66
C212 POV N . -40.07 10.56 14.78
C312 POV N . -43.05 11.16 9.23
C213 POV N . -38.78 11.33 14.54
C313 POV N . -42.47 11.71 10.53
C214 POV N . -37.59 10.69 15.25
C314 POV N . -42.04 13.17 10.41
C215 POV N . -36.30 11.51 15.15
C315 POV N . -41.03 13.59 11.48
C216 POV N . -35.09 10.78 15.70
C316 POV N . -40.74 15.09 11.43
C217 POV N . -33.76 11.41 15.32
C218 POV N . -32.58 10.47 15.49
C21 POV N . -47.10 11.09 20.48
C22 POV N . -47.59 11.55 19.14
C23 POV N . -48.04 10.42 18.23
C24 POV N . -48.68 10.93 16.94
C25 POV N . -47.82 11.92 16.17
C26 POV N . -46.45 11.37 15.78
C27 POV N . -45.51 12.41 15.20
C28 POV N . -44.03 12.07 15.43
C29 POV N . -43.66 10.72 14.88
C31 POV N . -52.42 14.80 7.16
C32 POV N . -52.18 15.89 8.17
C33 POV N . -50.88 16.65 7.99
C34 POV N . -49.67 15.78 8.35
C35 POV N . -48.49 15.96 7.41
C36 POV N . -47.50 14.80 7.51
C37 POV N . -47.97 13.51 6.85
C38 POV N . -47.16 12.30 7.28
C39 POV N . -45.77 12.23 6.66
H29 POV N . -44.43 9.95 14.96
H310 POV N . -44.02 11.01 6.76
H31A POV N . -45.35 10.43 7.73
H210 POV N . -42.47 9.30 13.99
H211 POV N . -41.09 11.23 13.00
H21A POV N . -41.45 12.18 14.43
H311 POV N . -43.86 12.97 8.41
H31B POV N . -44.97 12.09 9.43
H22 POV N . -48.41 12.24 19.29
H212 POV N . -40.26 10.52 15.85
H22A POV N . -46.80 12.10 18.64
H21B POV N . -39.93 9.53 14.44
H32 POV N . -53.01 16.59 8.12
H312 POV N . -43.38 10.14 9.40
H32A POV N . -52.19 15.45 9.16
H31C POV N . -42.25 11.12 8.49
H23 POV N . -47.20 9.78 17.99
H213 POV N . -38.57 11.37 13.47
H23A POV N . -48.76 9.79 18.77
H21C POV N . -38.90 12.35 14.87
H33 POV N . -50.79 17.00 6.97
H313 POV N . -43.22 11.62 11.32
H33A POV N . -50.89 17.54 8.63
H31D POV N . -41.62 11.10 10.83
H24 POV N . -48.90 10.09 16.30
H214 POV N . -37.84 10.57 16.30
H24A POV N . -49.63 11.41 17.19
H21D POV N . -37.41 9.70 14.85
H34 POV N . -49.37 16.01 9.37
H314 POV N . -41.60 13.32 9.43
H34A POV N . -49.98 14.73 8.33
H31E POV N . -42.91 13.80 10.49
H25 POV N . -48.35 12.23 15.27
H215 POV N . -36.13 11.75 14.10
H25A POV N . -47.68 12.83 16.78
H21E POV N . -36.42 12.45 15.68
H35 POV N . -48.84 16.03 6.39
H315 POV N . -41.42 13.33 12.46
H35A POV N . -47.98 16.89 7.65
H31F POV N . -40.11 13.03 11.34
H26 POV N . -45.98 10.93 16.67
H216 POV N . -35.16 10.74 16.78
H26A POV N . -46.59 10.56 15.06
H21F POV N . -35.10 9.75 15.34
H36 POV N . -46.55 15.11 7.05
H316 POV N . -40.01 15.32 12.21
H36A POV N . -47.29 14.61 8.56
H31G POV N . -40.33 15.33 10.45
H31H POV N . -41.66 15.63 11.60
H27 POV N . -45.69 12.50 14.13
H217 POV N . -33.80 11.75 14.27
H27A POV N . -45.72 13.38 15.64
H21G POV N . -33.60 12.30 15.92
H37 POV N . -49.02 13.35 7.08
H37A POV N . -47.90 13.62 5.77
H28 POV N . -43.41 12.83 14.95
H218 POV N . -31.67 10.99 15.20
H28A POV N . -43.81 12.09 16.50
H21H POV N . -32.52 10.17 16.53
H21J POV N . -32.73 9.60 14.86
H38 POV N . -47.05 12.32 8.37
H38A POV N . -47.71 11.40 7.03
H39 POV N . -45.35 13.23 6.61
H39A POV N . -45.86 11.87 5.64
PB AOV O . 36.42 4.25 -12.49
O1B AOV O . 36.97 2.95 -12.58
O2B AOV O . 37.66 5.17 -12.77
O3B AOV O . 35.91 4.35 -10.98
PA AOV O . 33.86 4.50 -14.07
O1A AOV O . 32.97 4.20 -12.98
O2A AOV O . 33.55 3.50 -15.25
O3A AOV O . 35.40 4.46 -13.69
O5' AOV O . 33.45 5.83 -14.79
C5' AOV O . 34.02 6.28 -16.01
C4' AOV O . 33.19 7.43 -16.55
O4' AOV O . 31.86 7.00 -16.73
C3' AOV O . 33.11 8.50 -15.51
O3' AOV O . 33.07 9.73 -16.22
C2' AOV O . 31.78 8.25 -14.81
O2' AOV O . 31.26 9.45 -14.28
C1' AOV O . 30.93 7.78 -15.99
N9 AOV O . 29.88 6.87 -15.53
C8 AOV O . 30.04 5.93 -14.58
N7 AOV O . 28.93 5.29 -14.41
C5 AOV O . 28.00 5.77 -15.24
C6 AOV O . 26.66 5.46 -15.50
N6 AOV O . 25.99 4.47 -14.82
N1 AOV O . 26.02 6.16 -16.42
C2 AOV O . 26.63 7.11 -17.09
N3 AOV O . 27.87 7.42 -16.87
C4 AOV O . 28.60 6.79 -15.98
VG AOV O . 36.98 4.65 -9.53
O1G AOV O . 37.30 6.08 -9.88
O2G AOV O . 37.96 3.25 -10.06
O3G AOV O . 35.72 4.40 -8.31
O4G AOV O . 38.04 4.92 -8.10
MG MG P . 34.68 2.13 -10.28
P POV Q . -6.64 -22.52 3.45
C1 POV Q . -9.16 -21.97 4.03
C2 POV Q . -9.92 -23.04 4.76
C3 POV Q . -11.25 -23.37 4.11
O11 POV Q . -7.76 -21.96 4.44
O12 POV Q . -7.08 -24.06 3.28
O13 POV Q . -6.79 -21.80 2.15
O14 POV Q . -5.31 -22.51 4.14
C21 POV Q . -10.06 -23.49 7.12
O21 POV Q . -10.18 -22.60 6.13
C22 POV Q . -11.34 -23.71 7.88
O22 POV Q . -9.02 -24.04 7.38
C23 POV Q . -11.18 -24.63 9.04
C24 POV Q . -12.51 -25.09 9.60
C25 POV Q . -13.15 -26.21 8.82
C31 POV Q . -13.12 -24.72 4.53
O31 POV Q . -11.85 -24.47 4.82
O32 POV Q . -13.98 -23.87 4.59
H1 POV Q . -9.22 -22.14 2.95
H1A POV Q . -9.61 -20.99 4.22
H2 POV Q . -9.31 -23.94 4.74
H3 POV Q . -11.91 -22.50 4.15
H3A POV Q . -11.10 -23.63 3.07
H22 POV Q . -11.71 -22.75 8.23
H22A POV Q . -12.09 -24.11 7.21
H23 POV Q . -10.60 -25.50 8.74
H23A POV Q . -10.62 -24.13 9.83
H24 POV Q . -12.37 -25.42 10.62
H24A POV Q . -13.19 -24.25 9.62
N POV R . -13.22 2.79 -25.11
P POV R . -10.98 0.10 -22.09
C1 POV R . -11.75 -1.33 -20.01
C2 POV R . -12.64 -2.39 -20.61
C210 POV R . -22.49 0.23 -16.33
C11 POV R . -13.14 1.31 -22.98
O11 POV R . -11.86 -0.09 -20.76
C211 POV R . -23.42 0.36 -17.49
C12 POV R . -13.50 1.45 -24.44
O12 POV R . -11.70 1.35 -22.78
C212 POV R . -24.28 -0.84 -17.70
C13 POV R . -13.46 3.92 -24.18
O13 POV R . -9.59 0.49 -21.67
C213 POV R . -25.24 -0.70 -18.86
C14 POV R . -14.13 2.95 -26.28
O14 POV R . -11.17 -1.09 -22.99
C214 POV R . -24.59 -0.53 -20.21
C15 POV R . -11.83 2.86 -25.60
C215 POV R . -23.74 -1.68 -20.63
C21 POV R . -14.62 -1.51 -19.61
O21 POV R . -14.02 -1.92 -20.72
C22 POV R . -15.61 -0.41 -19.87
O22 POV R . -14.36 -1.99 -18.54
C23 POV R . -16.10 0.26 -18.63
C24 POV R . -17.08 -0.59 -17.84
C25 POV R . -17.56 0.08 -16.58
C26 POV R . -18.45 -0.79 -15.73
C27 POV R . -19.35 -0.03 -14.77
C28 POV R . -20.29 0.91 -15.42
C29 POV R . -21.20 0.25 -16.41
H29 POV R . -20.74 -0.24 -17.26
H1 POV R . -12.03 -1.15 -18.97
H1A POV R . -10.72 -1.67 -19.99
H210 POV R . -22.94 0.11 -15.34
H11 POV R . -13.61 2.12 -22.41
H11A POV R . -13.54 0.38 -22.60
H211 POV R . -24.06 1.23 -17.34
H21A POV R . -22.84 0.54 -18.39
H12 POV R . -14.57 1.25 -24.55
H12A POV R . -12.96 0.69 -25.00
H22 POV R . -15.16 0.33 -20.52
H212 POV R . -23.64 -1.70 -17.89
H22A POV R . -16.46 -0.83 -20.41
H21B POV R . -24.84 -1.04 -16.79
H13 POV R . -13.25 4.86 -24.70
H13A POV R . -14.50 3.91 -23.86
H13B POV R . -12.81 3.83 -23.33
H23 POV R . -15.25 0.51 -18.00
H213 POV R . -25.88 -1.59 -18.89
H23A POV R . -16.58 1.20 -18.90
H21C POV R . -25.89 0.16 -18.67
H14 POV R . -13.93 3.90 -26.76
H14A POV R . -13.95 2.13 -26.98
H14B POV R . -15.16 2.91 -25.93
H24 POV R . -17.94 -0.81 -18.46
H214 POV R . -25.38 -0.37 -20.95
H24A POV R . -16.60 -1.52 -17.58
H21D POV R . -23.99 0.38 -20.19
H15 POV R . -11.66 3.82 -26.08
H15A POV R . -11.14 2.75 -24.76
H15B POV R . -11.66 2.05 -26.32
H25 POV R . -16.70 0.39 -15.98
H25A POV R . -18.10 0.99 -16.83
H26 POV R . -19.07 -1.40 -16.39
H26A POV R . -17.82 -1.48 -15.16
H27 POV R . -19.92 -0.75 -14.17
H27A POV R . -18.72 0.53 -14.07
H28 POV R . -20.90 1.40 -14.66
H28A POV R . -19.72 1.68 -15.94
P POV S . -14.96 -24.84 -1.19
C1 POV S . -16.26 -25.49 -3.42
C2 POV S . -17.47 -24.71 -3.88
C3 POV S . -18.01 -23.77 -2.83
C210 POV S . -19.54 -25.26 -13.63
C310 POV S . -26.68 -28.76 -5.68
O11 POV S . -16.17 -25.55 -1.97
C211 POV S . -18.20 -24.64 -13.46
O12 POV S . -13.71 -25.77 -1.59
C212 POV S . -17.24 -25.01 -14.56
O13 POV S . -14.71 -23.49 -1.79
C213 POV S . -17.67 -24.54 -15.94
O14 POV S . -15.17 -24.95 0.30
C214 POV S . -16.55 -24.53 -16.95
C215 POV S . -15.94 -25.89 -17.20
C216 POV S . -15.03 -25.96 -18.39
C217 POV S . -13.82 -25.07 -18.31
C218 POV S . -12.68 -25.55 -19.16
C21 POV S . -18.78 -25.97 -5.47
O21 POV S . -18.58 -25.60 -4.20
C22 POV S . -20.23 -26.07 -5.79
O22 POV S . -17.88 -26.21 -6.24
C23 POV S . -20.53 -26.51 -7.18
C24 POV S . -22.02 -26.66 -7.43
C25 POV S . -22.39 -26.85 -8.88
C26 POV S . -22.41 -25.58 -9.68
C27 POV S . -22.00 -25.75 -11.13
C28 POV S . -20.52 -25.66 -11.37
C29 POV S . -20.13 -26.05 -12.75
C31 POV S . -18.99 -23.92 -0.70
O31 POV S . -18.63 -24.56 -1.81
C32 POV S . -20.39 -24.26 -0.32
O32 POV S . -18.24 -23.21 -0.09
C33 POV S . -21.34 -24.29 -1.47
C34 POV S . -22.78 -24.41 -1.02
C35 POV S . -23.40 -25.73 -1.34
C36 POV S . -23.80 -25.89 -2.77
C37 POV S . -24.30 -27.26 -3.12
C38 POV S . -24.98 -27.35 -4.46
C39 POV S . -25.45 -28.73 -4.81
H29 POV S . -20.36 -27.06 -13.07
H1 POV S . -16.29 -26.49 -3.83
H1A POV S . -15.35 -25.00 -3.81
H2 POV S . -17.13 -24.15 -4.74
H3 POV S . -17.19 -23.17 -2.41
H3A POV S . -18.71 -23.07 -3.26
H210 POV S . -20.09 -25.06 -14.54
H211 POV S . -18.32 -23.55 -13.45
H21A POV S . -17.78 -24.94 -12.51
H22 POV S . -20.69 -26.77 -5.09
H212 POV S . -16.27 -24.57 -14.32
H22A POV S . -20.70 -25.10 -5.61
H21B POV S . -17.12 -26.09 -14.56
H32 POV S . -20.41 -25.23 0.17
H32A POV S . -20.74 -23.53 0.42
H23 POV S . -20.13 -25.79 -7.89
H213 POV S . -18.46 -25.20 -16.29
H23A POV S . -20.03 -27.46 -7.38
H21C POV S . -18.08 -23.54 -15.87
H33 POV S . -21.22 -23.38 -2.06
H33A POV S . -21.09 -25.13 -2.12
H24 POV S . -22.38 -27.53 -6.86
H214 POV S . -16.93 -24.14 -17.89
H24A POV S . -22.53 -25.79 -7.04
H21D POV S . -15.77 -23.85 -16.62
H34 POV S . -22.83 -24.24 0.04
H34A POV S . -23.36 -23.62 -1.51
H25 POV S . -21.68 -27.54 -9.33
H215 POV S . -15.38 -26.18 -16.31
H25A POV S . -23.36 -27.31 -8.93
H21E POV S . -16.74 -26.62 -17.33
H35 POV S . -22.71 -26.52 -1.08
H35A POV S . -24.29 -25.87 -0.71
H26 POV S . -23.41 -25.16 -9.64
H216 POV S . -14.70 -26.98 -18.53
H26A POV S . -21.74 -24.85 -9.21
H21F POV S . -15.60 -25.68 -19.28
H36 POV S . -24.57 -25.16 -3.01
H36A POV S . -22.94 -25.65 -3.41
H27 POV S . -22.35 -26.73 -11.48
H217 POV S . -14.09 -24.06 -18.61
H27A POV S . -22.49 -25.01 -11.73
H21G POV S . -13.49 -25.00 -17.27
H37 POV S . -23.46 -27.95 -3.11
H37A POV S . -24.99 -27.59 -2.35
H28 POV S . -20.19 -24.64 -11.16
H218 POV S . -11.84 -24.87 -19.05
H28A POV S . -20.00 -26.30 -10.66
H21H POV S . -12.39 -26.55 -18.82
H21J POV S . -13.00 -25.58 -20.20
H38 POV S . -25.83 -26.67 -4.46
H38A POV S . -24.30 -27.00 -5.22
H39 POV S . -25.66 -29.28 -3.89
H39A POV S . -24.65 -29.26 -5.32
C1 POV T . -11.26 -9.61 -24.36
C2 POV T . -12.64 -10.19 -24.49
C3 POV T . -13.58 -9.78 -23.37
C210 POV T . -16.00 -17.73 -21.60
C310 POV T . -13.50 -9.84 -14.51
O11 POV T . -10.46 -10.04 -25.50
C211 POV T . -16.21 -16.68 -20.56
C311 POV T . -14.98 -10.07 -14.44
C212 POV T . -16.98 -17.15 -19.38
C312 POV T . -15.40 -10.94 -13.30
C213 POV T . -17.06 -16.14 -18.24
C313 POV T . -15.46 -10.24 -11.97
C214 POV T . -15.93 -16.23 -17.25
C314 POV T . -15.09 -11.08 -10.79
C215 POV T . -16.06 -15.32 -16.07
C315 POV T . -13.62 -11.13 -10.51
C216 POV T . -17.26 -15.59 -15.21
C316 POV T . -13.30 -11.26 -9.05
C217 POV T . -18.02 -14.38 -14.76
C218 POV T . -17.43 -13.69 -13.57
C21 POV T . -13.36 -12.34 -25.26
O21 POV T . -12.49 -11.64 -24.53
C22 POV T . -12.67 -13.21 -26.28
O22 POV T . -14.54 -12.27 -25.12
C23 POV T . -11.78 -14.27 -25.69
C24 POV T . -12.57 -15.36 -24.98
C25 POV T . -11.77 -16.61 -24.73
C26 POV T . -12.45 -17.61 -23.82
C27 POV T . -13.80 -18.09 -24.31
C28 POV T . -14.59 -18.88 -23.31
C29 POV T . -14.84 -18.13 -22.04
C31 POV T . -13.65 -7.43 -23.14
O31 POV T . -14.19 -8.50 -23.70
C32 POV T . -14.12 -7.25 -21.74
O32 POV T . -12.87 -6.72 -23.70
C33 POV T . -13.71 -5.93 -21.15
C34 POV T . -14.56 -5.56 -19.94
C35 POV T . -14.40 -6.47 -18.76
C36 POV T . -13.02 -6.46 -18.18
C37 POV T . -12.96 -6.73 -16.71
C38 POV T . -13.33 -8.13 -16.33
C39 POV T . -13.11 -8.45 -14.90
H29 POV T . -13.97 -17.89 -21.42
H1 POV T . -11.31 -8.52 -24.33
H1A POV T . -10.80 -9.94 -23.43
H2 POV T . -13.11 -9.81 -25.39
H3 POV T . -14.34 -10.53 -23.22
H3A POV T . -13.03 -9.69 -22.44
H310 POV T . -13.06 -10.08 -13.55
H31A POV T . -13.07 -10.53 -15.23
H210 POV T . -16.88 -18.20 -22.01
H211 POV T . -15.23 -16.31 -20.23
H21A POV T . -16.72 -15.83 -21.02
H311 POV T . -15.49 -9.11 -14.37
H31B POV T . -15.31 -10.52 -15.38
H22 POV T . -13.42 -13.70 -26.90
H212 POV T . -17.99 -17.40 -19.70
H22A POV T . -12.07 -12.59 -26.94
H21B POV T . -16.52 -18.06 -19.01
H32 POV T . -15.21 -7.33 -21.71
H312 POV T . -16.38 -11.36 -13.51
H32A POV T . -13.72 -8.05 -21.11
H31C POV T . -14.71 -11.79 -13.23
H23 POV T . -11.18 -14.71 -26.47
H213 POV T . -17.07 -15.14 -18.66
H23A POV T . -11.10 -13.80 -24.98
H21C POV T . -18.00 -16.29 -17.72
H33 POV T . -12.67 -5.97 -20.87
H313 POV T . -14.78 -9.39 -12.01
H33A POV T . -13.81 -5.16 -21.91
H31D POV T . -16.45 -9.84 -11.83
H24 POV T . -12.93 -14.98 -24.04
H214 POV T . -15.86 -17.26 -16.90
H24A POV T . -13.44 -15.61 -25.59
H21D POV T . -14.99 -16.02 -17.77
H34 POV T . -14.31 -4.54 -19.64
H314 POV T . -15.61 -10.70 -9.92
H34A POV T . -15.61 -5.55 -20.24
H31E POV T . -15.45 -12.10 -10.96
H25 POV T . -11.56 -17.11 -25.68
H215 POV T . -15.15 -15.39 -15.47
H25A POV T . -10.81 -16.33 -24.30
H21E POV T . -16.12 -14.29 -16.44
H35 POV T . -15.10 -6.18 -17.98
H315 POV T . -13.17 -11.96 -11.05
H35A POV T . -14.65 -7.49 -19.05
H31F POV T . -13.15 -10.22 -10.89
H26 POV T . -11.79 -18.46 -23.67
H216 POV T . -17.93 -16.26 -15.75
H26A POV T . -12.58 -17.14 -22.84
H21F POV T . -16.93 -16.14 -14.32
H36 POV T . -12.42 -7.21 -18.69
H316 POV T . -12.22 -11.29 -8.91
H36A POV T . -12.56 -5.49 -18.37
H31G POV T . -13.72 -10.41 -8.51
H31H POV T . -13.75 -12.18 -8.67
H27 POV T . -14.40 -17.23 -24.61
H217 POV T . -18.08 -13.68 -15.60
H27A POV T . -13.65 -18.71 -25.20
H21G POV T . -19.05 -14.67 -14.54
H37 POV T . -11.96 -6.53 -16.34
H37A POV T . -13.64 -6.05 -16.20
H28 POV T . -15.54 -19.18 -23.75
H218 POV T . -18.04 -12.83 -13.33
H28A POV T . -14.05 -19.79 -23.07
H21H POV T . -17.42 -14.39 -12.74
H21J POV T . -16.42 -13.37 -13.82
H38 POV T . -14.39 -8.29 -16.57
H38A POV T . -12.75 -8.82 -16.94
H39 POV T . -13.68 -7.74 -14.29
H39A POV T . -12.07 -8.30 -14.65
P POV U . -0.61 21.83 -7.36
C1 POV U . -1.51 22.76 -9.64
C2 POV U . -2.66 23.55 -10.21
C3 POV U . -3.40 22.80 -11.29
C310 POV U . -7.74 19.96 -15.58
O11 POV U . -1.48 22.90 -8.20
C311 POV U . -9.08 19.56 -16.12
O12 POV U . -0.55 22.47 -5.90
C312 POV U . -9.34 18.08 -16.13
O13 POV U . -1.43 20.58 -7.30
C313 POV U . -9.14 17.42 -17.47
O14 POV U . 0.77 21.76 -7.95
C314 POV U . -7.81 17.69 -18.11
C315 POV U . -7.49 16.72 -19.21
C316 POV U . -6.16 16.97 -19.86
O21 POV U . -2.16 24.78 -10.81
C31 POV U . -5.17 23.14 -12.77
O31 POV U . -4.56 23.55 -11.67
C32 POV U . -5.38 24.27 -13.73
O32 POV U . -5.49 21.99 -12.94
C33 POV U . -4.12 24.98 -14.10
C34 POV U . -3.13 24.08 -14.80
C35 POV U . -3.57 23.62 -16.17
C36 POV U . -3.33 22.17 -16.44
C37 POV U . -4.51 21.46 -17.01
C38 POV U . -5.62 21.22 -16.04
C39 POV U . -6.79 20.49 -16.61
H1 POV U . -1.61 21.72 -9.90
H1A POV U . -0.57 23.11 -10.06
H2 POV U . -3.34 23.75 -9.39
H3 POV U . -2.74 22.64 -12.16
H3A POV U . -3.68 21.81 -10.93
H310 POV U . -7.88 20.72 -14.81
H31A POV U . -7.28 19.09 -15.09
H311 POV U . -9.86 20.04 -15.52
H31B POV U . -9.18 19.94 -17.14
H32 POV U . -5.86 23.89 -14.62
H312 POV U . -8.68 17.60 -15.41
H32A POV U . -6.08 24.99 -13.28
H31C POV U . -10.36 17.89 -15.80
H33 POV U . -4.36 25.82 -14.75
H313 POV U . -9.26 16.34 -17.35
H33A POV U . -3.66 25.40 -13.20
H31D POV U . -9.92 17.76 -18.14
H34 POV U . -2.17 24.61 -14.90
H314 POV U . -7.80 18.71 -18.52
H34A POV U . -2.94 23.21 -14.18
H31E POV U . -7.02 17.64 -17.35
H35 POV U . -4.63 23.83 -16.28
H315 POV U . -7.50 15.71 -18.81
H35A POV U . -3.05 24.21 -16.92
H31F POV U . -8.27 16.77 -19.96
H36 POV U . -2.49 22.07 -17.11
H316 POV U . -6.00 16.23 -20.64
H36A POV U . -3.04 21.68 -15.50
H31G POV U . -6.15 17.96 -20.29
H31H POV U . -5.37 16.89 -19.11
H37 POV U . -4.90 22.05 -17.85
H37A POV U . -4.19 20.51 -17.43
H38 POV U . -5.23 20.65 -15.19
H38A POV U . -5.96 22.18 -15.64
H39 POV U . -6.43 19.65 -17.21
H39A POV U . -7.33 21.15 -17.29
P POV V . -10.36 13.83 -19.76
C1 POV V . -12.29 15.54 -19.21
C2 POV V . -12.28 17.07 -19.36
C3 POV V . -12.58 17.81 -18.08
O11 POV V . -10.98 15.09 -18.94
O12 POV V . -11.11 12.62 -18.93
O13 POV V . -10.83 13.81 -21.18
O14 POV V . -8.90 13.78 -19.42
C21 POV V . -12.83 17.94 -21.51
O21 POV V . -13.24 17.52 -20.32
O22 POV V . -11.78 18.52 -21.69
C31 POV V . -12.89 20.07 -17.44
O31 POV V . -12.87 19.17 -18.41
C32 POV V . -13.73 21.26 -17.84
O32 POV V . -12.32 19.94 -16.38
C33 POV V . -15.22 21.09 -17.61
H1 POV V . -12.96 15.25 -18.40
H1A POV V . -12.67 15.07 -20.12
H2 POV V . -11.26 17.29 -19.68
H3 POV V . -13.42 17.36 -17.56
H3A POV V . -11.72 17.76 -17.40
H32 POV V . -13.39 22.13 -17.28
H32A POV V . -13.56 21.46 -18.89
N POV W . -22.02 26.29 -12.22
P POV W . -25.23 24.67 -9.38
C1 POV W . -23.11 23.27 -8.68
C2 POV W . -21.63 23.45 -8.31
C3 POV W . -20.73 22.49 -9.04
C210 POV W . -30.10 20.40 -8.16
C310 POV W . -26.91 18.94 -11.20
C11 POV W . -24.23 24.95 -11.82
O11 POV W . -23.63 24.46 -9.25
C211 POV W . -31.55 20.70 -8.30
C311 POV W . -27.88 17.92 -11.78
C12 POV W . -23.52 26.27 -12.05
O12 POV W . -25.35 25.09 -10.97
C212 POV W . -32.22 19.90 -9.43
C312 POV W . -27.84 16.56 -11.08
C13 POV W . -21.55 27.66 -12.55
O13 POV W . -25.86 23.32 -9.20
C213 POV W . -33.23 20.71 -10.23
C313 POV W . -29.13 16.20 -10.37
C14 POV W . -21.42 25.88 -10.93
O14 POV W . -25.69 25.83 -8.56
C214 POV W . -34.39 21.22 -9.39
C314 POV W . -30.27 15.86 -11.32
C15 POV W . -21.56 25.34 -13.27
C215 POV W . -35.13 22.40 -10.02
C315 POV W . -31.48 15.25 -10.63
C216 POV W . -35.63 23.41 -9.00
C316 POV W . -32.03 16.12 -9.50
C217 POV W . -34.52 24.22 -8.34
C218 POV W . -35.06 25.32 -7.43
C21 POV W . -20.99 24.30 -6.18
O21 POV W . -21.41 23.26 -6.91
C22 POV W . -21.86 24.49 -4.96
O22 POV W . -20.04 24.97 -6.47
C23 POV W . -23.35 24.49 -5.25
C24 POV W . -23.93 23.09 -5.13
C25 POV W . -25.33 22.96 -5.70
C26 POV W . -25.70 21.52 -6.01
C27 POV W . -27.20 21.28 -6.09
C28 POV W . -27.70 20.92 -7.48
C29 POV W . -29.16 21.19 -7.63
C31 POV W . -18.80 23.18 -10.22
O31 POV W . -19.40 22.98 -9.05
C32 POV W . -18.43 21.87 -10.89
O32 POV W . -18.57 24.27 -10.68
C33 POV W . -18.76 21.78 -12.37
C34 POV W . -20.25 21.97 -12.64
C35 POV W . -21.12 20.77 -12.27
C36 POV W . -22.51 21.17 -11.81
C37 POV W . -23.64 20.40 -12.47
C38 POV W . -24.93 20.46 -11.65
C39 POV W . -26.09 19.68 -12.25
H29 POV W . -29.51 22.15 -7.26
H1 POV W . -23.22 22.45 -9.38
H1A POV W . -23.68 23.01 -7.79
H2 POV W . -21.39 24.47 -8.61
H3 POV W . -20.76 21.51 -8.57
H3A POV W . -21.08 22.36 -10.07
H310 POV W . -27.46 19.67 -10.61
H31A POV W . -26.23 18.43 -10.51
H210 POV W . -29.76 19.44 -8.54
H11 POV W . -24.54 24.54 -12.78
H11A POV W . -23.53 24.25 -11.38
H211 POV W . -32.06 20.46 -7.36
H21A POV W . -31.70 21.76 -8.48
H311 POV W . -28.89 18.32 -11.71
H31B POV W . -27.66 17.78 -12.83
H12 POV W . -23.76 26.92 -11.21
H12A POV W . -23.96 26.73 -12.94
H22 POV W . -21.63 23.71 -4.25
H212 POV W . -31.44 19.54 -10.11
H22A POV W . -21.59 25.44 -4.50
H21B POV W . -32.71 19.02 -9.01
H32 POV W . -17.37 21.70 -10.75
H312 POV W . -27.61 15.80 -11.83
H32A POV W . -18.96 21.06 -10.37
H31C POV W . -27.02 16.56 -10.37
H13 POV W . -20.47 27.64 -12.67
H13A POV W . -22.01 27.98 -13.48
H13B POV W . -21.82 28.34 -11.75
H23 POV W . -23.85 25.16 -4.55
H213 POV W . -32.73 21.56 -10.69
H23A POV W . -23.53 24.88 -6.25
H21C POV W . -33.62 20.09 -11.03
H33 POV W . -18.20 22.55 -12.91
H313 POV W . -28.95 15.34 -9.71
H33A POV W . -18.44 20.82 -12.76
H31D POV W . -29.43 17.03 -9.73
H14 POV W . -20.33 25.89 -11.02
H14A POV W . -21.72 26.58 -10.15
H14B POV W . -21.77 24.87 -10.67
H24 POV W . -23.27 22.39 -5.63
H214 POV W . -35.10 20.41 -9.23
H24A POV W . -23.95 22.80 -4.07
H21D POV W . -34.03 21.52 -8.41
H34 POV W . -20.60 22.84 -12.09
H314 POV W . -30.57 16.76 -11.84
H34A POV W . -20.39 22.19 -13.70
H31E POV W . -29.91 15.17 -12.07
H15 POV W . -20.47 25.39 -13.34
H15A POV W . -21.86 24.33 -12.99
H15B POV W . -22.01 25.61 -14.22
H25 POV W . -26.05 23.37 -4.99
H215 POV W . -34.45 22.91 -10.72
H25A POV W . -25.40 23.55 -6.61
H21E POV W . -35.97 22.03 -10.60
H35 POV W . -21.21 20.12 -13.14
H315 POV W . -32.26 15.09 -11.35
H35A POV W . -20.62 20.20 -11.49
H31F POV W . -31.21 14.28 -10.22
H26 POV W . -25.24 21.22 -6.95
H216 POV W . -36.32 24.10 -9.50
H26A POV W . -25.28 20.87 -5.24
H21F POV W . -36.21 22.89 -8.24
H36 POV W . -22.57 21.02 -10.72
H316 POV W . -32.88 15.63 -9.05
H36A POV W . -22.66 22.23 -11.99
H31G POV W . -31.24 16.26 -8.75
H31H POV W . -32.32 17.08 -9.91
H27 POV W . -27.47 20.48 -5.40
H217 POV W . -33.90 23.55 -7.76
H27A POV W . -27.72 22.18 -5.75
H21G POV W . -33.89 24.67 -9.10
H37 POV W . -23.82 20.81 -13.46
H37A POV W . -23.35 19.36 -12.60
H28 POV W . -27.15 21.49 -8.23
H218 POV W . -34.21 25.85 -6.98
H28A POV W . -27.50 19.87 -7.69
H21H POV W . -35.67 26.01 -8.02
H21J POV W . -35.66 24.86 -6.65
H38 POV W . -24.74 20.09 -10.65
H38A POV W . -25.23 21.51 -11.54
H39 POV W . -25.70 18.96 -12.97
H39A POV W . -26.74 20.36 -12.80
C210 POV X . -36.87 5.72 -13.48
C310 POV X . -40.60 13.99 -17.57
C211 POV X . -35.71 6.01 -12.59
C21 POV X . -43.30 10.51 -18.09
C22 POV X . -42.29 9.62 -17.42
C23 POV X . -41.20 9.10 -18.36
C24 POV X . -40.19 8.25 -17.60
C25 POV X . -38.84 8.14 -18.32
C26 POV X . -37.79 7.41 -17.51
C27 POV X . -37.30 8.18 -16.29
C28 POV X . -36.42 7.37 -15.35
C29 POV X . -37.17 6.30 -14.64
C31 POV X . -43.80 11.73 -13.61
C32 POV X . -43.42 13.17 -13.83
C33 POV X . -42.65 13.80 -12.68
C34 POV X . -41.38 13.04 -12.38
C35 POV X . -40.41 12.92 -13.55
C36 POV X . -40.29 11.49 -14.06
C37 POV X . -39.22 11.29 -15.13
C38 POV X . -39.20 12.39 -16.19
C39 POV X . -40.52 12.61 -16.92
H29 POV X . -38.07 5.94 -15.13
H210 POV X . -37.55 4.94 -13.14
H22 POV X . -41.83 10.15 -16.60
H22A POV X . -42.81 8.76 -16.99
H32 POV X . -42.82 13.24 -14.73
H32A POV X . -44.33 13.74 -14.00
H23 POV X . -41.65 8.52 -19.16
H23A POV X . -40.69 9.94 -18.82
H33 POV X . -42.40 14.84 -12.94
H33A POV X . -43.28 13.84 -11.79
H24 POV X . -40.03 8.66 -16.62
H24A POV X . -40.60 7.24 -17.47
H34 POV X . -40.86 13.53 -11.55
H34A POV X . -41.63 12.04 -12.04
H25 POV X . -38.99 7.63 -19.27
H25A POV X . -38.48 9.15 -18.55
H35 POV X . -40.77 13.55 -14.36
H35A POV X . -39.44 13.28 -13.26
H26 POV X . -38.20 6.45 -17.18
H26A POV X . -36.94 7.18 -18.15
H36 POV X . -40.06 10.84 -13.22
H36A POV X . -41.25 11.16 -14.46
H27 POV X . -36.75 9.06 -16.64
H27A POV X . -38.17 8.55 -15.74
H37 POV X . -38.24 11.24 -14.65
H37A POV X . -39.38 10.33 -15.63
H28 POV X . -35.60 6.92 -15.92
H28A POV X . -35.97 8.04 -14.62
H38 POV X . -38.90 13.33 -15.70
H38A POV X . -38.42 12.16 -16.92
H39 POV X . -41.34 12.50 -16.21
H39A POV X . -40.64 11.84 -17.67
P POV Y . -46.82 -9.95 -17.68
C1 POV Y . -44.74 -10.88 -19.00
C2 POV Y . -44.12 -10.93 -20.41
C3 POV Y . -43.20 -12.11 -20.59
C210 POV Y . -32.91 -6.49 -20.73
O11 POV Y . -45.94 -10.15 -19.04
C211 POV Y . -32.06 -6.15 -19.55
O12 POV Y . -47.80 -11.26 -17.84
C212 POV Y . -32.55 -6.86 -18.27
O13 POV Y . -45.89 -10.20 -16.53
C213 POV Y . -31.98 -6.27 -16.99
O14 POV Y . -47.65 -8.71 -17.75
C214 POV Y . -30.50 -6.58 -16.82
C215 POV Y . -29.81 -5.74 -15.74
C216 POV Y . -28.30 -5.91 -15.76
C217 POV Y . -27.57 -5.00 -14.78
C218 POV Y . -26.06 -5.22 -14.78
C21 POV Y . -42.60 -9.69 -21.78
O21 POV Y . -43.32 -9.76 -20.66
C22 POV Y . -41.26 -9.03 -21.51
O22 POV Y . -42.98 -10.08 -22.85
C23 POV Y . -40.27 -9.10 -22.66
C24 POV Y . -38.83 -8.98 -22.19
C25 POV Y . -38.17 -7.67 -22.58
C26 POV Y . -36.80 -7.46 -21.93
C27 POV Y . -36.21 -6.07 -22.18
C28 POV Y . -34.71 -6.09 -22.48
C29 POV Y . -33.87 -5.75 -21.29
C31 POV Y . -41.56 -12.54 -18.95
O31 POV Y . -41.97 -11.79 -19.95
C32 POV Y . -40.75 -11.72 -17.98
O32 POV Y . -41.81 -13.72 -18.84
C33 POV Y . -39.66 -12.48 -17.27
C34 POV Y . -38.66 -13.07 -18.25
C35 POV Y . -37.97 -12.06 -19.16
C36 POV Y . -37.22 -10.99 -18.38
C37 POV Y . -36.28 -10.15 -19.23
C38 POV Y . -35.45 -9.16 -18.41
H29 POV Y . -34.07 -4.80 -20.82
H1 POV Y . -44.94 -11.90 -18.66
H1A POV Y . -44.04 -10.44 -18.30
H2 POV Y . -44.96 -10.98 -21.09
H3 POV Y . -43.64 -13.01 -20.17
H3A POV Y . -43.04 -12.32 -21.66
H210 POV Y . -32.71 -7.46 -21.20
H211 POV Y . -31.03 -6.45 -19.73
H21A POV Y . -32.07 -5.08 -19.39
H22 POV Y . -41.43 -7.99 -21.26
H212 POV Y . -33.64 -6.81 -18.23
H22A POV Y . -40.81 -9.51 -20.64
H21B POV Y . -32.29 -7.91 -18.33
H32 POV Y . -40.31 -10.89 -18.53
H32A POV Y . -41.43 -11.29 -17.25
H23 POV Y . -40.40 -10.05 -23.19
H213 POV Y . -32.11 -5.18 -17.01
H23A POV Y . -40.48 -8.31 -23.37
H21C POV Y . -32.53 -6.64 -16.14
H33 POV Y . -39.13 -11.80 -16.58
H33A POV Y . -40.09 -13.27 -16.66
H24 POV Y . -38.80 -9.08 -21.11
H214 POV Y . -30.39 -7.63 -16.56
H24A POV Y . -38.24 -9.80 -22.60
H21D POV Y . -29.99 -6.42 -17.77
H34 POV Y . -37.90 -13.62 -17.69
H34A POV Y . -39.18 -13.81 -18.87
H25 POV Y . -38.06 -7.62 -23.66
H215 POV Y . -30.06 -4.69 -15.88
H25A POV Y . -38.82 -6.84 -22.30
H21E POV Y . -30.20 -6.03 -14.76
H35 POV Y . -37.28 -12.58 -19.82
H35A POV Y . -38.72 -11.59 -19.79
H26 POV Y . -36.90 -7.63 -20.85
H216 POV Y . -28.05 -6.95 -15.52
H26A POV Y . -36.12 -8.21 -22.31
H21F POV Y . -27.94 -5.71 -16.76
H36 POV Y . -37.93 -10.34 -17.89
H36A POV Y . -36.63 -11.47 -17.59
H27 POV Y . -36.74 -5.61 -23.01
H217 POV Y . -27.77 -3.96 -15.04
H27A POV Y . -36.39 -5.45 -21.30
H21G POV Y . -27.95 -5.16 -13.77
H37 POV Y . -35.62 -10.80 -19.79
H37A POV Y . -36.87 -9.60 -19.96
H28 POV Y . -34.43 -7.07 -22.85
H218 POV Y . -25.61 -4.54 -14.06
H28A POV Y . -34.51 -5.37 -23.28
H21H POV Y . -25.85 -6.24 -14.50
H21J POV Y . -25.68 -5.02 -15.78
N POV Z . -56.01 -13.43 -7.57
P POV Z . -51.85 -14.78 -6.32
C1 POV Z . -49.36 -15.47 -6.97
C2 POV Z . -48.58 -16.74 -7.29
C3 POV Z . -49.26 -17.63 -8.31
C210 POV Z . -38.26 -15.29 -9.19
C310 POV Z . -43.87 -17.04 -13.23
C11 POV Z . -54.21 -15.30 -7.33
O11 POV Z . -50.59 -15.83 -6.38
C211 POV Z . -37.35 -14.10 -9.19
C311 POV Z . -42.85 -18.12 -12.87
C12 POV Z . -54.56 -13.82 -7.42
O12 POV Z . -52.83 -15.55 -7.41
C212 POV Z . -36.34 -14.15 -10.34
C312 POV Z . -42.01 -18.56 -14.05
C13 POV Z . -56.58 -13.93 -8.85
O13 POV Z . -52.46 -14.92 -4.96
C213 POV Z . -35.31 -15.26 -10.20
C313 POV Z . -40.94 -17.56 -14.47
C14 POV Z . -56.07 -11.95 -7.55
O14 POV Z . -51.47 -13.44 -6.87
C214 POV Z . -33.90 -14.75 -9.95
C314 POV Z . -39.58 -17.85 -13.87
C15 POV Z . -56.85 -13.93 -6.44
C215 POV Z . -33.00 -14.83 -11.19
C315 POV Z . -38.50 -16.84 -14.23
C216 POV Z . -31.58 -14.37 -10.91
C316 POV Z . -38.27 -16.74 -15.74
C217 POV Z . -30.63 -14.59 -12.08
C218 POV Z . -31.06 -13.87 -13.35
C21 POV Z . -47.16 -18.05 -5.88
O21 POV Z . -48.37 -17.54 -6.12
C22 POV Z . -46.23 -17.00 -5.37
O22 POV Z . -46.88 -19.21 -6.03
C23 POV Z . -44.96 -17.52 -4.69
C24 POV Z . -44.06 -18.30 -5.64
C25 POV Z . -43.70 -17.54 -6.91
C26 POV Z . -42.28 -17.76 -7.40
C27 POV Z . -41.53 -16.46 -7.67
C28 POV Z . -40.25 -16.68 -8.47
C29 POV Z . -39.36 -15.47 -8.46
C31 POV Z . -50.79 -17.36 -10.10
O31 POV Z . -49.95 -16.80 -9.22
C32 POV Z . -51.28 -16.35 -11.10
O32 POV Z . -51.10 -18.53 -10.06
C33 POV Z . -50.31 -16.03 -12.22
C34 POV Z . -49.12 -15.21 -11.73
C35 POV Z . -47.89 -16.04 -11.38
C36 POV Z . -46.87 -15.25 -10.57
C37 POV Z . -45.75 -16.09 -9.96
C38 POV Z . -45.02 -16.96 -10.97
C39 POV Z . -44.30 -16.17 -12.07
H29 POV Z . -39.63 -14.67 -7.78
H1 POV Z . -48.80 -14.83 -6.29
H1A POV Z . -49.54 -14.90 -7.88
H2 POV Z . -47.63 -16.37 -7.70
H3 POV Z . -48.52 -18.24 -8.84
H3A POV Z . -49.94 -18.32 -7.82
H310 POV Z . -43.45 -16.41 -14.01
H31A POV Z . -44.75 -17.52 -13.66
H210 POV Z . -37.99 -16.08 -9.87
H11 POV Z . -54.59 -15.69 -6.39
H11A POV Z . -54.71 -15.83 -8.13
H211 POV Z . -37.94 -13.19 -9.26
H21A POV Z . -36.82 -14.05 -8.24
H311 POV Z . -42.19 -17.73 -12.09
H31B POV Z . -43.38 -18.97 -12.45
H12 POV Z . -54.02 -13.40 -8.28
H12A POV Z . -54.17 -13.33 -6.53
H22 POV Z . -45.93 -16.36 -6.20
H212 POV Z . -36.89 -14.28 -11.28
H22A POV Z . -46.76 -16.37 -4.66
H21B POV Z . -35.83 -13.19 -10.40
H32 POV Z . -52.20 -16.71 -11.53
H312 POV Z . -41.54 -19.50 -13.81
H32A POV Z . -51.51 -15.42 -10.56
H31C POV Z . -42.67 -18.75 -14.90
H13 POV Z . -57.63 -13.62 -8.92
H13A POV Z . -56.02 -13.49 -9.68
H13B POV Z . -56.51 -15.00 -8.89
H23 POV Z . -44.41 -16.68 -4.27
H213 POV Z . -35.61 -15.91 -9.38
H23A POV Z . -45.25 -18.17 -3.86
H21C POV Z . -35.32 -15.87 -11.11
H33 POV Z . -49.95 -16.96 -12.67
H313 POV Z . -40.86 -17.55 -15.56
H33A POV Z . -50.83 -15.48 -13.01
H31D POV Z . -41.26 -16.56 -14.17
H14 POV Z . -57.10 -11.63 -7.66
H14A POV Z . -55.67 -11.58 -6.62
H14B POV Z . -55.49 -11.56 -8.39
H24 POV Z . -43.14 -18.56 -5.11
H214 POV Z . -33.95 -13.72 -9.61
H24A POV Z . -44.54 -19.24 -5.91
H21D POV Z . -33.45 -15.34 -9.16
H34 POV Z . -48.85 -14.49 -12.50
H314 POV Z . -39.67 -17.90 -12.78
H34A POV Z . -49.42 -14.65 -10.85
H31E POV Z . -39.25 -18.84 -14.20
H15 POV Z . -57.89 -13.61 -6.61
H15A POV Z . -56.80 -15.01 -6.40
H15B POV Z . -56.48 -13.50 -5.51
H25 POV Z . -44.40 -17.83 -7.69
H215 POV Z . -32.98 -15.84 -11.57
H25A POV Z . -43.85 -16.47 -6.73
H21E POV Z . -33.43 -14.21 -11.98
H35 POV Z . -48.19 -16.92 -10.82
H315 POV Z . -38.79 -15.86 -13.85
H35A POV Z . -47.41 -16.40 -12.30
H31F POV Z . -37.57 -17.11 -13.74
H26 POV Z . -41.73 -18.33 -6.65
H216 POV Z . -31.59 -13.31 -10.65
H26A POV Z . -42.30 -18.36 -8.30
H21F POV Z . -31.20 -14.90 -10.04
H36 POV Z . -46.42 -14.48 -11.20
H316 POV Z . -37.49 -16.00 -15.92
H36A POV Z . -47.39 -14.73 -9.77
H31G POV Z . -37.95 -17.71 -16.11
H31H POV Z . -39.20 -16.44 -16.22
H27 POV Z . -42.19 -15.78 -8.21
H217 POV Z . -29.63 -14.24 -11.81
H27A POV Z . -41.30 -15.98 -6.72
H21G POV Z . -30.55 -15.65 -12.28
H37 POV Z . -45.04 -15.44 -9.46
H37A POV Z . -46.18 -16.73 -9.19
H28 POV Z . -39.72 -17.53 -8.06
H218 POV Z . -30.34 -14.08 -14.14
H28A POV Z . -40.51 -16.92 -9.50
H21H POV Z . -32.05 -14.25 -13.64
H21J POV Z . -31.11 -12.81 -13.16
H38 POV Z . -44.30 -17.58 -10.45
H38A POV Z . -45.74 -17.63 -11.45
H39 POV Z . -43.42 -15.69 -11.64
H39A POV Z . -44.95 -15.38 -12.43
C2 POV AA . -52.89 -22.91 11.27
C3 POV AA . -53.09 -22.44 12.69
C210 POV AA . -43.14 -27.13 6.44
C310 POV AA . -43.36 -19.05 12.53
C211 POV AA . -42.36 -26.80 5.21
C311 POV AA . -43.20 -20.51 12.13
C212 POV AA . -41.50 -25.56 5.41
C312 POV AA . -41.78 -20.87 11.73
C213 POV AA . -40.08 -25.73 4.92
C313 POV AA . -41.31 -20.18 10.46
C214 POV AA . -39.16 -26.36 5.97
C314 POV AA . -39.93 -20.66 9.98
C215 POV AA . -37.72 -26.53 5.47
C315 POV AA . -39.92 -22.09 9.47
C216 POV AA . -36.71 -26.66 6.59
C316 POV AA . -38.55 -22.52 8.96
C217 POV AA . -35.26 -26.66 6.11
C218 POV AA . -34.26 -26.86 7.23
C21 POV AA . -51.96 -24.84 10.23
O21 POV AA . -52.28 -24.19 11.35
C22 POV AA . -51.21 -26.11 10.54
O22 POV AA . -52.25 -24.46 9.13
C23 POV AA . -50.12 -26.44 9.54
C24 POV AA . -49.13 -25.27 9.41
C25 POV AA . -47.88 -25.64 8.61
C26 POV AA . -46.72 -26.07 9.50
C27 POV AA . -45.40 -26.12 8.76
C28 POV AA . -45.24 -27.35 7.85
C29 POV AA . -44.46 -27.02 6.62
C31 POV AA . -52.76 -20.45 13.93
O31 POV AA . -52.71 -21.06 12.76
C32 POV AA . -52.31 -19.02 13.80
O32 POV AA . -53.11 -20.99 14.95
C33 POV AA . -51.54 -18.48 14.99
C34 POV AA . -50.08 -18.94 14.95
C35 POV AA . -49.23 -18.17 13.95
C36 POV AA . -47.93 -18.90 13.59
C37 POV AA . -47.14 -18.24 12.48
C38 POV AA . -45.86 -18.96 12.13
C39 POV AA . -44.72 -18.71 13.11
H29 POV AA . -45.03 -26.65 5.77
H3 POV AA . -54.12 -22.55 12.99
H3A POV AA . -52.48 -23.03 13.37
H310 POV AA . -42.58 -18.80 13.26
H31A POV AA . -43.18 -18.43 11.65
H210 POV AA . -42.57 -27.50 7.29
H211 POV AA . -41.72 -27.64 4.95
H21A POV AA . -43.05 -26.65 4.38
H311 POV AA . -43.51 -21.15 12.97
H31B POV AA . -43.87 -20.73 11.30
H22 POV AA . -50.77 -26.03 11.53
H212 POV AA . -41.96 -24.72 4.88
H22A POV AA . -51.92 -26.94 10.57
H21B POV AA . -41.49 -25.30 6.46
H32 POV AA . -51.70 -18.92 12.91
H312 POV AA . -41.10 -20.60 12.55
H32A POV AA . -53.19 -18.40 13.65
H31C POV AA . -41.70 -21.95 11.60
H23 POV AA . -49.58 -27.33 9.86
H213 POV AA . -40.08 -26.36 4.02
H23A POV AA . -50.55 -26.66 8.57
H21C POV AA . -39.67 -24.76 4.63
H33 POV AA . -51.58 -17.39 15.00
H313 POV AA . -42.03 -20.36 9.66
H33A POV AA . -51.99 -18.82 15.92
H31D POV AA . -41.28 -19.11 10.61
H24 POV AA . -49.63 -24.44 8.92
H214 POV AA . -39.15 -25.74 6.85
H24A POV AA . -48.84 -24.94 10.40
H21D POV AA . -39.56 -27.33 6.25
H34 POV AA . -49.64 -18.84 15.94
H314 POV AA . -39.58 -20.00 9.19
H34A POV AA . -50.05 -20.00 14.70
H31E POV AA . -39.23 -20.56 10.81
H25 POV AA . -48.12 -26.44 7.91
H215 POV AA . -37.67 -27.42 4.84
H25A POV AA . -47.58 -24.77 8.03
H21E POV AA . -37.46 -25.69 4.85
H35 POV AA . -49.80 -17.99 13.05
H315 POV AA . -40.23 -22.76 10.28
H35A POV AA . -48.98 -17.20 14.37
H31F POV AA . -40.65 -22.20 8.68
H26 POV AA . -46.63 -25.39 10.34
H216 POV AA . -36.85 -25.85 7.30
H26A POV AA . -46.94 -27.07 9.91
H21F POV AA . -36.89 -27.58 7.14
H36 POV AA . -47.31 -18.99 14.48
H316 POV AA . -38.61 -23.55 8.62
H36A POV AA . -48.18 -19.92 13.29
H31G POV AA . -38.26 -21.86 8.14
H31H POV AA . -37.83 -22.44 9.77
H27 POV AA . -45.29 -25.22 8.14
H217 POV AA . -35.13 -27.46 5.37
H27A POV AA . -44.58 -26.11 9.48
H21G POV AA . -35.05 -25.72 5.60
H37 POV AA . -47.77 -18.16 11.59
H37A POV AA . -46.91 -17.22 12.78
H28 POV AA . -44.74 -28.15 8.41
H218 POV AA . -33.25 -26.84 6.81
H28A POV AA . -46.22 -27.72 7.58
H21H POV AA . -34.37 -26.05 7.94
H21J POV AA . -34.44 -27.82 7.71
H38 POV AA . -46.06 -20.04 12.09
H38A POV AA . -45.54 -18.67 11.14
H39 POV AA . -44.89 -19.30 14.02
H39A POV AA . -44.73 -17.66 13.41
#